data_4I2X
#
_entry.id   4I2X
#
_cell.length_a   140.361
_cell.length_b   174.191
_cell.length_c   81.734
_cell.angle_alpha   90.00
_cell.angle_beta   90.00
_cell.angle_gamma   90.00
#
_symmetry.space_group_name_H-M   'P 21 21 2'
#
loop_
_entity.id
_entity.type
_entity.pdbx_description
1 polymer 'FabOX117 light chain'
2 polymer 'FabOX117 heavy chain'
3 polymer 'Signal-regulatory protein gamma'
4 non-polymer 'ZINC ION'
5 non-polymer 'CHLORIDE ION'
6 non-polymer 2-acetamido-2-deoxy-beta-D-glucopyranose
7 water water
#
loop_
_entity_poly.entity_id
_entity_poly.type
_entity_poly.pdbx_seq_one_letter_code
_entity_poly.pdbx_strand_id
1 'polypeptide(L)'
;DIVITQSPKFMSTSVGDRVSITCKASQDVSTAVAWFQQKPGQSPKLLIYSASYRYTGVPDRFTGSGSGTDFTFTISSVQA
EDLAVYYCQQHYSTPWTFGGGTKLEIKRADAAPTVSIFPPSSEQLTSGGASVVCFLNNFYPKDINVKWKIDGSERQNGVL
NSWTDQDSKDSTYSMSSTLTLTKDEYERHNSYTCEATHKTSTSPIVKSFNRNEC
;
A,C
2 'polypeptide(L)'
;EVKLQQSGPELVKPGASVKISCKASGYSFTSYYIHWVKQRPGQGLEWIGWVFPGSGNTKYNEKFKGKATLTADTSSSTAY
MQLSSLTSEDSAVYFCARGNYDRAWFAYWGQGTLVTVSAAKTTPPSVYPLAPGSAAQTNSMVTLGCLVKGYFPEPVTVTW
NSGSLSSGVHTFPAVLQSDLYTLSSSVTVPSSTWPSETVTCNVAHPASSTKVDKKIVPRDCGKHHHHHH
;
B,D
3 'polypeptide(L)'
;EEELQMIQPEKLLLVTVGKTATLHCTVTSLLPVGPVLWFRGVGPGRELIYNQKEGHFPRVTTVSDLTKRNNMDFSIRISS
ITPADVGTYYCVKFRKGSPENVEFKSGPGTEMALGAKPSAPVVLGPAARTTPEHTVSFTCESHGFSPRDITLKWFKNGNE
LSDFQTNVDPTGQSVAYSIRSTARVVLDPWDVRSQVICEVAHVTLQGDPLRGTANLSEAIRVPPTLEVTQQPMRVGNQVN
VTCQVRKFYPQSLQLTWSENGNVCQRETASTLTENKDGTYNWTSWFLVNISDQRDDVVLTCQVKHDGQLAVSKRLALEVS
TRHHHHHH
;
E,F
#
# COMPACT_ATOMS: atom_id res chain seq x y z
N ASP A 1 -3.67 14.40 3.55
CA ASP A 1 -4.62 14.43 2.40
C ASP A 1 -4.14 13.45 1.35
N ILE A 2 -4.97 12.45 1.04
CA ILE A 2 -4.60 11.42 0.07
C ILE A 2 -4.75 11.95 -1.34
N VAL A 3 -3.74 11.74 -2.17
CA VAL A 3 -3.85 12.20 -3.56
C VAL A 3 -4.32 11.07 -4.45
N ILE A 4 -5.28 11.40 -5.31
CA ILE A 4 -5.75 10.44 -6.29
C ILE A 4 -5.40 10.95 -7.69
N THR A 5 -4.57 10.20 -8.38
CA THR A 5 -4.19 10.54 -9.75
C THR A 5 -4.87 9.60 -10.71
N GLN A 6 -5.51 10.20 -11.70
CA GLN A 6 -6.46 9.53 -12.56
C GLN A 6 -5.92 9.61 -13.99
N SER A 7 -6.01 8.50 -14.72
CA SER A 7 -5.54 8.42 -16.11
C SER A 7 -6.59 7.78 -17.01
N PRO A 8 -6.74 8.29 -18.25
CA PRO A 8 -6.07 9.47 -18.78
C PRO A 8 -6.88 10.71 -18.46
N LYS A 9 -6.32 11.88 -18.73
CA LYS A 9 -7.03 13.13 -18.52
C LYS A 9 -8.05 13.37 -19.62
N PHE A 10 -7.68 12.97 -20.84
CA PHE A 10 -8.58 13.05 -22.00
C PHE A 10 -8.64 11.72 -22.71
N MET A 11 -9.85 11.32 -23.08
CA MET A 11 -10.04 10.13 -23.90
C MET A 11 -11.14 10.36 -24.94
N SER A 12 -10.88 9.94 -26.17
CA SER A 12 -11.88 9.97 -27.23
C SER A 12 -12.11 8.55 -27.77
N THR A 13 -13.37 8.20 -27.97
CA THR A 13 -13.75 6.82 -28.31
C THR A 13 -15.01 6.72 -29.17
N SER A 14 -15.05 5.74 -30.07
CA SER A 14 -16.24 5.44 -30.88
C SER A 14 -17.39 4.90 -30.04
N VAL A 15 -18.61 5.01 -30.56
CA VAL A 15 -19.80 4.44 -29.92
C VAL A 15 -19.75 2.91 -29.97
N GLY A 16 -19.83 2.28 -28.80
CA GLY A 16 -19.81 0.83 -28.73
C GLY A 16 -18.44 0.24 -28.43
N ASP A 17 -17.42 1.08 -28.38
CA ASP A 17 -16.11 0.65 -27.90
C ASP A 17 -16.15 0.39 -26.40
N ARG A 18 -15.17 -0.39 -25.92
CA ARG A 18 -14.93 -0.58 -24.50
C ARG A 18 -13.86 0.40 -24.06
N VAL A 19 -14.07 1.07 -22.91
CA VAL A 19 -13.05 1.98 -22.37
C VAL A 19 -12.79 1.76 -20.88
N SER A 20 -11.57 2.09 -20.48
CA SER A 20 -11.13 1.92 -19.10
C SER A 20 -10.34 3.12 -18.55
N ILE A 21 -10.86 3.68 -17.46
CA ILE A 21 -10.17 4.73 -16.71
C ILE A 21 -9.52 4.08 -15.49
N THR A 22 -8.28 4.46 -15.22
CA THR A 22 -7.58 3.99 -14.02
C THR A 22 -7.42 5.12 -13.03
N CYS A 23 -7.26 4.74 -11.77
CA CYS A 23 -7.21 5.66 -10.65
C CYS A 23 -6.22 5.06 -9.65
N LYS A 24 -5.28 5.87 -9.17
CA LYS A 24 -4.24 5.40 -8.25
C LYS A 24 -4.17 6.25 -6.98
N ALA A 25 -4.25 5.60 -5.81
CA ALA A 25 -4.21 6.34 -4.56
C ALA A 25 -2.80 6.36 -3.99
N SER A 26 -2.51 7.36 -3.17
CA SER A 26 -1.19 7.50 -2.55
C SER A 26 -1.03 6.62 -1.30
N GLN A 27 -2.15 6.11 -0.81
CA GLN A 27 -2.20 5.17 0.31
C GLN A 27 -3.02 3.95 -0.10
N ASP A 28 -3.01 2.93 0.75
CA ASP A 28 -3.93 1.82 0.64
C ASP A 28 -5.28 2.28 1.16
N VAL A 29 -6.26 2.36 0.25
CA VAL A 29 -7.60 2.84 0.62
C VAL A 29 -8.65 1.72 0.61
N SER A 30 -8.18 0.47 0.74
CA SER A 30 -9.05 -0.68 0.76
C SER A 30 -9.85 -0.78 -0.55
N THR A 31 -11.19 -0.81 -0.43
CA THR A 31 -12.10 -0.70 -1.57
C THR A 31 -13.01 0.53 -1.42
N ALA A 32 -12.62 1.45 -0.55
CA ALA A 32 -13.45 2.62 -0.25
C ALA A 32 -13.28 3.71 -1.31
N VAL A 33 -13.69 3.38 -2.54
CA VAL A 33 -13.61 4.29 -3.67
C VAL A 33 -14.97 4.47 -4.34
N ALA A 34 -15.25 5.69 -4.81
CA ALA A 34 -16.46 5.97 -5.58
C ALA A 34 -16.12 6.45 -7.00
N TRP A 35 -17.02 6.21 -7.94
CA TRP A 35 -16.90 6.80 -9.27
C TRP A 35 -18.13 7.63 -9.61
N PHE A 36 -17.88 8.85 -10.07
CA PHE A 36 -18.92 9.81 -10.41
C PHE A 36 -18.88 10.16 -11.88
N GLN A 37 -20.04 10.56 -12.42
CA GLN A 37 -20.11 11.07 -13.79
C GLN A 37 -20.71 12.48 -13.75
N GLN A 38 -20.06 13.43 -14.41
CA GLN A 38 -20.60 14.78 -14.52
C GLN A 38 -20.73 15.22 -15.98
N LYS A 39 -21.96 15.28 -16.46
CA LYS A 39 -22.29 15.84 -17.77
C LYS A 39 -22.34 17.37 -17.67
N PRO A 40 -22.00 18.06 -18.77
CA PRO A 40 -21.96 19.52 -18.83
C PRO A 40 -23.23 20.19 -18.30
N GLY A 41 -23.07 21.09 -17.35
CA GLY A 41 -24.19 21.86 -16.81
C GLY A 41 -24.83 21.24 -15.60
N GLN A 42 -24.54 19.97 -15.38
CA GLN A 42 -25.18 19.18 -14.33
C GLN A 42 -24.32 19.00 -13.08
N SER A 43 -24.94 18.50 -12.01
CA SER A 43 -24.20 18.07 -10.85
C SER A 43 -23.62 16.66 -11.09
N PRO A 44 -22.58 16.27 -10.33
CA PRO A 44 -22.06 14.90 -10.41
C PRO A 44 -23.12 13.85 -10.05
N LYS A 45 -22.96 12.67 -10.66
CA LYS A 45 -23.83 11.54 -10.45
C LYS A 45 -22.99 10.38 -9.93
N LEU A 46 -23.41 9.81 -8.80
CA LEU A 46 -22.78 8.62 -8.25
C LEU A 46 -23.04 7.44 -9.17
N LEU A 47 -21.97 6.84 -9.69
CA LEU A 47 -22.10 5.62 -10.49
C LEU A 47 -21.75 4.35 -9.72
N ILE A 48 -20.56 4.35 -9.11
CA ILE A 48 -20.04 3.18 -8.43
C ILE A 48 -19.66 3.60 -7.03
N TYR A 49 -19.92 2.73 -6.05
CA TYR A 49 -19.41 2.95 -4.71
C TYR A 49 -18.80 1.67 -4.21
N SER A 50 -17.99 1.81 -3.15
CA SER A 50 -17.22 0.70 -2.58
C SER A 50 -16.50 -0.05 -3.72
N ALA A 51 -15.95 0.74 -4.64
CA ALA A 51 -15.08 0.28 -5.72
C ALA A 51 -15.73 -0.56 -6.84
N SER A 52 -16.80 -1.29 -6.54
CA SER A 52 -17.39 -2.19 -7.54
C SER A 52 -18.92 -2.25 -7.59
N TYR A 53 -19.59 -1.72 -6.57
CA TYR A 53 -21.05 -1.78 -6.50
C TYR A 53 -21.72 -0.67 -7.34
N ARG A 54 -22.68 -1.05 -8.17
CA ARG A 54 -23.47 -0.10 -8.95
C ARG A 54 -24.52 0.53 -8.09
N TYR A 55 -24.84 1.78 -8.38
CA TYR A 55 -25.78 2.51 -7.56
C TYR A 55 -27.16 2.38 -8.18
N THR A 56 -28.19 2.58 -7.36
CA THR A 56 -29.59 2.61 -7.78
C THR A 56 -29.73 3.04 -9.26
N GLY A 57 -30.21 2.09 -10.06
CA GLY A 57 -30.45 2.28 -11.48
C GLY A 57 -29.36 2.83 -12.37
N VAL A 58 -28.10 2.46 -12.15
CA VAL A 58 -27.09 2.80 -13.17
C VAL A 58 -26.94 1.62 -14.13
N PRO A 59 -26.88 1.91 -15.45
CA PRO A 59 -26.78 0.93 -16.53
C PRO A 59 -25.77 -0.21 -16.32
N ASP A 60 -25.99 -1.32 -17.01
CA ASP A 60 -25.13 -2.50 -16.95
C ASP A 60 -23.71 -2.23 -17.42
N ARG A 61 -23.57 -1.35 -18.42
CA ARG A 61 -22.29 -1.07 -19.06
C ARG A 61 -21.22 -0.41 -18.17
N PHE A 62 -21.61 0.00 -16.97
CA PHE A 62 -20.70 0.68 -16.05
C PHE A 62 -20.23 -0.26 -14.95
N THR A 63 -18.93 -0.54 -14.92
CA THR A 63 -18.37 -1.42 -13.92
C THR A 63 -17.21 -0.75 -13.21
N GLY A 64 -16.99 -1.15 -11.97
CA GLY A 64 -15.84 -0.70 -11.20
C GLY A 64 -15.11 -1.89 -10.63
N SER A 65 -13.81 -1.75 -10.42
CA SER A 65 -13.04 -2.80 -9.78
C SER A 65 -11.79 -2.26 -9.12
N GLY A 66 -11.05 -3.13 -8.44
CA GLY A 66 -9.79 -2.74 -7.86
C GLY A 66 -9.84 -2.76 -6.36
N SER A 67 -8.65 -2.83 -5.76
CA SER A 67 -8.50 -2.90 -4.32
C SER A 67 -7.09 -2.43 -3.94
N GLY A 68 -7.00 -1.63 -2.89
CA GLY A 68 -5.72 -1.21 -2.34
C GLY A 68 -5.32 0.18 -2.79
N THR A 69 -4.46 0.23 -3.81
CA THR A 69 -4.01 1.50 -4.41
C THR A 69 -4.40 1.66 -5.87
N ASP A 70 -4.93 0.61 -6.50
CA ASP A 70 -5.27 0.68 -7.92
C ASP A 70 -6.72 0.38 -8.21
N PHE A 71 -7.37 1.28 -8.95
CA PHE A 71 -8.78 1.08 -9.29
C PHE A 71 -9.07 1.28 -10.76
N THR A 72 -10.09 0.58 -11.25
CA THR A 72 -10.51 0.68 -12.64
C THR A 72 -12.01 0.90 -12.77
N PHE A 73 -12.36 1.88 -13.59
CA PHE A 73 -13.72 2.15 -14.00
C PHE A 73 -13.79 1.82 -15.48
N THR A 74 -14.85 1.12 -15.87
CA THR A 74 -14.96 0.61 -17.24
C THR A 74 -16.36 0.73 -17.83
N ILE A 75 -16.44 1.29 -19.04
CA ILE A 75 -17.66 1.25 -19.82
C ILE A 75 -17.49 0.20 -20.91
N SER A 76 -18.37 -0.80 -20.87
CA SER A 76 -18.27 -1.94 -21.77
C SER A 76 -18.63 -1.56 -23.19
N SER A 77 -19.65 -0.71 -23.34
CA SER A 77 -20.11 -0.25 -24.66
C SER A 77 -20.51 1.22 -24.60
N VAL A 78 -19.57 2.09 -24.97
CA VAL A 78 -19.76 3.54 -24.90
C VAL A 78 -20.98 3.99 -25.70
N GLN A 79 -21.85 4.76 -25.05
CA GLN A 79 -22.98 5.38 -25.74
C GLN A 79 -22.74 6.88 -25.87
N ALA A 80 -23.48 7.52 -26.79
CA ALA A 80 -23.29 8.94 -27.08
C ALA A 80 -23.63 9.85 -25.89
N GLU A 81 -24.60 9.44 -25.09
CA GLU A 81 -24.97 10.17 -23.87
C GLU A 81 -23.88 10.04 -22.79
N ASP A 82 -22.91 9.16 -23.05
CA ASP A 82 -21.88 8.86 -22.07
C ASP A 82 -20.73 9.85 -22.03
N LEU A 83 -20.79 10.90 -22.85
CA LEU A 83 -19.77 11.92 -22.79
C LEU A 83 -19.96 12.72 -21.52
N ALA A 84 -18.87 12.92 -20.79
CA ALA A 84 -18.88 13.64 -19.54
C ALA A 84 -17.47 13.70 -18.97
N VAL A 85 -17.37 14.23 -17.74
CA VAL A 85 -16.15 14.08 -16.98
C VAL A 85 -16.43 13.05 -15.91
N TYR A 86 -15.49 12.11 -15.74
CA TYR A 86 -15.61 11.07 -14.74
C TYR A 86 -14.54 11.21 -13.70
N TYR A 87 -14.94 11.15 -12.44
CA TYR A 87 -14.02 11.33 -11.33
C TYR A 87 -14.04 10.09 -10.46
N CYS A 88 -12.86 9.66 -10.01
CA CYS A 88 -12.81 8.76 -8.87
C CYS A 88 -12.67 9.59 -7.58
N GLN A 89 -12.99 8.97 -6.46
CA GLN A 89 -12.92 9.63 -5.14
C GLN A 89 -12.51 8.60 -4.11
N GLN A 90 -11.65 8.98 -3.17
CA GLN A 90 -11.40 8.14 -2.02
C GLN A 90 -12.43 8.50 -0.98
N HIS A 91 -13.08 7.48 -0.44
CA HIS A 91 -14.02 7.68 0.65
C HIS A 91 -13.54 6.80 1.80
N TYR A 92 -12.27 6.95 2.12
CA TYR A 92 -11.58 6.09 3.07
C TYR A 92 -11.18 6.84 4.34
N SER A 93 -10.74 8.09 4.16
CA SER A 93 -10.14 8.87 5.22
C SER A 93 -10.46 10.33 4.97
N THR A 94 -10.75 11.11 6.01
CA THR A 94 -10.92 12.55 5.81
C THR A 94 -9.55 13.22 5.73
N PRO A 95 -9.44 14.36 5.01
CA PRO A 95 -10.48 14.94 4.13
C PRO A 95 -10.61 14.08 2.87
N TRP A 96 -11.86 13.79 2.50
CA TRP A 96 -12.13 13.01 1.30
C TRP A 96 -11.62 13.74 0.08
N THR A 97 -11.13 13.01 -0.89
CA THR A 97 -10.47 13.69 -2.00
C THR A 97 -10.85 13.03 -3.30
N PHE A 98 -10.97 13.85 -4.35
CA PHE A 98 -11.34 13.40 -5.69
C PHE A 98 -10.13 13.37 -6.61
N GLY A 99 -10.19 12.52 -7.64
CA GLY A 99 -9.20 12.55 -8.70
C GLY A 99 -9.44 13.75 -9.60
N GLY A 100 -8.54 13.96 -10.56
CA GLY A 100 -8.59 15.13 -11.42
C GLY A 100 -9.53 15.07 -12.62
N GLY A 101 -10.18 13.93 -12.81
CA GLY A 101 -11.12 13.81 -13.92
C GLY A 101 -10.53 13.22 -15.19
N THR A 102 -11.40 12.52 -15.91
CA THR A 102 -11.13 12.05 -17.25
C THR A 102 -12.28 12.53 -18.09
N LYS A 103 -11.97 13.37 -19.09
CA LYS A 103 -12.96 13.88 -20.01
C LYS A 103 -13.13 12.85 -21.13
N LEU A 104 -14.37 12.41 -21.31
CA LEU A 104 -14.67 11.46 -22.36
C LEU A 104 -15.34 12.17 -23.50
N GLU A 105 -14.78 12.02 -24.69
CA GLU A 105 -15.36 12.52 -25.93
C GLU A 105 -15.61 11.38 -26.91
N ILE A 106 -16.53 11.61 -27.84
CA ILE A 106 -16.97 10.58 -28.79
C ILE A 106 -16.34 10.77 -30.17
N LYS A 107 -15.73 9.71 -30.68
CA LYS A 107 -15.35 9.65 -32.08
C LYS A 107 -16.59 9.36 -32.93
N ARG A 108 -16.78 10.14 -33.97
CA ARG A 108 -17.85 9.90 -34.94
C ARG A 108 -17.37 10.18 -36.36
N ALA A 109 -18.29 10.19 -37.32
CA ALA A 109 -17.96 10.49 -38.71
C ALA A 109 -17.96 12.00 -38.96
N ASP A 110 -17.13 12.43 -39.90
CA ASP A 110 -17.01 13.85 -40.24
C ASP A 110 -18.33 14.47 -40.66
N ALA A 111 -18.57 15.69 -40.18
CA ALA A 111 -19.77 16.44 -40.54
C ALA A 111 -19.40 17.89 -40.83
N ALA A 112 -19.86 18.39 -41.96
CA ALA A 112 -19.65 19.78 -42.35
C ALA A 112 -20.41 20.75 -41.42
N PRO A 113 -19.82 21.91 -41.12
CA PRO A 113 -20.54 22.91 -40.33
C PRO A 113 -21.56 23.67 -41.14
N THR A 114 -22.73 23.91 -40.55
CA THR A 114 -23.71 24.83 -41.12
C THR A 114 -23.34 26.23 -40.66
N VAL A 115 -23.09 27.12 -41.61
CA VAL A 115 -22.66 28.48 -41.30
C VAL A 115 -23.70 29.56 -41.62
N SER A 116 -23.90 30.46 -40.67
CA SER A 116 -24.87 31.55 -40.78
C SER A 116 -24.33 32.85 -40.21
N ILE A 117 -24.52 33.93 -40.95
CA ILE A 117 -24.05 35.25 -40.56
C ILE A 117 -25.22 36.19 -40.27
N PHE A 118 -25.04 37.08 -39.29
CA PHE A 118 -26.10 37.99 -38.86
C PHE A 118 -25.64 39.44 -38.73
N PRO A 119 -26.38 40.36 -39.35
CA PRO A 119 -26.16 41.79 -39.20
C PRO A 119 -26.57 42.28 -37.80
N PRO A 120 -26.05 43.44 -37.36
CA PRO A 120 -26.50 44.04 -36.11
C PRO A 120 -27.98 44.39 -36.21
N SER A 121 -28.71 44.24 -35.10
CA SER A 121 -30.10 44.65 -35.09
C SER A 121 -30.22 46.17 -34.97
N SER A 122 -31.34 46.69 -35.44
CA SER A 122 -31.68 48.10 -35.28
C SER A 122 -31.54 48.49 -33.81
N GLU A 123 -32.14 47.69 -32.94
CA GLU A 123 -32.11 47.88 -31.49
C GLU A 123 -30.69 48.14 -31.00
N GLN A 124 -29.75 47.27 -31.38
CA GLN A 124 -28.34 47.42 -30.98
C GLN A 124 -27.70 48.70 -31.53
N LEU A 125 -27.95 48.97 -32.81
CA LEU A 125 -27.37 50.13 -33.49
C LEU A 125 -27.75 51.47 -32.82
N THR A 126 -29.00 51.58 -32.36
CA THR A 126 -29.48 52.74 -31.61
C THR A 126 -28.72 52.97 -30.28
N SER A 127 -28.14 51.90 -29.73
CA SER A 127 -27.28 52.00 -28.55
C SER A 127 -25.98 52.72 -28.87
N GLY A 128 -25.41 52.43 -30.03
CA GLY A 128 -24.15 53.01 -30.47
C GLY A 128 -23.09 51.97 -30.79
N GLY A 129 -23.42 50.70 -30.54
CA GLY A 129 -22.55 49.58 -30.87
C GLY A 129 -23.12 48.76 -32.00
N ALA A 130 -22.30 47.85 -32.53
CA ALA A 130 -22.70 46.93 -33.61
C ALA A 130 -21.97 45.59 -33.54
N SER A 131 -22.75 44.53 -33.39
CA SER A 131 -22.18 43.18 -33.35
C SER A 131 -22.63 42.36 -34.54
N VAL A 132 -21.67 41.75 -35.23
CA VAL A 132 -21.95 40.83 -36.32
C VAL A 132 -21.65 39.41 -35.83
N VAL A 133 -22.66 38.55 -35.89
CA VAL A 133 -22.54 37.18 -35.37
C VAL A 133 -22.54 36.16 -36.51
N CYS A 134 -21.63 35.21 -36.38
CA CYS A 134 -21.52 34.10 -37.32
C CYS A 134 -21.58 32.79 -36.55
N PHE A 135 -22.57 31.96 -36.88
CA PHE A 135 -22.74 30.64 -36.25
C PHE A 135 -22.16 29.52 -37.12
N LEU A 136 -21.42 28.62 -36.50
CA LEU A 136 -20.87 27.46 -37.18
C LEU A 136 -21.33 26.20 -36.46
N ASN A 137 -22.38 25.59 -36.99
CA ASN A 137 -23.14 24.59 -36.24
C ASN A 137 -22.99 23.16 -36.69
N ASN A 138 -22.97 22.27 -35.69
CA ASN A 138 -23.03 20.82 -35.87
C ASN A 138 -21.96 20.26 -36.80
N PHE A 139 -20.70 20.45 -36.42
CA PHE A 139 -19.58 19.89 -37.17
C PHE A 139 -18.78 18.85 -36.39
N TYR A 140 -17.97 18.08 -37.13
CA TYR A 140 -17.00 17.14 -36.56
C TYR A 140 -15.89 16.90 -37.59
N PRO A 141 -14.62 16.87 -37.16
CA PRO A 141 -14.05 16.97 -35.80
C PRO A 141 -14.06 18.38 -35.22
N LYS A 142 -13.63 18.51 -33.97
CA LYS A 142 -13.58 19.77 -33.23
C LYS A 142 -12.76 20.91 -33.88
N ASP A 143 -11.73 20.57 -34.65
CA ASP A 143 -10.79 21.57 -35.17
C ASP A 143 -11.39 22.38 -36.32
N ILE A 144 -11.42 23.70 -36.15
CA ILE A 144 -12.07 24.63 -37.09
C ILE A 144 -11.52 26.06 -36.97
N ASN A 145 -11.50 26.79 -38.08
CA ASN A 145 -11.06 28.19 -38.11
C ASN A 145 -12.12 29.16 -38.61
N VAL A 146 -12.17 30.37 -38.01
CA VAL A 146 -13.06 31.45 -38.44
C VAL A 146 -12.23 32.66 -38.83
N LYS A 147 -12.34 33.08 -40.10
CA LYS A 147 -11.74 34.33 -40.58
C LYS A 147 -12.81 35.42 -40.71
N TRP A 148 -12.49 36.62 -40.22
CA TRP A 148 -13.38 37.77 -40.40
C TRP A 148 -12.81 38.77 -41.39
N LYS A 149 -13.53 38.97 -42.49
CA LYS A 149 -13.14 39.97 -43.49
C LYS A 149 -14.12 41.16 -43.52
N ILE A 150 -13.57 42.36 -43.60
CA ILE A 150 -14.38 43.56 -43.84
C ILE A 150 -13.96 44.15 -45.17
N ASP A 151 -14.92 44.26 -46.09
CA ASP A 151 -14.69 44.76 -47.45
C ASP A 151 -13.66 43.93 -48.24
N GLY A 152 -13.45 42.68 -47.79
CA GLY A 152 -12.51 41.78 -48.46
C GLY A 152 -11.19 41.62 -47.72
N SER A 153 -10.88 42.56 -46.83
CA SER A 153 -9.65 42.52 -46.03
C SER A 153 -9.91 41.95 -44.63
N GLU A 154 -8.83 41.49 -43.99
CA GLU A 154 -8.92 40.80 -42.70
C GLU A 154 -9.15 41.73 -41.49
N ARG A 155 -9.60 41.15 -40.39
CA ARG A 155 -9.87 41.89 -39.16
C ARG A 155 -9.76 40.94 -37.97
N GLN A 156 -9.00 41.36 -36.96
CA GLN A 156 -8.77 40.55 -35.77
C GLN A 156 -9.31 41.21 -34.51
N ASN A 157 -9.16 42.53 -34.43
CA ASN A 157 -9.61 43.28 -33.25
C ASN A 157 -11.12 43.18 -33.08
N GLY A 158 -11.55 42.90 -31.86
CA GLY A 158 -12.98 42.88 -31.50
C GLY A 158 -13.72 41.61 -31.91
N VAL A 159 -13.00 40.52 -32.10
CA VAL A 159 -13.58 39.22 -32.43
C VAL A 159 -13.51 38.32 -31.22
N LEU A 160 -14.66 37.72 -30.87
CA LEU A 160 -14.76 36.81 -29.72
C LEU A 160 -15.37 35.48 -30.12
N ASN A 161 -14.76 34.39 -29.68
CA ASN A 161 -15.28 33.06 -29.96
C ASN A 161 -15.70 32.27 -28.72
N SER A 162 -16.76 31.50 -28.88
CA SER A 162 -17.31 30.64 -27.84
C SER A 162 -17.63 29.29 -28.48
N TRP A 163 -17.31 28.21 -27.77
CA TRP A 163 -17.53 26.87 -28.28
C TRP A 163 -18.45 26.12 -27.35
N THR A 164 -19.19 25.17 -27.90
CA THR A 164 -20.09 24.33 -27.10
C THR A 164 -19.40 23.05 -26.69
N ASP A 165 -19.88 22.45 -25.61
CA ASP A 165 -19.53 21.08 -25.27
C ASP A 165 -20.06 20.20 -26.40
N GLN A 166 -19.35 19.11 -26.67
CA GLN A 166 -19.79 18.16 -27.70
C GLN A 166 -21.25 17.78 -27.50
N ASP A 167 -21.98 17.56 -28.58
CA ASP A 167 -23.39 17.21 -28.49
C ASP A 167 -23.62 15.78 -28.01
N SER A 168 -24.52 15.61 -27.05
CA SER A 168 -24.78 14.29 -26.47
C SER A 168 -25.69 13.41 -27.33
N LYS A 169 -26.30 14.00 -28.37
CA LYS A 169 -27.15 13.24 -29.28
C LYS A 169 -26.43 12.87 -30.58
N ASP A 170 -25.91 13.86 -31.27
CA ASP A 170 -25.32 13.65 -32.58
C ASP A 170 -23.78 13.68 -32.57
N SER A 171 -23.19 13.95 -31.40
CA SER A 171 -21.73 13.96 -31.21
C SER A 171 -20.93 15.08 -31.92
N THR A 172 -21.63 16.15 -32.28
CA THR A 172 -21.01 17.28 -33.01
C THR A 172 -20.72 18.49 -32.11
N TYR A 173 -19.88 19.39 -32.62
CA TYR A 173 -19.60 20.66 -31.95
C TYR A 173 -20.24 21.83 -32.70
N SER A 174 -20.45 22.92 -31.98
CA SER A 174 -20.81 24.20 -32.60
C SER A 174 -19.92 25.34 -32.12
N MET A 175 -19.79 26.37 -32.95
CA MET A 175 -19.04 27.55 -32.56
C MET A 175 -19.84 28.83 -32.81
N SER A 176 -19.53 29.85 -32.03
CA SER A 176 -20.09 31.18 -32.23
C SER A 176 -18.95 32.18 -32.35
N SER A 177 -19.10 33.12 -33.26
CA SER A 177 -18.07 34.12 -33.48
C SER A 177 -18.73 35.48 -33.65
N THR A 178 -18.30 36.42 -32.82
CA THR A 178 -18.93 37.73 -32.75
C THR A 178 -17.89 38.83 -32.96
N LEU A 179 -18.04 39.55 -34.07
CA LEU A 179 -17.20 40.71 -34.35
C LEU A 179 -17.93 41.97 -33.92
N THR A 180 -17.34 42.72 -33.00
CA THR A 180 -17.99 43.91 -32.45
C THR A 180 -17.14 45.17 -32.57
N LEU A 181 -17.75 46.20 -33.16
CA LEU A 181 -17.13 47.52 -33.28
C LEU A 181 -18.18 48.60 -33.04
N THR A 182 -17.78 49.87 -33.17
CA THR A 182 -18.68 51.00 -32.94
C THR A 182 -19.70 51.13 -34.07
N LYS A 183 -20.71 51.97 -33.86
CA LYS A 183 -21.68 52.28 -34.90
C LYS A 183 -20.96 52.86 -36.12
N ASP A 184 -20.15 53.89 -35.88
CA ASP A 184 -19.45 54.61 -36.95
C ASP A 184 -18.54 53.72 -37.77
N GLU A 185 -17.81 52.83 -37.09
CA GLU A 185 -16.93 51.86 -37.76
C GLU A 185 -17.74 50.96 -38.68
N TYR A 186 -18.93 50.55 -38.22
CA TYR A 186 -19.82 49.73 -39.02
C TYR A 186 -20.34 50.50 -40.24
N GLU A 187 -20.76 51.75 -40.03
CA GLU A 187 -21.20 52.61 -41.13
C GLU A 187 -20.11 52.78 -42.20
N ARG A 188 -18.86 52.89 -41.76
CA ARG A 188 -17.73 53.18 -42.67
C ARG A 188 -17.41 52.08 -43.70
N HIS A 189 -18.06 50.93 -43.59
CA HIS A 189 -17.76 49.82 -44.50
C HIS A 189 -19.01 49.12 -44.99
N ASN A 190 -18.86 48.29 -46.03
CA ASN A 190 -20.02 47.72 -46.72
C ASN A 190 -20.26 46.22 -46.60
N SER A 191 -19.27 45.41 -46.96
CA SER A 191 -19.42 43.94 -46.88
C SER A 191 -18.67 43.36 -45.69
N TYR A 192 -19.36 42.47 -44.97
CA TYR A 192 -18.78 41.71 -43.87
C TYR A 192 -18.87 40.21 -44.14
N THR A 193 -17.84 39.47 -43.74
CA THR A 193 -17.67 38.06 -44.06
C THR A 193 -17.05 37.27 -42.91
N CYS A 194 -17.66 36.15 -42.55
CA CYS A 194 -16.95 35.15 -41.76
C CYS A 194 -16.60 33.97 -42.67
N GLU A 195 -15.34 33.53 -42.63
CA GLU A 195 -14.86 32.38 -43.41
C GLU A 195 -14.62 31.16 -42.52
N ALA A 196 -15.09 30.00 -42.96
CA ALA A 196 -14.94 28.77 -42.19
C ALA A 196 -13.90 27.83 -42.80
N THR A 197 -12.98 27.34 -41.96
CA THR A 197 -12.01 26.34 -42.37
C THR A 197 -12.22 25.02 -41.62
N HIS A 198 -12.56 23.96 -42.35
CA HIS A 198 -12.81 22.66 -41.76
C HIS A 198 -12.29 21.50 -42.60
N LYS A 199 -11.85 20.44 -41.92
CA LYS A 199 -11.42 19.19 -42.54
C LYS A 199 -12.30 18.71 -43.71
N THR A 200 -13.59 19.06 -43.67
CA THR A 200 -14.58 18.49 -44.58
C THR A 200 -14.53 19.07 -46.01
N SER A 201 -14.24 20.36 -46.11
CA SER A 201 -14.18 21.03 -47.41
C SER A 201 -12.81 21.63 -47.66
N THR A 202 -12.19 21.28 -48.81
CA THR A 202 -10.89 21.84 -49.21
C THR A 202 -10.98 23.35 -49.49
N SER A 203 -12.21 23.82 -49.64
CA SER A 203 -12.50 25.24 -49.82
C SER A 203 -13.13 25.80 -48.54
N PRO A 204 -12.82 27.06 -48.20
CA PRO A 204 -13.49 27.71 -47.06
C PRO A 204 -14.98 27.96 -47.31
N ILE A 205 -15.81 27.71 -46.31
CA ILE A 205 -17.21 28.13 -46.34
C ILE A 205 -17.28 29.62 -46.05
N VAL A 206 -17.94 30.36 -46.95
CA VAL A 206 -18.01 31.82 -46.89
C VAL A 206 -19.47 32.31 -46.77
N LYS A 207 -19.77 32.97 -45.65
CA LYS A 207 -21.02 33.71 -45.53
C LYS A 207 -20.74 35.22 -45.41
N SER A 208 -21.36 35.99 -46.29
CA SER A 208 -21.19 37.43 -46.37
C SER A 208 -22.53 38.12 -46.39
N PHE A 209 -22.56 39.37 -45.97
CA PHE A 209 -23.70 40.25 -46.20
C PHE A 209 -23.21 41.68 -46.45
N ASN A 210 -23.91 42.38 -47.34
CA ASN A 210 -23.65 43.81 -47.60
C ASN A 210 -24.62 44.70 -46.83
N ARG A 211 -24.07 45.73 -46.20
CA ARG A 211 -24.81 46.56 -45.26
C ARG A 211 -26.08 47.18 -45.87
N ASN A 212 -26.16 47.14 -47.19
CA ASN A 212 -27.36 47.51 -47.91
C ASN A 212 -27.95 46.30 -48.65
N GLU A 213 -28.83 45.57 -47.97
CA GLU A 213 -29.49 44.41 -48.57
C GLU A 213 -30.73 44.00 -47.78
N CYS A 214 -31.44 42.99 -48.28
CA CYS A 214 -32.56 42.38 -47.56
C CYS A 214 -32.50 40.86 -47.61
N GLU B 1 -39.85 11.29 -3.71
CA GLU B 1 -38.42 11.01 -4.07
C GLU B 1 -37.47 11.93 -3.31
N VAL B 2 -36.19 11.59 -3.33
CA VAL B 2 -35.22 12.36 -2.59
C VAL B 2 -34.75 13.56 -3.40
N LYS B 3 -35.07 14.76 -2.92
CA LYS B 3 -34.75 15.99 -3.62
C LYS B 3 -33.98 16.97 -2.72
N LEU B 4 -32.91 17.54 -3.28
CA LEU B 4 -32.17 18.65 -2.67
C LEU B 4 -32.17 19.88 -3.57
N GLN B 5 -32.85 20.93 -3.14
CA GLN B 5 -32.96 22.15 -3.92
C GLN B 5 -32.24 23.29 -3.21
N GLN B 6 -31.17 23.78 -3.85
CA GLN B 6 -30.35 24.84 -3.30
C GLN B 6 -30.84 26.18 -3.81
N SER B 7 -30.44 27.24 -3.10
CA SER B 7 -30.88 28.59 -3.37
C SER B 7 -30.18 29.13 -4.62
N GLY B 8 -30.64 30.29 -5.11
CA GLY B 8 -30.16 30.88 -6.34
C GLY B 8 -28.72 31.38 -6.31
N PRO B 9 -28.17 31.72 -7.48
CA PRO B 9 -26.84 32.31 -7.68
C PRO B 9 -26.60 33.54 -6.82
N GLU B 10 -25.35 33.75 -6.42
CA GLU B 10 -24.99 34.84 -5.53
C GLU B 10 -23.90 35.70 -6.13
N LEU B 11 -23.97 36.99 -5.84
CA LEU B 11 -22.90 37.92 -6.15
C LEU B 11 -22.49 38.58 -4.86
N VAL B 12 -21.27 38.35 -4.45
CA VAL B 12 -20.82 38.93 -3.21
C VAL B 12 -19.54 39.73 -3.33
N LYS B 13 -19.57 40.87 -2.68
CA LYS B 13 -18.43 41.77 -2.57
C LYS B 13 -17.23 41.04 -1.92
N PRO B 14 -16.03 41.23 -2.46
CA PRO B 14 -14.82 40.75 -1.76
C PRO B 14 -14.81 41.19 -0.30
N GLY B 15 -14.45 40.28 0.61
CA GLY B 15 -14.43 40.57 2.05
C GLY B 15 -15.75 40.34 2.79
N ALA B 16 -16.85 40.26 2.05
CA ALA B 16 -18.16 40.02 2.64
C ALA B 16 -18.42 38.52 2.82
N SER B 17 -19.58 38.22 3.39
CA SER B 17 -19.99 36.85 3.67
C SER B 17 -21.28 36.48 2.94
N VAL B 18 -21.56 35.20 2.81
CA VAL B 18 -22.81 34.73 2.21
C VAL B 18 -23.25 33.40 2.82
N LYS B 19 -24.56 33.13 2.73
CA LYS B 19 -25.15 31.90 3.24
C LYS B 19 -26.04 31.21 2.18
N ILE B 20 -25.48 30.20 1.52
CA ILE B 20 -26.20 29.31 0.60
C ILE B 20 -27.11 28.41 1.42
N SER B 21 -28.24 27.99 0.84
CA SER B 21 -29.12 27.05 1.53
C SER B 21 -29.45 25.86 0.63
N CYS B 22 -29.87 24.77 1.27
CA CYS B 22 -30.12 23.49 0.60
C CYS B 22 -31.33 22.85 1.29
N LYS B 23 -32.48 22.96 0.63
CA LYS B 23 -33.73 22.49 1.17
C LYS B 23 -33.96 21.04 0.74
N ALA B 24 -34.19 20.17 1.72
CA ALA B 24 -34.32 18.73 1.51
C ALA B 24 -35.79 18.31 1.51
N SER B 25 -36.11 17.25 0.77
CA SER B 25 -37.48 16.73 0.75
C SER B 25 -37.59 15.28 0.28
N GLY B 26 -38.62 14.59 0.78
CA GLY B 26 -38.93 13.22 0.40
C GLY B 26 -38.14 12.19 1.17
N TYR B 27 -37.61 12.59 2.33
CA TYR B 27 -36.98 11.68 3.26
C TYR B 27 -36.90 12.33 4.61
N SER B 28 -36.74 11.53 5.65
CA SER B 28 -36.54 12.04 7.00
C SER B 28 -35.20 12.81 7.16
N PHE B 29 -35.29 14.15 7.20
CA PHE B 29 -34.12 15.04 7.20
C PHE B 29 -33.12 14.88 8.36
N THR B 30 -33.60 14.51 9.54
CA THR B 30 -32.72 14.43 10.72
C THR B 30 -31.79 13.24 10.61
N SER B 31 -32.05 12.36 9.64
CA SER B 31 -31.47 11.02 9.63
C SER B 31 -30.18 10.81 8.81
N TYR B 32 -29.86 11.72 7.90
CA TYR B 32 -28.71 11.50 7.02
C TYR B 32 -27.69 12.64 7.00
N TYR B 33 -26.43 12.26 6.86
CA TYR B 33 -25.39 13.23 6.70
C TYR B 33 -25.63 14.07 5.44
N ILE B 34 -25.37 15.37 5.55
CA ILE B 34 -25.32 16.28 4.40
C ILE B 34 -23.87 16.75 4.20
N HIS B 35 -23.38 16.63 2.99
CA HIS B 35 -22.04 17.08 2.65
C HIS B 35 -22.11 18.28 1.72
N TRP B 36 -21.12 19.15 1.79
CA TRP B 36 -20.98 20.19 0.80
C TRP B 36 -19.71 19.98 -0.01
N VAL B 37 -19.79 20.30 -1.30
CA VAL B 37 -18.70 20.10 -2.25
C VAL B 37 -18.48 21.37 -3.04
N LYS B 38 -17.22 21.69 -3.32
CA LYS B 38 -16.87 22.87 -4.09
C LYS B 38 -16.36 22.54 -5.48
N GLN B 39 -16.81 23.30 -6.47
CA GLN B 39 -16.22 23.22 -7.82
C GLN B 39 -15.86 24.58 -8.43
N ARG B 40 -14.56 24.86 -8.54
CA ARG B 40 -14.07 26.07 -9.21
C ARG B 40 -14.21 25.83 -10.70
N PRO B 41 -14.87 26.76 -11.43
CA PRO B 41 -15.21 26.62 -12.86
C PRO B 41 -14.11 25.96 -13.70
N GLY B 42 -14.49 24.91 -14.44
CA GLY B 42 -13.54 24.12 -15.23
C GLY B 42 -12.42 23.44 -14.44
N GLN B 43 -12.61 23.34 -13.13
CA GLN B 43 -11.67 22.65 -12.27
C GLN B 43 -12.32 21.44 -11.59
N GLY B 44 -11.60 20.82 -10.65
CA GLY B 44 -12.07 19.60 -9.99
C GLY B 44 -13.10 19.80 -8.90
N LEU B 45 -13.25 18.78 -8.06
CA LEU B 45 -14.17 18.77 -6.93
C LEU B 45 -13.42 18.69 -5.61
N GLU B 46 -14.02 19.26 -4.58
CA GLU B 46 -13.36 19.31 -3.29
C GLU B 46 -14.41 19.18 -2.22
N TRP B 47 -14.17 18.26 -1.29
CA TRP B 47 -15.08 18.06 -0.19
C TRP B 47 -14.81 19.15 0.83
N ILE B 48 -15.86 19.89 1.18
CA ILE B 48 -15.75 20.96 2.15
C ILE B 48 -15.93 20.43 3.58
N GLY B 49 -16.92 19.57 3.78
CA GLY B 49 -17.27 19.13 5.12
C GLY B 49 -18.66 18.55 5.19
N TRP B 50 -19.06 18.09 6.36
CA TRP B 50 -20.40 17.54 6.56
C TRP B 50 -21.09 18.15 7.76
N VAL B 51 -22.42 18.05 7.77
CA VAL B 51 -23.19 18.27 8.98
C VAL B 51 -24.18 17.11 9.17
N PHE B 52 -24.25 16.59 10.37
CA PHE B 52 -25.33 15.69 10.68
C PHE B 52 -26.43 16.52 11.33
N PRO B 53 -27.57 16.68 10.65
CA PRO B 53 -28.65 17.48 11.24
C PRO B 53 -29.20 16.70 12.41
N GLY B 54 -29.85 17.36 13.36
CA GLY B 54 -30.39 16.62 14.49
C GLY B 54 -29.41 16.69 15.64
N SER B 55 -28.15 16.34 15.37
CA SER B 55 -27.09 16.63 16.34
C SER B 55 -26.46 17.99 16.07
N GLY B 56 -26.46 18.41 14.80
CA GLY B 56 -25.71 19.59 14.39
C GLY B 56 -24.21 19.38 14.39
N ASN B 57 -23.79 18.13 14.60
CA ASN B 57 -22.39 17.76 14.53
C ASN B 57 -21.86 18.08 13.13
N THR B 58 -20.73 18.80 13.06
CA THR B 58 -20.05 19.05 11.78
C THR B 58 -18.62 18.54 11.79
N LYS B 59 -18.06 18.30 10.61
CA LYS B 59 -16.63 18.02 10.47
C LYS B 59 -16.15 18.58 9.15
N TYR B 60 -15.01 19.28 9.19
CA TYR B 60 -14.53 20.10 8.06
C TYR B 60 -13.29 19.58 7.34
N ASN B 61 -13.14 19.97 6.08
CA ASN B 61 -11.87 19.88 5.40
C ASN B 61 -11.09 21.06 5.93
N GLU B 62 -9.95 20.81 6.55
CA GLU B 62 -9.21 21.88 7.20
C GLU B 62 -8.86 23.05 6.27
N LYS B 63 -8.82 22.79 4.96
CA LYS B 63 -8.62 23.83 3.96
C LYS B 63 -9.71 24.91 4.06
N PHE B 64 -10.86 24.54 4.60
CA PHE B 64 -11.97 25.49 4.73
C PHE B 64 -12.22 25.90 6.16
N LYS B 65 -11.16 25.85 6.97
CA LYS B 65 -11.21 26.04 8.42
C LYS B 65 -12.09 27.21 8.85
N GLY B 66 -11.61 28.43 8.65
CA GLY B 66 -12.40 29.61 9.02
C GLY B 66 -13.13 30.21 7.84
N LYS B 67 -13.29 29.41 6.79
CA LYS B 67 -13.93 29.85 5.56
C LYS B 67 -15.41 29.46 5.59
N ALA B 68 -15.68 28.18 5.81
CA ALA B 68 -17.04 27.67 5.79
C ALA B 68 -17.55 27.31 7.17
N THR B 69 -18.85 27.53 7.37
CA THR B 69 -19.57 27.07 8.56
C THR B 69 -20.85 26.36 8.15
N LEU B 70 -20.97 25.08 8.57
CA LEU B 70 -22.15 24.28 8.26
C LEU B 70 -23.14 24.20 9.42
N THR B 71 -24.43 24.29 9.09
CA THR B 71 -25.53 24.26 10.05
C THR B 71 -26.76 23.64 9.41
N ALA B 72 -27.74 23.31 10.23
CA ALA B 72 -28.97 22.72 9.73
C ALA B 72 -30.11 23.20 10.59
N ASP B 73 -31.25 23.42 9.95
CA ASP B 73 -32.50 23.66 10.64
C ASP B 73 -33.40 22.48 10.35
N THR B 74 -33.46 21.53 11.28
CA THR B 74 -34.24 20.30 11.15
C THR B 74 -35.73 20.54 10.92
N SER B 75 -36.30 21.50 11.65
CA SER B 75 -37.72 21.85 11.47
C SER B 75 -38.03 22.30 10.04
N SER B 76 -37.09 23.00 9.42
CA SER B 76 -37.30 23.50 8.06
C SER B 76 -36.67 22.60 7.02
N SER B 77 -36.26 21.39 7.43
CA SER B 77 -35.54 20.47 6.52
C SER B 77 -34.56 21.18 5.58
N THR B 78 -33.80 22.11 6.15
CA THR B 78 -32.87 22.91 5.36
C THR B 78 -31.47 22.91 5.96
N ALA B 79 -30.48 22.85 5.08
CA ALA B 79 -29.08 22.86 5.44
C ALA B 79 -28.37 24.08 4.84
N TYR B 80 -27.53 24.71 5.64
CA TYR B 80 -26.86 25.95 5.29
C TYR B 80 -25.37 25.78 5.28
N MET B 81 -24.71 26.56 4.41
CA MET B 81 -23.28 26.78 4.43
C MET B 81 -23.00 28.28 4.39
N GLN B 82 -22.32 28.80 5.41
CA GLN B 82 -21.87 30.18 5.37
C GLN B 82 -20.40 30.28 4.96
N LEU B 83 -20.13 31.21 4.05
CA LEU B 83 -18.76 31.45 3.58
C LEU B 83 -18.33 32.87 3.93
N SER B 84 -17.26 32.98 4.72
CA SER B 84 -16.80 34.27 5.26
C SER B 84 -15.64 34.88 4.51
N SER B 85 -15.57 36.22 4.54
CA SER B 85 -14.44 36.98 4.00
C SER B 85 -14.02 36.48 2.62
N LEU B 86 -14.95 36.56 1.68
CA LEU B 86 -14.76 35.97 0.36
C LEU B 86 -13.67 36.66 -0.48
N THR B 87 -12.79 35.83 -1.04
CA THR B 87 -11.82 36.27 -2.05
C THR B 87 -12.26 35.69 -3.40
N SER B 88 -11.55 36.05 -4.47
CA SER B 88 -11.82 35.49 -5.80
C SER B 88 -11.57 33.97 -5.87
N GLU B 89 -10.94 33.44 -4.82
CA GLU B 89 -10.63 32.01 -4.71
C GLU B 89 -11.88 31.24 -4.36
N ASP B 90 -12.90 31.97 -3.88
CA ASP B 90 -14.15 31.37 -3.48
C ASP B 90 -15.16 31.28 -4.63
N SER B 91 -14.97 32.06 -5.69
CA SER B 91 -15.83 31.95 -6.87
C SER B 91 -15.89 30.51 -7.39
N ALA B 92 -17.07 29.91 -7.27
CA ALA B 92 -17.27 28.51 -7.62
C ALA B 92 -18.75 28.12 -7.52
N VAL B 93 -19.06 26.96 -8.09
CA VAL B 93 -20.32 26.31 -7.80
C VAL B 93 -20.13 25.50 -6.51
N TYR B 94 -21.10 25.61 -5.61
CA TYR B 94 -21.14 24.79 -4.43
C TYR B 94 -22.34 23.86 -4.50
N PHE B 95 -22.10 22.58 -4.21
CA PHE B 95 -23.14 21.56 -4.18
C PHE B 95 -23.40 21.10 -2.73
N CYS B 96 -24.63 20.69 -2.44
CA CYS B 96 -24.90 19.91 -1.23
C CYS B 96 -25.25 18.52 -1.72
N ALA B 97 -24.78 17.51 -1.00
CA ALA B 97 -25.13 16.12 -1.27
C ALA B 97 -25.52 15.40 0.00
N ARG B 98 -26.41 14.42 -0.12
CA ARG B 98 -26.88 13.68 1.03
C ARG B 98 -26.26 12.31 0.98
N GLY B 99 -25.82 11.83 2.14
CA GLY B 99 -25.13 10.55 2.21
C GLY B 99 -26.06 9.37 2.04
N ASN B 100 -25.49 8.24 1.62
CA ASN B 100 -26.22 6.99 1.52
C ASN B 100 -25.36 5.79 1.83
N TYR B 101 -26.01 4.72 2.29
CA TYR B 101 -25.34 3.50 2.75
C TYR B 101 -24.50 3.78 3.97
N ASP B 102 -23.71 2.81 4.41
CA ASP B 102 -23.17 2.85 5.75
C ASP B 102 -21.97 3.76 5.93
N ARG B 103 -21.52 4.36 4.83
CA ARG B 103 -20.42 5.33 4.85
C ARG B 103 -20.83 6.75 4.45
N ALA B 104 -22.14 6.97 4.28
CA ALA B 104 -22.68 8.26 3.84
C ALA B 104 -22.00 8.76 2.56
N TRP B 105 -21.94 7.91 1.53
CA TRP B 105 -21.38 8.26 0.21
C TRP B 105 -22.18 9.36 -0.47
N PHE B 106 -21.52 10.13 -1.34
CA PHE B 106 -22.16 11.28 -2.00
C PHE B 106 -23.15 10.84 -3.09
N ALA B 107 -24.40 10.58 -2.68
CA ALA B 107 -25.33 9.84 -3.54
C ALA B 107 -26.47 10.66 -4.11
N TYR B 108 -27.00 11.58 -3.31
CA TYR B 108 -28.03 12.52 -3.77
C TYR B 108 -27.48 13.94 -3.73
N TRP B 109 -27.54 14.62 -4.88
CA TRP B 109 -26.92 15.94 -5.06
C TRP B 109 -27.94 17.03 -5.36
N GLY B 110 -27.68 18.23 -4.84
CA GLY B 110 -28.41 19.43 -5.24
C GLY B 110 -28.02 19.86 -6.65
N GLN B 111 -28.65 20.92 -7.13
CA GLN B 111 -28.39 21.43 -8.48
C GLN B 111 -27.14 22.32 -8.55
N GLY B 112 -26.62 22.68 -7.39
CA GLY B 112 -25.48 23.59 -7.31
C GLY B 112 -25.90 25.04 -7.17
N THR B 113 -25.02 25.84 -6.57
CA THR B 113 -25.21 27.27 -6.44
C THR B 113 -23.95 27.97 -6.87
N LEU B 114 -24.06 28.79 -7.91
CA LEU B 114 -22.94 29.62 -8.37
C LEU B 114 -22.74 30.83 -7.47
N VAL B 115 -21.55 30.95 -6.90
CA VAL B 115 -21.17 32.14 -6.15
C VAL B 115 -20.07 32.88 -6.90
N THR B 116 -20.36 34.12 -7.30
CA THR B 116 -19.39 34.99 -7.93
C THR B 116 -18.95 36.09 -6.94
N VAL B 117 -17.65 36.13 -6.68
CA VAL B 117 -17.06 37.11 -5.78
C VAL B 117 -16.45 38.18 -6.64
N SER B 118 -17.12 39.33 -6.69
CA SER B 118 -16.65 40.47 -7.46
C SER B 118 -17.22 41.77 -6.90
N ALA B 119 -16.59 42.88 -7.29
CA ALA B 119 -17.00 44.20 -6.87
C ALA B 119 -17.89 44.88 -7.92
N ALA B 120 -17.94 44.30 -9.12
CA ALA B 120 -18.76 44.82 -10.22
C ALA B 120 -20.25 44.83 -9.88
N LYS B 121 -20.94 45.84 -10.39
CA LYS B 121 -22.37 46.00 -10.15
C LYS B 121 -23.16 45.00 -10.98
N THR B 122 -24.34 44.65 -10.50
CA THR B 122 -25.28 43.80 -11.24
C THR B 122 -25.86 44.57 -12.44
N THR B 123 -25.75 43.96 -13.61
CA THR B 123 -26.16 44.58 -14.86
C THR B 123 -27.05 43.62 -15.66
N PRO B 124 -28.33 43.99 -15.83
CA PRO B 124 -29.25 43.24 -16.71
C PRO B 124 -28.76 43.29 -18.16
N PRO B 125 -28.97 42.19 -18.92
CA PRO B 125 -28.47 42.13 -20.30
C PRO B 125 -29.30 42.96 -21.24
N SER B 126 -28.72 43.28 -22.39
CA SER B 126 -29.49 43.82 -23.50
C SER B 126 -29.67 42.64 -24.44
N VAL B 127 -30.90 42.41 -24.88
CA VAL B 127 -31.18 41.26 -25.73
C VAL B 127 -31.46 41.71 -27.16
N TYR B 128 -30.61 41.26 -28.09
CA TYR B 128 -30.77 41.65 -29.50
C TYR B 128 -31.17 40.47 -30.36
N PRO B 129 -32.18 40.66 -31.23
CA PRO B 129 -32.59 39.62 -32.16
C PRO B 129 -31.61 39.52 -33.32
N LEU B 130 -31.47 38.31 -33.87
CA LEU B 130 -30.62 38.10 -35.04
C LEU B 130 -31.43 37.41 -36.13
N ALA B 131 -31.90 38.22 -37.08
CA ALA B 131 -32.65 37.72 -38.24
C ALA B 131 -31.79 37.80 -39.50
N PRO B 132 -31.95 36.81 -40.42
CA PRO B 132 -31.18 36.81 -41.68
C PRO B 132 -31.72 37.83 -42.68
N GLY B 133 -31.32 37.70 -43.94
CA GLY B 133 -31.88 38.53 -45.01
C GLY B 133 -32.09 37.80 -46.33
N SER B 134 -30.98 37.52 -47.00
CA SER B 134 -30.98 36.95 -48.34
C SER B 134 -31.29 35.45 -48.34
N ALA B 135 -30.44 34.69 -47.64
CA ALA B 135 -30.57 33.23 -47.57
C ALA B 135 -31.77 32.75 -46.72
N ALA B 136 -32.70 33.67 -46.43
CA ALA B 136 -33.93 33.34 -45.69
C ALA B 136 -34.81 32.34 -46.45
N GLN B 137 -34.88 32.50 -47.76
CA GLN B 137 -35.61 31.59 -48.64
C GLN B 137 -34.79 30.35 -48.97
N THR B 138 -33.72 30.54 -49.74
CA THR B 138 -32.89 29.48 -50.34
C THR B 138 -33.06 28.05 -49.77
N ASN B 139 -32.77 27.87 -48.48
CA ASN B 139 -32.74 26.54 -47.86
C ASN B 139 -34.06 26.04 -47.26
N SER B 140 -34.07 24.75 -46.91
CA SER B 140 -35.22 24.12 -46.27
C SER B 140 -35.31 24.45 -44.79
N MET B 141 -34.16 24.65 -44.16
CA MET B 141 -34.07 25.11 -42.77
C MET B 141 -33.56 26.55 -42.71
N VAL B 142 -33.82 27.21 -41.59
CA VAL B 142 -33.35 28.58 -41.37
C VAL B 142 -32.85 28.74 -39.92
N THR B 143 -31.76 29.47 -39.75
CA THR B 143 -31.21 29.67 -38.42
C THR B 143 -31.48 31.10 -37.95
N LEU B 144 -31.92 31.22 -36.72
CA LEU B 144 -32.23 32.49 -36.12
C LEU B 144 -31.45 32.52 -34.84
N GLY B 145 -31.14 33.72 -34.38
CA GLY B 145 -30.35 33.84 -33.18
C GLY B 145 -30.80 34.96 -32.29
N CYS B 146 -30.05 35.10 -31.20
CA CYS B 146 -30.41 35.97 -30.12
C CYS B 146 -29.06 36.30 -29.46
N LEU B 147 -28.76 37.59 -29.33
CA LEU B 147 -27.52 38.03 -28.69
C LEU B 147 -27.80 38.63 -27.32
N VAL B 148 -27.22 38.01 -26.29
CA VAL B 148 -27.39 38.47 -24.92
C VAL B 148 -26.12 39.19 -24.51
N LYS B 149 -26.15 40.51 -24.66
CA LYS B 149 -24.95 41.32 -24.46
C LYS B 149 -24.94 42.09 -23.14
N GLY B 150 -23.73 42.19 -22.57
CA GLY B 150 -23.43 43.09 -21.45
C GLY B 150 -24.22 42.84 -20.19
N TYR B 151 -24.01 41.68 -19.58
CA TYR B 151 -24.70 41.36 -18.35
C TYR B 151 -23.72 40.92 -17.27
N PHE B 152 -24.18 41.01 -16.03
CA PHE B 152 -23.37 40.63 -14.88
C PHE B 152 -24.24 40.45 -13.63
N PRO B 153 -24.02 39.38 -12.85
CA PRO B 153 -23.07 38.31 -13.12
C PRO B 153 -23.71 37.17 -13.91
N GLU B 154 -23.06 36.01 -13.91
CA GLU B 154 -23.65 34.79 -14.43
C GLU B 154 -24.66 34.28 -13.40
N PRO B 155 -25.64 33.47 -13.84
CA PRO B 155 -25.78 33.04 -15.21
C PRO B 155 -27.00 33.66 -15.87
N VAL B 156 -27.21 33.28 -17.11
CA VAL B 156 -28.36 33.69 -17.87
C VAL B 156 -29.08 32.41 -18.31
N THR B 157 -30.41 32.42 -18.39
CA THR B 157 -31.12 31.27 -18.99
C THR B 157 -31.77 31.66 -20.30
N VAL B 158 -31.66 30.79 -21.29
CA VAL B 158 -32.16 31.05 -22.65
C VAL B 158 -33.00 29.86 -23.13
N THR B 159 -34.28 30.12 -23.39
CA THR B 159 -35.17 29.15 -24.04
C THR B 159 -35.73 29.76 -25.32
N TRP B 160 -36.40 28.94 -26.10
CA TRP B 160 -37.04 29.39 -27.34
C TRP B 160 -38.49 28.94 -27.39
N ASN B 161 -39.38 29.89 -27.62
CA ASN B 161 -40.82 29.67 -27.58
C ASN B 161 -41.18 28.93 -26.31
N SER B 162 -40.89 29.57 -25.17
CA SER B 162 -41.21 29.05 -23.84
C SER B 162 -40.65 27.66 -23.53
N GLY B 163 -39.80 27.14 -24.41
CA GLY B 163 -39.19 25.84 -24.19
C GLY B 163 -39.73 24.76 -25.10
N SER B 164 -40.70 25.13 -25.94
CA SER B 164 -41.31 24.19 -26.88
C SER B 164 -40.36 23.92 -28.04
N LEU B 165 -39.62 24.94 -28.43
CA LEU B 165 -38.50 24.75 -29.33
C LEU B 165 -37.26 24.39 -28.53
N SER B 166 -36.82 23.15 -28.67
CA SER B 166 -35.55 22.70 -28.11
C SER B 166 -34.83 21.81 -29.13
N SER B 167 -35.54 21.48 -30.21
CA SER B 167 -35.05 20.64 -31.29
C SER B 167 -33.59 20.89 -31.64
N GLY B 168 -33.32 22.02 -32.28
CA GLY B 168 -31.96 22.37 -32.74
C GLY B 168 -31.51 23.71 -32.22
N VAL B 169 -31.35 23.79 -30.90
CA VAL B 169 -30.92 24.99 -30.20
C VAL B 169 -29.43 24.87 -29.83
N HIS B 170 -28.68 25.97 -29.94
CA HIS B 170 -27.32 26.07 -29.43
C HIS B 170 -27.15 27.36 -28.64
N THR B 171 -27.19 27.25 -27.31
CA THR B 171 -26.83 28.36 -26.43
C THR B 171 -25.34 28.26 -26.12
N PHE B 172 -24.60 29.34 -26.35
CA PHE B 172 -23.15 29.30 -26.26
C PHE B 172 -22.66 29.90 -24.96
N PRO B 173 -21.59 29.31 -24.39
CA PRO B 173 -20.96 29.85 -23.18
C PRO B 173 -20.66 31.35 -23.32
N ALA B 174 -20.86 32.10 -22.25
CA ALA B 174 -20.62 33.54 -22.23
C ALA B 174 -19.13 33.81 -22.26
N VAL B 175 -18.75 34.93 -22.88
CA VAL B 175 -17.37 35.40 -22.84
C VAL B 175 -17.36 36.59 -21.90
N LEU B 176 -16.36 36.64 -21.01
CA LEU B 176 -16.19 37.78 -20.13
C LEU B 176 -15.34 38.79 -20.86
N GLN B 177 -15.66 40.07 -20.69
CA GLN B 177 -14.93 41.17 -21.29
C GLN B 177 -15.17 42.42 -20.45
N SER B 178 -14.13 42.81 -19.71
CA SER B 178 -14.17 43.95 -18.78
C SER B 178 -15.49 44.08 -18.02
N ASP B 179 -15.62 43.28 -16.95
CA ASP B 179 -16.78 43.30 -16.05
C ASP B 179 -18.15 42.96 -16.69
N LEU B 180 -18.17 42.54 -17.96
CA LEU B 180 -19.43 42.20 -18.62
C LEU B 180 -19.37 40.92 -19.44
N TYR B 181 -20.43 40.12 -19.32
CA TYR B 181 -20.57 38.86 -20.06
C TYR B 181 -21.48 39.04 -21.26
N THR B 182 -21.14 38.36 -22.35
CA THR B 182 -21.94 38.34 -23.58
C THR B 182 -22.05 36.92 -24.13
N LEU B 183 -23.27 36.49 -24.39
CA LEU B 183 -23.47 35.21 -25.08
C LEU B 183 -24.46 35.31 -26.24
N SER B 184 -24.33 34.37 -27.16
CA SER B 184 -25.28 34.18 -28.25
C SER B 184 -26.07 32.89 -28.07
N SER B 185 -27.25 32.82 -28.69
CA SER B 185 -28.01 31.58 -28.82
C SER B 185 -28.68 31.47 -30.21
N SER B 186 -28.71 30.25 -30.74
CA SER B 186 -29.27 30.01 -32.08
C SER B 186 -30.32 28.90 -32.06
N VAL B 187 -31.26 28.98 -33.00
CA VAL B 187 -32.30 27.96 -33.17
C VAL B 187 -32.48 27.65 -34.64
N THR B 188 -32.72 26.38 -34.96
CA THR B 188 -32.99 25.96 -36.33
C THR B 188 -34.39 25.36 -36.49
N VAL B 189 -35.10 25.89 -37.48
CA VAL B 189 -36.49 25.52 -37.78
C VAL B 189 -36.65 25.34 -39.30
N PRO B 190 -37.74 24.66 -39.74
CA PRO B 190 -37.97 24.65 -41.19
C PRO B 190 -38.41 26.03 -41.65
N SER B 191 -37.95 26.44 -42.82
CA SER B 191 -38.24 27.79 -43.32
C SER B 191 -39.73 28.06 -43.53
N SER B 192 -40.50 27.03 -43.84
CA SER B 192 -41.95 27.14 -43.97
C SER B 192 -42.66 27.49 -42.66
N THR B 193 -41.95 27.42 -41.53
CA THR B 193 -42.53 27.84 -40.23
C THR B 193 -42.02 29.21 -39.73
N TRP B 194 -41.17 29.87 -40.52
CA TRP B 194 -40.72 31.24 -40.21
C TRP B 194 -40.48 32.08 -41.47
N PRO B 195 -41.08 33.28 -41.51
CA PRO B 195 -41.82 33.96 -40.43
C PRO B 195 -43.31 33.65 -40.33
N SER B 196 -43.75 32.57 -40.98
CA SER B 196 -45.14 32.10 -40.93
C SER B 196 -45.62 31.99 -39.48
N GLU B 197 -44.82 31.30 -38.67
CA GLU B 197 -45.14 31.07 -37.27
C GLU B 197 -44.10 31.73 -36.37
N THR B 198 -44.59 32.35 -35.31
CA THR B 198 -43.80 33.20 -34.44
C THR B 198 -42.66 32.47 -33.70
N VAL B 199 -41.51 33.12 -33.63
CA VAL B 199 -40.30 32.58 -32.96
C VAL B 199 -39.73 33.58 -31.96
N THR B 200 -39.53 33.15 -30.72
CA THR B 200 -39.11 34.06 -29.64
C THR B 200 -38.01 33.46 -28.77
N CYS B 201 -36.90 34.19 -28.58
CA CYS B 201 -35.93 33.82 -27.54
C CYS B 201 -36.40 34.44 -26.23
N ASN B 202 -36.40 33.61 -25.19
CA ASN B 202 -36.82 34.01 -23.85
C ASN B 202 -35.57 34.07 -23.00
N VAL B 203 -35.14 35.27 -22.65
CA VAL B 203 -33.91 35.43 -21.89
C VAL B 203 -34.17 35.96 -20.48
N ALA B 204 -33.76 35.16 -19.49
CA ALA B 204 -33.84 35.56 -18.09
C ALA B 204 -32.46 35.75 -17.46
N HIS B 205 -32.38 36.72 -16.55
CA HIS B 205 -31.19 36.98 -15.76
C HIS B 205 -31.57 36.95 -14.28
N PRO B 206 -31.35 35.80 -13.61
CA PRO B 206 -31.66 35.54 -12.20
C PRO B 206 -31.28 36.67 -11.26
N ALA B 207 -30.03 37.12 -11.34
CA ALA B 207 -29.49 38.10 -10.38
C ALA B 207 -30.19 39.46 -10.43
N SER B 208 -30.80 39.77 -11.57
CA SER B 208 -31.49 41.03 -11.75
C SER B 208 -33.02 40.91 -11.85
N SER B 209 -33.55 39.71 -11.57
CA SER B 209 -35.01 39.46 -11.69
C SER B 209 -35.59 40.03 -12.99
N THR B 210 -34.91 39.69 -14.09
CA THR B 210 -35.08 40.30 -15.39
C THR B 210 -35.47 39.23 -16.39
N LYS B 211 -36.48 39.50 -17.20
CA LYS B 211 -36.84 38.61 -18.31
C LYS B 211 -37.25 39.44 -19.53
N VAL B 212 -36.67 39.13 -20.67
CA VAL B 212 -37.16 39.72 -21.91
C VAL B 212 -37.49 38.61 -22.91
N ASP B 213 -38.61 38.78 -23.60
CA ASP B 213 -39.02 37.88 -24.66
C ASP B 213 -38.82 38.62 -25.96
N LYS B 214 -37.79 38.25 -26.71
CA LYS B 214 -37.53 38.91 -27.98
C LYS B 214 -38.06 38.11 -29.18
N LYS B 215 -39.13 38.62 -29.77
CA LYS B 215 -39.73 38.06 -30.98
C LYS B 215 -38.82 38.37 -32.16
N ILE B 216 -38.35 37.33 -32.86
CA ILE B 216 -37.49 37.55 -34.01
C ILE B 216 -38.30 37.87 -35.25
N VAL B 217 -38.25 39.14 -35.63
CA VAL B 217 -39.02 39.63 -36.77
C VAL B 217 -38.10 39.79 -37.99
N PRO B 218 -38.63 39.51 -39.20
CA PRO B 218 -37.79 39.75 -40.37
C PRO B 218 -37.47 41.23 -40.49
N ARG B 219 -36.27 41.53 -40.98
CA ARG B 219 -35.76 42.91 -41.05
C ARG B 219 -36.71 43.81 -41.85
N ASP B 220 -36.64 45.11 -41.60
CA ASP B 220 -37.42 46.08 -42.36
C ASP B 220 -36.73 46.41 -43.69
N CYS B 221 -37.52 46.39 -44.76
CA CYS B 221 -36.99 46.50 -46.12
C CYS B 221 -37.47 47.74 -46.88
N GLY B 222 -38.29 48.56 -46.23
CA GLY B 222 -38.87 49.77 -46.83
C GLY B 222 -37.92 50.62 -47.65
N LYS B 223 -36.79 51.00 -47.06
CA LYS B 223 -35.83 51.88 -47.71
C LYS B 223 -35.06 51.20 -48.84
N HIS B 224 -34.85 49.90 -48.72
CA HIS B 224 -34.18 49.12 -49.77
C HIS B 224 -34.95 49.22 -51.09
N HIS B 225 -36.24 48.88 -51.04
CA HIS B 225 -37.10 48.82 -52.23
C HIS B 225 -37.36 50.18 -52.85
N HIS B 226 -37.11 51.24 -52.10
CA HIS B 226 -37.24 52.58 -52.63
C HIS B 226 -36.00 52.94 -53.46
N HIS B 227 -34.85 52.40 -53.07
CA HIS B 227 -33.57 52.67 -53.77
C HIS B 227 -33.06 51.47 -54.56
N HIS B 228 -33.91 50.91 -55.43
CA HIS B 228 -33.47 49.86 -56.36
C HIS B 228 -32.91 50.52 -57.62
N HIS B 229 -31.76 51.17 -57.46
CA HIS B 229 -31.06 51.87 -58.56
C HIS B 229 -30.82 51.00 -59.79
N ASP C 1 8.30 -10.14 10.60
CA ASP C 1 8.84 -10.76 9.32
C ASP C 1 7.76 -10.79 8.25
N ILE C 2 8.12 -10.48 7.02
CA ILE C 2 7.10 -10.39 5.97
C ILE C 2 6.50 -11.76 5.69
N VAL C 3 5.18 -11.81 5.67
CA VAL C 3 4.43 -13.04 5.43
C VAL C 3 4.09 -13.12 3.94
N ILE C 4 4.36 -14.27 3.34
CA ILE C 4 3.98 -14.48 1.95
C ILE C 4 3.00 -15.62 1.91
N THR C 5 1.85 -15.36 1.28
CA THR C 5 0.81 -16.38 1.11
C THR C 5 0.71 -16.77 -0.35
N GLN C 6 0.80 -18.07 -0.59
CA GLN C 6 0.84 -18.59 -1.94
C GLN C 6 -0.46 -19.31 -2.22
N SER C 7 -0.85 -19.35 -3.49
CA SER C 7 -2.18 -19.81 -3.87
C SER C 7 -2.20 -20.37 -5.29
N PRO C 8 -2.82 -21.55 -5.48
CA PRO C 8 -3.33 -22.45 -4.44
C PRO C 8 -2.20 -23.29 -3.82
N LYS C 9 -2.51 -24.10 -2.82
CA LYS C 9 -1.53 -24.99 -2.20
C LYS C 9 -1.19 -26.18 -3.12
N PHE C 10 -2.22 -26.76 -3.73
CA PHE C 10 -2.08 -27.87 -4.67
C PHE C 10 -2.78 -27.51 -5.97
N MET C 11 -2.34 -28.10 -7.08
CA MET C 11 -2.95 -27.87 -8.37
C MET C 11 -2.60 -28.98 -9.35
N SER C 12 -3.62 -29.51 -10.00
CA SER C 12 -3.41 -30.45 -11.07
C SER C 12 -3.74 -29.78 -12.40
N THR C 13 -2.98 -30.16 -13.44
CA THR C 13 -3.08 -29.55 -14.75
C THR C 13 -2.53 -30.49 -15.80
N SER C 14 -3.19 -30.57 -16.94
CA SER C 14 -2.79 -31.48 -18.01
C SER C 14 -1.68 -30.88 -18.85
N VAL C 15 -0.86 -31.74 -19.46
CA VAL C 15 0.20 -31.33 -20.37
C VAL C 15 -0.39 -30.43 -21.46
N GLY C 16 0.19 -29.24 -21.62
CA GLY C 16 -0.29 -28.27 -22.62
C GLY C 16 -1.12 -27.12 -22.06
N ASP C 17 -1.77 -27.36 -20.92
CA ASP C 17 -2.56 -26.34 -20.25
C ASP C 17 -1.76 -25.12 -19.77
N ARG C 18 -2.48 -24.05 -19.47
CA ARG C 18 -1.89 -22.86 -18.89
C ARG C 18 -2.17 -22.87 -17.39
N VAL C 19 -1.13 -22.62 -16.58
CA VAL C 19 -1.31 -22.46 -15.13
C VAL C 19 -0.70 -21.21 -14.50
N SER C 20 -1.43 -20.67 -13.53
CA SER C 20 -1.03 -19.47 -12.82
C SER C 20 -1.03 -19.65 -11.31
N ILE C 21 0.07 -19.25 -10.67
CA ILE C 21 0.19 -19.29 -9.21
C ILE C 21 0.26 -17.86 -8.72
N THR C 22 -0.60 -17.51 -7.74
CA THR C 22 -0.58 -16.17 -7.15
C THR C 22 0.20 -16.14 -5.83
N CYS C 23 0.80 -14.99 -5.55
CA CYS C 23 1.59 -14.79 -4.34
C CYS C 23 1.26 -13.42 -3.75
N LYS C 24 0.88 -13.40 -2.48
CA LYS C 24 0.44 -12.16 -1.84
C LYS C 24 1.25 -11.84 -0.58
N ALA C 25 2.00 -10.74 -0.67
CA ALA C 25 2.84 -10.26 0.41
C ALA C 25 2.06 -9.38 1.37
N SER C 26 2.46 -9.39 2.64
CA SER C 26 1.76 -8.67 3.71
C SER C 26 2.22 -7.21 3.80
N GLN C 27 3.17 -6.86 2.94
CA GLN C 27 3.73 -5.50 2.87
C GLN C 27 4.04 -5.24 1.41
N ASP C 28 4.04 -3.97 1.02
CA ASP C 28 4.53 -3.60 -0.31
C ASP C 28 5.98 -4.06 -0.44
N VAL C 29 6.26 -4.90 -1.44
CA VAL C 29 7.63 -5.40 -1.66
C VAL C 29 8.20 -5.00 -3.01
N SER C 30 7.67 -3.92 -3.58
CA SER C 30 8.09 -3.42 -4.86
C SER C 30 8.09 -4.56 -5.88
N THR C 31 9.20 -4.80 -6.56
CA THR C 31 9.27 -5.96 -7.46
C THR C 31 10.29 -6.97 -6.96
N ALA C 32 10.65 -6.86 -5.68
CA ALA C 32 11.67 -7.70 -5.07
C ALA C 32 11.17 -9.12 -4.69
N VAL C 33 10.68 -9.85 -5.70
CA VAL C 33 10.12 -11.17 -5.48
C VAL C 33 10.78 -12.18 -6.44
N ALA C 34 10.98 -13.41 -5.96
CA ALA C 34 11.60 -14.47 -6.77
C ALA C 34 10.71 -15.69 -6.78
N TRP C 35 10.93 -16.57 -7.78
CA TRP C 35 10.16 -17.80 -7.96
C TRP C 35 11.06 -19.01 -8.19
N PHE C 36 10.90 -20.02 -7.36
CA PHE C 36 11.73 -21.22 -7.43
C PHE C 36 10.96 -22.48 -7.82
N GLN C 37 11.64 -23.34 -8.58
CA GLN C 37 11.18 -24.68 -8.87
C GLN C 37 11.91 -25.59 -7.92
N GLN C 38 11.20 -26.55 -7.34
CA GLN C 38 11.88 -27.61 -6.58
C GLN C 38 11.31 -28.99 -6.87
N LYS C 39 12.12 -29.83 -7.51
CA LYS C 39 11.77 -31.23 -7.74
C LYS C 39 12.28 -32.10 -6.60
N PRO C 40 11.61 -33.24 -6.34
CA PRO C 40 11.92 -34.16 -5.26
C PRO C 40 13.40 -34.54 -5.12
N GLY C 41 13.97 -34.27 -3.96
CA GLY C 41 15.36 -34.61 -3.69
C GLY C 41 16.39 -33.74 -4.37
N GLN C 42 15.97 -32.57 -4.83
CA GLN C 42 16.88 -31.61 -5.44
C GLN C 42 16.81 -30.27 -4.72
N SER C 43 17.83 -29.45 -4.91
CA SER C 43 17.80 -28.07 -4.45
C SER C 43 16.78 -27.31 -5.31
N PRO C 44 16.17 -26.25 -4.75
CA PRO C 44 15.33 -25.38 -5.56
C PRO C 44 16.13 -24.73 -6.66
N LYS C 45 15.50 -24.48 -7.81
CA LYS C 45 16.15 -23.73 -8.89
C LYS C 45 15.46 -22.39 -9.09
N LEU C 46 16.27 -21.34 -9.20
CA LEU C 46 15.76 -20.01 -9.44
C LEU C 46 15.25 -19.89 -10.85
N LEU C 47 13.95 -19.67 -10.97
CA LEU C 47 13.31 -19.51 -12.29
C LEU C 47 13.13 -18.05 -12.65
N ILE C 48 12.49 -17.30 -11.74
CA ILE C 48 12.22 -15.89 -11.94
C ILE C 48 12.85 -15.12 -10.81
N TYR C 49 13.53 -14.02 -11.13
CA TYR C 49 14.01 -13.10 -10.10
C TYR C 49 13.51 -11.68 -10.39
N SER C 50 13.36 -10.89 -9.33
CA SER C 50 12.96 -9.49 -9.47
C SER C 50 11.62 -9.38 -10.23
N ALA C 51 10.61 -10.07 -9.69
CA ALA C 51 9.25 -10.18 -10.24
C ALA C 51 9.10 -10.77 -11.64
N SER C 52 9.91 -10.38 -12.62
CA SER C 52 9.59 -10.74 -14.00
C SER C 52 10.74 -11.19 -14.90
N TYR C 53 11.96 -11.25 -14.40
CA TYR C 53 13.11 -11.57 -15.24
C TYR C 53 13.48 -13.05 -15.15
N ARG C 54 13.58 -13.69 -16.31
CA ARG C 54 14.02 -15.09 -16.36
C ARG C 54 15.50 -15.20 -15.98
N TYR C 55 15.81 -16.19 -15.15
CA TYR C 55 17.19 -16.47 -14.81
C TYR C 55 17.81 -17.26 -15.97
N THR C 56 19.14 -17.33 -16.00
CA THR C 56 19.85 -17.97 -17.10
C THR C 56 19.31 -19.36 -17.43
N GLY C 57 18.88 -19.53 -18.68
CA GLY C 57 18.55 -20.86 -19.20
C GLY C 57 17.10 -21.28 -19.03
N VAL C 58 16.37 -20.59 -18.14
CA VAL C 58 14.94 -20.82 -17.95
C VAL C 58 14.18 -20.66 -19.27
N PRO C 59 13.32 -21.64 -19.61
CA PRO C 59 12.51 -21.62 -20.84
C PRO C 59 11.42 -20.53 -20.87
N ASP C 60 11.06 -20.14 -22.09
CA ASP C 60 10.11 -19.03 -22.35
C ASP C 60 8.75 -19.18 -21.67
N ARG C 61 8.38 -20.41 -21.34
CA ARG C 61 7.03 -20.69 -20.85
C ARG C 61 6.84 -20.32 -19.37
N PHE C 62 7.93 -19.96 -18.70
CA PHE C 62 7.89 -19.46 -17.33
C PHE C 62 7.97 -17.94 -17.32
N THR C 63 6.98 -17.30 -16.70
CA THR C 63 6.94 -15.85 -16.59
C THR C 63 6.36 -15.42 -15.25
N GLY C 64 6.79 -14.26 -14.80
CA GLY C 64 6.28 -13.67 -13.58
C GLY C 64 5.85 -12.24 -13.83
N SER C 65 4.93 -11.78 -12.99
CA SER C 65 4.50 -10.40 -13.07
C SER C 65 4.02 -9.96 -11.71
N GLY C 66 3.54 -8.73 -11.66
CA GLY C 66 3.06 -8.18 -10.41
C GLY C 66 4.06 -7.23 -9.80
N SER C 67 3.55 -6.48 -8.82
CA SER C 67 4.23 -5.36 -8.22
C SER C 67 3.46 -5.02 -6.97
N GLY C 68 4.17 -4.53 -5.95
CA GLY C 68 3.55 -4.12 -4.71
C GLY C 68 3.35 -5.31 -3.80
N THR C 69 2.13 -5.83 -3.76
CA THR C 69 1.84 -6.92 -2.83
C THR C 69 1.39 -8.19 -3.55
N ASP C 70 1.01 -8.06 -4.82
CA ASP C 70 0.43 -9.19 -5.58
C ASP C 70 1.27 -9.65 -6.76
N PHE C 71 1.59 -10.94 -6.77
CA PHE C 71 2.45 -11.49 -7.81
C PHE C 71 1.86 -12.75 -8.44
N THR C 72 2.30 -13.03 -9.67
CA THR C 72 1.76 -14.12 -10.47
C THR C 72 2.86 -14.85 -11.24
N PHE C 73 2.88 -16.17 -11.06
CA PHE C 73 3.80 -17.02 -11.76
C PHE C 73 3.01 -17.84 -12.76
N THR C 74 3.55 -17.99 -13.96
CA THR C 74 2.80 -18.57 -15.06
C THR C 74 3.61 -19.56 -15.89
N ILE C 75 3.02 -20.73 -16.11
CA ILE C 75 3.48 -21.65 -17.14
C ILE C 75 2.40 -21.60 -18.21
N SER C 76 2.79 -21.14 -19.40
CA SER C 76 1.85 -21.01 -20.52
C SER C 76 1.42 -22.37 -21.04
N SER C 77 2.40 -23.24 -21.25
CA SER C 77 2.14 -24.59 -21.70
C SER C 77 2.91 -25.57 -20.83
N VAL C 78 2.19 -26.32 -20.01
CA VAL C 78 2.82 -27.24 -19.07
C VAL C 78 3.45 -28.45 -19.79
N GLN C 79 4.67 -28.78 -19.39
CA GLN C 79 5.30 -30.01 -19.84
C GLN C 79 5.45 -30.93 -18.63
N ALA C 80 5.51 -32.24 -18.91
CA ALA C 80 5.50 -33.27 -17.86
C ALA C 80 6.58 -33.10 -16.81
N GLU C 81 7.73 -32.58 -17.23
CA GLU C 81 8.90 -32.35 -16.40
C GLU C 81 8.71 -31.21 -15.42
N ASP C 82 7.67 -30.40 -15.67
CA ASP C 82 7.35 -29.26 -14.82
C ASP C 82 6.73 -29.65 -13.48
N LEU C 83 6.47 -30.94 -13.32
CA LEU C 83 6.00 -31.48 -12.06
C LEU C 83 6.99 -31.15 -10.92
N ALA C 84 6.56 -30.33 -9.97
CA ALA C 84 7.40 -29.89 -8.86
C ALA C 84 6.62 -29.06 -7.84
N VAL C 85 7.32 -28.57 -6.82
CA VAL C 85 6.78 -27.56 -5.93
C VAL C 85 7.36 -26.21 -6.30
N TYR C 86 6.49 -25.21 -6.33
CA TYR C 86 6.87 -23.85 -6.68
C TYR C 86 6.76 -22.91 -5.49
N TYR C 87 7.86 -22.22 -5.20
CA TYR C 87 7.93 -21.28 -4.09
C TYR C 87 8.13 -19.86 -4.60
N CYS C 88 7.32 -18.93 -4.11
CA CYS C 88 7.70 -17.54 -4.24
C CYS C 88 8.47 -17.14 -2.98
N GLN C 89 9.30 -16.13 -3.13
CA GLN C 89 10.11 -15.61 -2.06
C GLN C 89 10.13 -14.11 -2.20
N GLN C 90 10.05 -13.41 -1.07
CA GLN C 90 10.35 -11.98 -1.08
C GLN C 90 11.84 -11.79 -0.78
N HIS C 91 12.47 -10.94 -1.57
CA HIS C 91 13.88 -10.64 -1.43
C HIS C 91 14.01 -9.14 -1.26
N TYR C 92 13.16 -8.60 -0.40
CA TYR C 92 12.97 -7.19 -0.29
C TYR C 92 13.54 -6.72 1.04
N SER C 93 13.14 -7.39 2.12
CA SER C 93 13.59 -7.04 3.46
C SER C 93 14.02 -8.29 4.23
N THR C 94 14.94 -8.07 5.15
CA THR C 94 15.50 -9.13 5.95
C THR C 94 14.72 -9.28 7.27
N PRO C 95 14.42 -10.54 7.68
CA PRO C 95 14.74 -11.85 7.10
C PRO C 95 13.91 -12.21 5.88
N TRP C 96 14.57 -12.72 4.84
CA TRP C 96 13.90 -13.06 3.62
C TRP C 96 13.03 -14.26 3.89
N THR C 97 11.83 -14.23 3.34
CA THR C 97 10.84 -15.26 3.64
C THR C 97 10.21 -15.80 2.37
N PHE C 98 9.84 -17.09 2.43
CA PHE C 98 9.19 -17.80 1.31
C PHE C 98 7.72 -18.07 1.58
N GLY C 99 6.96 -18.25 0.49
CA GLY C 99 5.61 -18.77 0.60
C GLY C 99 5.63 -20.26 0.87
N GLY C 100 4.50 -20.80 1.32
CA GLY C 100 4.38 -22.21 1.68
C GLY C 100 4.47 -23.17 0.51
N GLY C 101 4.46 -22.65 -0.71
CA GLY C 101 4.67 -23.47 -1.90
C GLY C 101 3.38 -23.86 -2.58
N THR C 102 3.50 -24.17 -3.86
CA THR C 102 2.40 -24.72 -4.62
C THR C 102 2.85 -26.04 -5.22
N LYS C 103 2.03 -27.06 -4.99
CA LYS C 103 2.35 -28.40 -5.44
C LYS C 103 1.59 -28.63 -6.74
N LEU C 104 2.37 -28.79 -7.79
CA LEU C 104 1.83 -28.98 -9.11
C LEU C 104 1.85 -30.46 -9.46
N GLU C 105 0.67 -31.04 -9.59
CA GLU C 105 0.51 -32.38 -10.15
C GLU C 105 0.18 -32.31 -11.64
N ILE C 106 0.85 -33.13 -12.45
CA ILE C 106 0.47 -33.30 -13.86
C ILE C 106 -0.75 -34.22 -13.93
N LYS C 107 -1.76 -33.82 -14.71
CA LYS C 107 -2.86 -34.71 -15.04
C LYS C 107 -2.48 -35.62 -16.19
N ARG C 108 -2.79 -36.90 -16.03
CA ARG C 108 -2.70 -37.86 -17.12
C ARG C 108 -3.98 -38.70 -17.13
N ALA C 109 -4.10 -39.60 -18.11
CA ALA C 109 -5.23 -40.51 -18.19
C ALA C 109 -5.28 -41.42 -16.95
N ASP C 110 -6.50 -41.82 -16.56
CA ASP C 110 -6.67 -42.78 -15.47
C ASP C 110 -5.90 -44.08 -15.76
N ALA C 111 -5.21 -44.60 -14.74
CA ALA C 111 -4.45 -45.84 -14.90
C ALA C 111 -4.63 -46.80 -13.72
N ALA C 112 -4.86 -48.07 -14.05
CA ALA C 112 -4.98 -49.12 -13.05
C ALA C 112 -3.60 -49.57 -12.57
N PRO C 113 -3.48 -49.91 -11.28
CA PRO C 113 -2.20 -50.33 -10.68
C PRO C 113 -1.81 -51.77 -11.04
N THR C 114 -0.53 -51.98 -11.35
CA THR C 114 0.01 -53.33 -11.48
C THR C 114 0.38 -53.82 -10.09
N VAL C 115 -0.25 -54.90 -9.67
CA VAL C 115 -0.07 -55.44 -8.33
C VAL C 115 0.81 -56.68 -8.35
N SER C 116 1.91 -56.64 -7.61
CA SER C 116 2.82 -57.78 -7.52
C SER C 116 3.03 -58.13 -6.05
N ILE C 117 2.89 -59.43 -5.73
CA ILE C 117 3.09 -59.92 -4.37
C ILE C 117 4.37 -60.76 -4.25
N PHE C 118 5.05 -60.60 -3.13
CA PHE C 118 6.32 -61.24 -2.89
C PHE C 118 6.36 -61.92 -1.55
N PRO C 119 6.60 -63.24 -1.53
CA PRO C 119 6.84 -63.99 -0.32
C PRO C 119 8.22 -63.63 0.28
N PRO C 120 8.38 -63.80 1.60
CA PRO C 120 9.67 -63.57 2.27
C PRO C 120 10.81 -64.32 1.60
N SER C 121 11.98 -63.70 1.56
CA SER C 121 13.16 -64.36 1.04
C SER C 121 13.62 -65.40 2.05
N SER C 122 14.21 -66.48 1.56
CA SER C 122 14.80 -67.49 2.42
C SER C 122 15.79 -66.85 3.42
N GLU C 123 16.56 -65.88 2.96
CA GLU C 123 17.58 -65.21 3.76
C GLU C 123 16.99 -64.51 5.00
N GLN C 124 15.79 -63.97 4.86
CA GLN C 124 15.11 -63.27 5.97
C GLN C 124 14.61 -64.25 7.04
N LEU C 125 14.14 -65.40 6.58
CA LEU C 125 13.61 -66.43 7.46
C LEU C 125 14.70 -67.00 8.35
N THR C 126 15.94 -66.98 7.85
CA THR C 126 17.11 -67.40 8.63
C THR C 126 17.39 -66.40 9.76
N SER C 127 16.81 -65.22 9.66
CA SER C 127 16.95 -64.19 10.68
C SER C 127 15.84 -64.33 11.73
N GLY C 128 14.83 -65.14 11.42
CA GLY C 128 13.65 -65.28 12.27
C GLY C 128 12.53 -64.29 11.98
N GLY C 129 12.66 -63.54 10.88
CA GLY C 129 11.63 -62.59 10.45
C GLY C 129 10.93 -63.01 9.16
N ALA C 130 9.78 -62.37 8.89
CA ALA C 130 9.02 -62.63 7.67
C ALA C 130 8.24 -61.40 7.19
N SER C 131 8.61 -60.92 6.01
CA SER C 131 7.94 -59.79 5.39
C SER C 131 7.37 -60.18 4.04
N VAL C 132 6.08 -59.92 3.86
CA VAL C 132 5.40 -60.10 2.59
C VAL C 132 5.22 -58.72 1.98
N VAL C 133 5.73 -58.55 0.76
CA VAL C 133 5.73 -57.25 0.11
C VAL C 133 4.81 -57.23 -1.10
N CYS C 134 3.98 -56.20 -1.14
CA CYS C 134 3.01 -56.00 -2.21
C CYS C 134 3.28 -54.65 -2.86
N PHE C 135 3.62 -54.67 -4.15
CA PHE C 135 3.76 -53.44 -4.92
C PHE C 135 2.47 -53.16 -5.67
N LEU C 136 2.05 -51.91 -5.60
CA LEU C 136 0.99 -51.41 -6.45
C LEU C 136 1.63 -50.30 -7.27
N ASN C 137 1.82 -50.57 -8.55
CA ASN C 137 2.67 -49.75 -9.40
C ASN C 137 2.00 -49.01 -10.56
N ASN C 138 2.46 -47.79 -10.80
CA ASN C 138 2.05 -46.98 -11.95
C ASN C 138 0.53 -46.81 -12.11
N PHE C 139 -0.09 -46.22 -11.10
CA PHE C 139 -1.52 -45.89 -11.16
C PHE C 139 -1.74 -44.38 -11.16
N TYR C 140 -2.94 -43.97 -11.57
CA TYR C 140 -3.39 -42.58 -11.53
C TYR C 140 -4.91 -42.60 -11.52
N PRO C 141 -5.55 -41.83 -10.61
CA PRO C 141 -5.00 -40.84 -9.68
C PRO C 141 -4.36 -41.42 -8.42
N LYS C 142 -3.92 -40.53 -7.53
CA LYS C 142 -3.11 -40.90 -6.35
C LYS C 142 -3.85 -41.81 -5.35
N ASP C 143 -5.15 -41.58 -5.17
CA ASP C 143 -5.94 -42.29 -4.16
C ASP C 143 -5.90 -43.79 -4.39
N ILE C 144 -5.67 -44.56 -3.33
CA ILE C 144 -5.60 -46.01 -3.42
C ILE C 144 -5.69 -46.67 -2.05
N ASN C 145 -6.48 -47.73 -1.97
CA ASN C 145 -6.56 -48.54 -0.75
C ASN C 145 -5.96 -49.93 -0.86
N VAL C 146 -5.33 -50.37 0.23
CA VAL C 146 -4.78 -51.72 0.32
C VAL C 146 -5.45 -52.48 1.46
N LYS C 147 -5.87 -53.70 1.15
CA LYS C 147 -6.36 -54.64 2.15
C LYS C 147 -5.47 -55.88 2.14
N TRP C 148 -5.02 -56.27 3.33
CA TRP C 148 -4.30 -57.52 3.51
C TRP C 148 -5.25 -58.55 4.07
N LYS C 149 -5.07 -59.79 3.67
CA LYS C 149 -5.89 -60.89 4.17
C LYS C 149 -5.01 -62.11 4.39
N ILE C 150 -4.95 -62.54 5.64
CA ILE C 150 -4.32 -63.81 5.97
C ILE C 150 -5.42 -64.85 6.10
N ASP C 151 -5.37 -65.85 5.23
CA ASP C 151 -6.36 -66.94 5.17
C ASP C 151 -7.79 -66.49 4.82
N GLY C 152 -7.95 -65.19 4.58
CA GLY C 152 -9.26 -64.65 4.21
C GLY C 152 -9.88 -63.72 5.23
N SER C 153 -9.14 -63.40 6.29
CA SER C 153 -9.61 -62.41 7.26
C SER C 153 -8.64 -61.24 7.29
N GLU C 154 -9.20 -60.03 7.36
CA GLU C 154 -8.46 -58.78 7.28
C GLU C 154 -7.40 -58.66 8.37
N ARG C 155 -6.17 -58.44 7.94
CA ARG C 155 -5.05 -58.21 8.85
C ARG C 155 -4.60 -56.76 8.73
N GLN C 156 -4.41 -56.11 9.88
CA GLN C 156 -4.06 -54.70 9.92
C GLN C 156 -2.76 -54.41 10.68
N ASN C 157 -2.38 -55.31 11.59
CA ASN C 157 -1.17 -55.13 12.39
C ASN C 157 0.11 -55.56 11.66
N GLY C 158 1.11 -54.69 11.64
CA GLY C 158 2.39 -54.96 10.97
C GLY C 158 2.45 -54.43 9.55
N VAL C 159 1.36 -53.86 9.07
CA VAL C 159 1.29 -53.29 7.72
C VAL C 159 1.96 -51.91 7.70
N LEU C 160 3.04 -51.79 6.94
CA LEU C 160 3.67 -50.49 6.72
C LEU C 160 3.61 -50.09 5.24
N ASN C 161 3.22 -48.84 5.00
CA ASN C 161 3.02 -48.33 3.64
C ASN C 161 3.96 -47.22 3.22
N SER C 162 4.04 -47.00 1.92
CA SER C 162 4.96 -46.04 1.33
C SER C 162 4.40 -45.66 -0.04
N TRP C 163 4.26 -44.36 -0.26
CA TRP C 163 3.76 -43.87 -1.53
C TRP C 163 4.89 -43.08 -2.19
N THR C 164 5.03 -43.23 -3.51
CA THR C 164 6.04 -42.48 -4.25
C THR C 164 5.52 -41.08 -4.58
N ASP C 165 6.42 -40.22 -5.04
CA ASP C 165 6.01 -38.93 -5.60
C ASP C 165 5.45 -39.21 -6.97
N GLN C 166 4.73 -38.26 -7.55
CA GLN C 166 4.29 -38.45 -8.92
C GLN C 166 5.52 -38.63 -9.79
N ASP C 167 5.49 -39.66 -10.65
CA ASP C 167 6.62 -39.97 -11.49
C ASP C 167 6.90 -38.86 -12.49
N SER C 168 8.18 -38.53 -12.63
CA SER C 168 8.65 -37.39 -13.45
C SER C 168 8.38 -37.53 -14.95
N LYS C 169 8.31 -38.77 -15.42
CA LYS C 169 8.01 -39.02 -16.83
C LYS C 169 6.56 -39.49 -17.15
N ASP C 170 6.18 -40.67 -16.66
CA ASP C 170 4.84 -41.20 -16.97
C ASP C 170 3.68 -40.58 -16.16
N SER C 171 4.02 -39.78 -15.15
CA SER C 171 3.03 -39.03 -14.34
C SER C 171 2.13 -39.89 -13.43
N THR C 172 2.60 -41.10 -13.11
CA THR C 172 1.86 -42.01 -12.25
C THR C 172 2.42 -42.05 -10.81
N TYR C 173 1.66 -42.68 -9.93
CA TYR C 173 2.08 -42.92 -8.55
C TYR C 173 2.22 -44.41 -8.32
N SER C 174 3.17 -44.79 -7.48
CA SER C 174 3.29 -46.17 -7.02
C SER C 174 3.22 -46.21 -5.51
N MET C 175 2.84 -47.37 -4.98
CA MET C 175 2.76 -47.60 -3.54
C MET C 175 3.38 -48.95 -3.20
N SER C 176 4.03 -49.02 -2.05
CA SER C 176 4.55 -50.26 -1.53
C SER C 176 3.95 -50.51 -0.15
N SER C 177 3.49 -51.74 0.05
CA SER C 177 2.89 -52.14 1.31
C SER C 177 3.56 -53.41 1.79
N THR C 178 4.05 -53.36 3.04
CA THR C 178 4.81 -54.46 3.63
C THR C 178 4.17 -54.93 4.95
N LEU C 179 3.77 -56.20 4.97
CA LEU C 179 3.23 -56.83 6.17
C LEU C 179 4.31 -57.67 6.83
N THR C 180 4.69 -57.30 8.04
CA THR C 180 5.80 -57.93 8.75
C THR C 180 5.34 -58.69 9.99
N LEU C 181 5.74 -59.95 10.07
CA LEU C 181 5.49 -60.79 11.24
C LEU C 181 6.62 -61.79 11.47
N THR C 182 6.62 -62.42 12.64
CA THR C 182 7.67 -63.37 13.01
C THR C 182 7.65 -64.59 12.11
N LYS C 183 8.76 -65.31 12.05
CA LYS C 183 8.85 -66.56 11.29
C LYS C 183 7.76 -67.56 11.73
N ASP C 184 7.46 -67.58 13.03
CA ASP C 184 6.45 -68.47 13.58
C ASP C 184 5.02 -68.03 13.28
N GLU C 185 4.74 -66.74 13.43
CA GLU C 185 3.43 -66.18 13.10
C GLU C 185 3.10 -66.58 11.66
N TYR C 186 4.13 -66.52 10.82
CA TYR C 186 4.07 -66.87 9.41
C TYR C 186 3.83 -68.37 9.16
N GLU C 187 4.57 -69.23 9.85
CA GLU C 187 4.45 -70.68 9.69
C GLU C 187 3.05 -71.21 10.04
N ARG C 188 2.20 -70.34 10.57
CA ARG C 188 0.89 -70.73 11.07
C ARG C 188 -0.16 -70.80 9.95
N HIS C 189 -0.30 -69.72 9.19
CA HIS C 189 -1.33 -69.62 8.15
C HIS C 189 -0.77 -70.03 6.78
N ASN C 190 -1.66 -70.15 5.79
CA ASN C 190 -1.27 -70.60 4.45
C ASN C 190 -1.31 -69.49 3.41
N SER C 191 -2.51 -69.00 3.08
CA SER C 191 -2.70 -68.06 1.99
C SER C 191 -2.55 -66.60 2.42
N TYR C 192 -1.76 -65.85 1.65
CA TYR C 192 -1.50 -64.44 1.91
C TYR C 192 -1.92 -63.60 0.71
N THR C 193 -2.56 -62.47 0.98
CA THR C 193 -3.30 -61.74 -0.05
C THR C 193 -3.24 -60.24 0.18
N CYS C 194 -3.02 -59.51 -0.90
CA CYS C 194 -3.23 -58.06 -0.87
C CYS C 194 -4.21 -57.62 -1.95
N GLU C 195 -5.06 -56.66 -1.57
CA GLU C 195 -6.15 -56.16 -2.40
C GLU C 195 -6.04 -54.67 -2.68
N ALA C 196 -6.14 -54.32 -3.94
CA ALA C 196 -6.04 -52.93 -4.38
C ALA C 196 -7.40 -52.40 -4.76
N THR C 197 -7.80 -51.29 -4.15
CA THR C 197 -9.03 -50.63 -4.55
C THR C 197 -8.72 -49.25 -5.16
N HIS C 198 -9.11 -49.09 -6.41
CA HIS C 198 -8.73 -47.90 -7.16
C HIS C 198 -9.87 -47.47 -8.09
N LYS C 199 -10.00 -46.16 -8.26
CA LYS C 199 -11.00 -45.54 -9.14
C LYS C 199 -11.21 -46.26 -10.48
N THR C 200 -10.16 -46.90 -10.99
CA THR C 200 -10.17 -47.55 -12.32
C THR C 200 -10.96 -48.85 -12.38
N SER C 201 -11.23 -49.44 -11.22
CA SER C 201 -11.91 -50.72 -11.15
C SER C 201 -12.76 -50.79 -9.88
N THR C 202 -14.06 -51.05 -10.06
CA THR C 202 -14.99 -51.12 -8.92
C THR C 202 -14.84 -52.44 -8.13
N SER C 203 -14.18 -53.41 -8.76
CA SER C 203 -13.73 -54.64 -8.09
C SER C 203 -12.25 -54.52 -7.73
N PRO C 204 -11.85 -55.07 -6.56
CA PRO C 204 -10.45 -55.04 -6.14
C PRO C 204 -9.53 -55.83 -7.07
N ILE C 205 -8.30 -55.36 -7.22
CA ILE C 205 -7.26 -56.15 -7.87
C ILE C 205 -6.59 -57.01 -6.81
N VAL C 206 -6.70 -58.32 -6.98
CA VAL C 206 -6.34 -59.28 -5.95
C VAL C 206 -5.13 -60.12 -6.35
N LYS C 207 -4.12 -60.10 -5.51
CA LYS C 207 -2.93 -60.93 -5.72
C LYS C 207 -2.63 -61.74 -4.47
N SER C 208 -2.47 -63.05 -4.67
CA SER C 208 -2.30 -64.02 -3.58
C SER C 208 -1.17 -64.99 -3.85
N PHE C 209 -0.69 -65.60 -2.78
CA PHE C 209 0.18 -66.77 -2.88
C PHE C 209 -0.02 -67.64 -1.65
N ASN C 210 -0.02 -68.95 -1.87
CA ASN C 210 -0.13 -69.90 -0.77
C ASN C 210 1.25 -70.34 -0.32
N ARG C 211 1.47 -70.28 0.99
CA ARG C 211 2.77 -70.56 1.59
C ARG C 211 3.34 -71.92 1.17
N ASN C 212 2.49 -72.94 1.14
CA ASN C 212 2.93 -74.26 0.71
C ASN C 212 2.62 -74.47 -0.77
N GLU C 213 3.59 -74.14 -1.61
CA GLU C 213 3.46 -74.32 -3.06
C GLU C 213 4.75 -74.87 -3.69
N CYS C 214 5.70 -73.97 -3.98
CA CYS C 214 6.96 -74.31 -4.68
C CYS C 214 6.74 -75.19 -5.92
N GLU D 1 32.31 -24.10 -14.75
CA GLU D 1 30.97 -23.62 -14.26
C GLU D 1 30.91 -23.53 -12.73
N VAL D 2 29.99 -22.70 -12.24
CA VAL D 2 29.84 -22.45 -10.80
C VAL D 2 29.25 -23.66 -10.08
N LYS D 3 29.95 -24.12 -9.06
CA LYS D 3 29.60 -25.34 -8.34
C LYS D 3 29.77 -25.16 -6.84
N LEU D 4 28.74 -25.55 -6.09
CA LEU D 4 28.81 -25.62 -4.63
C LEU D 4 28.58 -27.06 -4.16
N GLN D 5 29.63 -27.69 -3.62
CA GLN D 5 29.56 -29.08 -3.13
C GLN D 5 29.50 -29.16 -1.61
N GLN D 6 28.32 -29.48 -1.10
CA GLN D 6 28.11 -29.62 0.33
C GLN D 6 28.58 -30.99 0.88
N SER D 7 28.98 -31.01 2.15
CA SER D 7 29.44 -32.22 2.83
C SER D 7 28.30 -33.22 3.07
N GLY D 8 28.64 -34.50 3.30
CA GLY D 8 27.67 -35.60 3.40
C GLY D 8 26.67 -35.56 4.56
N PRO D 9 25.75 -36.53 4.63
CA PRO D 9 24.72 -36.60 5.68
C PRO D 9 25.30 -36.72 7.09
N GLU D 10 24.61 -36.11 8.05
CA GLU D 10 25.07 -36.11 9.43
C GLU D 10 24.04 -36.69 10.40
N LEU D 11 24.53 -37.40 11.41
CA LEU D 11 23.72 -37.81 12.55
C LEU D 11 24.32 -37.20 13.82
N VAL D 12 23.49 -36.45 14.55
CA VAL D 12 23.92 -35.69 15.70
C VAL D 12 23.04 -35.99 16.91
N LYS D 13 23.69 -36.23 18.05
CA LYS D 13 22.99 -36.45 19.31
C LYS D 13 22.22 -35.21 19.75
N PRO D 14 21.05 -35.41 20.41
CA PRO D 14 20.37 -34.25 20.98
C PRO D 14 21.27 -33.54 21.99
N GLY D 15 21.49 -32.24 21.80
CA GLY D 15 22.32 -31.47 22.70
C GLY D 15 23.69 -31.20 22.11
N ALA D 16 24.11 -32.05 21.18
CA ALA D 16 25.41 -31.88 20.55
C ALA D 16 25.42 -30.81 19.44
N SER D 17 26.56 -30.69 18.78
CA SER D 17 26.74 -29.71 17.72
C SER D 17 27.26 -30.39 16.46
N VAL D 18 27.25 -29.65 15.36
CA VAL D 18 27.91 -30.09 14.13
C VAL D 18 28.28 -28.90 13.24
N LYS D 19 29.35 -29.07 12.46
CA LYS D 19 29.76 -28.10 11.46
C LYS D 19 29.71 -28.72 10.05
N ILE D 20 28.83 -28.19 9.19
CA ILE D 20 28.69 -28.65 7.80
C ILE D 20 29.33 -27.66 6.83
N SER D 21 29.73 -28.14 5.65
CA SER D 21 30.60 -27.36 4.77
C SER D 21 30.07 -27.20 3.34
N CYS D 22 30.51 -26.12 2.70
CA CYS D 22 30.09 -25.81 1.34
C CYS D 22 31.32 -25.40 0.54
N LYS D 23 31.83 -26.35 -0.23
CA LYS D 23 33.00 -26.14 -1.08
C LYS D 23 32.60 -25.47 -2.39
N ALA D 24 33.15 -24.28 -2.65
CA ALA D 24 32.90 -23.54 -3.89
C ALA D 24 34.02 -23.70 -4.92
N SER D 25 33.64 -23.57 -6.19
CA SER D 25 34.58 -23.62 -7.31
C SER D 25 33.93 -23.02 -8.56
N GLY D 26 34.77 -22.72 -9.57
CA GLY D 26 34.31 -22.18 -10.85
C GLY D 26 34.01 -20.69 -10.87
N TYR D 27 34.52 -19.96 -9.87
CA TYR D 27 34.31 -18.52 -9.74
C TYR D 27 35.20 -17.97 -8.62
N SER D 28 35.33 -16.63 -8.54
CA SER D 28 36.07 -15.97 -7.45
C SER D 28 35.33 -16.01 -6.12
N PHE D 29 35.77 -16.91 -5.25
CA PHE D 29 35.12 -17.22 -3.98
C PHE D 29 34.90 -16.00 -3.07
N THR D 30 35.87 -15.10 -3.04
CA THR D 30 35.91 -13.96 -2.12
C THR D 30 35.00 -12.82 -2.57
N SER D 31 34.30 -12.99 -3.69
CA SER D 31 33.59 -11.90 -4.33
C SER D 31 32.07 -11.96 -4.22
N TYR D 32 31.52 -13.05 -3.71
CA TYR D 32 30.07 -13.24 -3.69
C TYR D 32 29.57 -13.73 -2.36
N TYR D 33 28.38 -13.27 -2.01
CA TYR D 33 27.68 -13.73 -0.83
C TYR D 33 27.33 -15.22 -0.96
N ILE D 34 27.47 -15.95 0.15
CA ILE D 34 26.89 -17.28 0.32
C ILE D 34 25.75 -17.16 1.33
N HIS D 35 24.60 -17.73 0.97
CA HIS D 35 23.43 -17.78 1.83
C HIS D 35 23.20 -19.20 2.29
N TRP D 36 22.55 -19.36 3.43
CA TRP D 36 22.15 -20.70 3.85
C TRP D 36 20.65 -20.76 4.06
N VAL D 37 20.05 -21.89 3.70
CA VAL D 37 18.60 -22.12 3.76
C VAL D 37 18.33 -23.47 4.42
N LYS D 38 17.27 -23.51 5.24
CA LYS D 38 16.88 -24.72 5.96
C LYS D 38 15.60 -25.26 5.35
N GLN D 39 15.48 -26.59 5.31
CA GLN D 39 14.23 -27.23 4.90
C GLN D 39 13.93 -28.51 5.70
N ARG D 40 13.00 -28.38 6.65
CA ARG D 40 12.46 -29.49 7.43
C ARG D 40 11.77 -30.45 6.47
N PRO D 41 11.87 -31.77 6.73
CA PRO D 41 11.32 -32.76 5.80
C PRO D 41 9.87 -32.42 5.42
N GLY D 42 9.58 -32.47 4.11
CA GLY D 42 8.26 -32.11 3.57
C GLY D 42 7.68 -30.77 4.06
N GLN D 43 8.52 -29.76 4.17
CA GLN D 43 8.11 -28.44 4.67
C GLN D 43 8.63 -27.34 3.75
N GLY D 44 8.46 -26.08 4.14
CA GLY D 44 8.92 -24.95 3.32
C GLY D 44 10.39 -24.61 3.47
N LEU D 45 10.77 -23.44 2.99
CA LEU D 45 12.16 -22.97 3.08
C LEU D 45 12.29 -21.76 4.03
N GLU D 46 13.38 -21.75 4.79
CA GLU D 46 13.75 -20.62 5.62
C GLU D 46 15.17 -20.16 5.33
N TRP D 47 15.35 -18.86 5.22
CA TRP D 47 16.69 -18.29 5.05
C TRP D 47 17.33 -18.20 6.42
N ILE D 48 18.57 -18.66 6.55
CA ILE D 48 19.27 -18.67 7.83
C ILE D 48 20.11 -17.41 7.99
N GLY D 49 20.89 -17.08 6.97
CA GLY D 49 21.80 -15.96 7.05
C GLY D 49 22.72 -15.96 5.84
N TRP D 50 23.63 -14.99 5.81
CA TRP D 50 24.63 -14.97 4.77
C TRP D 50 26.03 -14.81 5.35
N VAL D 51 27.01 -15.17 4.53
CA VAL D 51 28.40 -14.80 4.81
C VAL D 51 29.04 -14.26 3.54
N PHE D 52 29.74 -13.14 3.67
CA PHE D 52 30.54 -12.65 2.58
C PHE D 52 32.00 -13.01 2.85
N PRO D 53 32.50 -14.05 2.15
CA PRO D 53 33.90 -14.44 2.29
C PRO D 53 34.76 -13.37 1.66
N GLY D 54 35.88 -13.07 2.29
CA GLY D 54 36.63 -11.90 1.88
C GLY D 54 36.67 -10.95 3.05
N SER D 55 35.55 -10.81 3.73
CA SER D 55 35.47 -9.99 4.93
C SER D 55 35.05 -10.78 6.16
N GLY D 56 34.39 -11.91 5.95
CA GLY D 56 33.85 -12.68 7.07
C GLY D 56 32.56 -12.08 7.60
N ASN D 57 32.14 -10.96 7.02
CA ASN D 57 30.91 -10.30 7.43
C ASN D 57 29.70 -11.24 7.27
N THR D 58 28.84 -11.27 8.29
CA THR D 58 27.67 -12.14 8.31
C THR D 58 26.42 -11.37 8.72
N LYS D 59 25.28 -11.85 8.25
CA LYS D 59 23.99 -11.35 8.75
C LYS D 59 23.06 -12.51 8.90
N TYR D 60 22.34 -12.51 10.02
CA TYR D 60 21.52 -13.64 10.44
C TYR D 60 20.04 -13.35 10.42
N ASN D 61 19.27 -14.40 10.13
CA ASN D 61 17.85 -14.44 10.46
C ASN D 61 17.76 -14.65 11.97
N GLU D 62 17.22 -13.69 12.70
CA GLU D 62 17.32 -13.73 14.18
C GLU D 62 16.75 -14.97 14.88
N LYS D 63 15.93 -15.74 14.17
CA LYS D 63 15.46 -17.04 14.68
C LYS D 63 16.63 -18.00 14.90
N PHE D 64 17.75 -17.73 14.25
CA PHE D 64 18.88 -18.63 14.28
C PHE D 64 20.09 -18.13 15.08
N LYS D 65 19.91 -17.08 15.88
CA LYS D 65 21.06 -16.40 16.49
C LYS D 65 21.88 -17.31 17.43
N GLY D 66 21.21 -18.00 18.34
CA GLY D 66 21.89 -18.97 19.20
C GLY D 66 22.27 -20.26 18.49
N LYS D 67 21.82 -20.43 17.25
CA LYS D 67 21.81 -21.73 16.59
C LYS D 67 22.88 -21.89 15.52
N ALA D 68 22.92 -20.94 14.59
CA ALA D 68 23.85 -20.97 13.46
C ALA D 68 24.99 -20.00 13.66
N THR D 69 26.16 -20.41 13.16
CA THR D 69 27.33 -19.55 13.05
C THR D 69 27.93 -19.81 11.68
N LEU D 70 28.08 -18.73 10.91
CA LEU D 70 28.57 -18.84 9.55
C LEU D 70 29.99 -18.30 9.45
N THR D 71 30.85 -19.05 8.77
CA THR D 71 32.22 -18.63 8.55
C THR D 71 32.66 -19.07 7.17
N ALA D 72 33.84 -18.62 6.76
CA ALA D 72 34.42 -19.05 5.49
C ALA D 72 35.93 -19.09 5.57
N ASP D 73 36.52 -19.96 4.77
CA ASP D 73 37.96 -20.02 4.64
C ASP D 73 38.30 -19.78 3.17
N THR D 74 38.84 -18.60 2.91
CA THR D 74 39.13 -18.16 1.56
C THR D 74 40.24 -18.97 0.92
N SER D 75 41.10 -19.55 1.74
CA SER D 75 42.22 -20.36 1.25
C SER D 75 41.79 -21.77 0.82
N SER D 76 40.69 -22.26 1.36
CA SER D 76 40.15 -23.57 0.98
C SER D 76 38.90 -23.46 0.11
N SER D 77 38.40 -22.23 -0.04
CA SER D 77 37.21 -21.94 -0.87
C SER D 77 35.95 -22.60 -0.35
N THR D 78 35.88 -22.82 0.97
CA THR D 78 34.68 -23.42 1.55
C THR D 78 34.03 -22.50 2.58
N ALA D 79 32.70 -22.48 2.57
CA ALA D 79 31.94 -21.78 3.61
C ALA D 79 31.48 -22.82 4.63
N TYR D 80 31.29 -22.37 5.87
CA TYR D 80 30.89 -23.28 6.94
C TYR D 80 29.63 -22.82 7.68
N MET D 81 28.90 -23.81 8.20
CA MET D 81 27.81 -23.53 9.13
C MET D 81 27.91 -24.41 10.38
N GLN D 82 28.05 -23.75 11.52
CA GLN D 82 28.08 -24.41 12.81
C GLN D 82 26.67 -24.38 13.37
N LEU D 83 26.12 -25.55 13.62
CA LEU D 83 24.84 -25.65 14.32
C LEU D 83 25.09 -26.15 15.73
N SER D 84 24.66 -25.37 16.71
CA SER D 84 25.00 -25.63 18.10
C SER D 84 23.79 -26.18 18.85
N SER D 85 24.05 -27.11 19.76
CA SER D 85 23.09 -27.50 20.79
C SER D 85 21.74 -27.96 20.19
N LEU D 86 21.80 -29.04 19.41
CA LEU D 86 20.71 -29.42 18.53
C LEU D 86 19.48 -30.05 19.22
N THR D 87 18.32 -29.88 18.58
CA THR D 87 17.06 -30.51 18.99
C THR D 87 16.39 -31.09 17.74
N SER D 88 15.30 -31.82 17.92
CA SER D 88 14.60 -32.43 16.81
C SER D 88 14.08 -31.40 15.80
N GLU D 89 13.80 -30.18 16.29
CA GLU D 89 13.44 -29.07 15.42
C GLU D 89 14.53 -28.78 14.39
N ASP D 90 15.74 -29.27 14.63
CA ASP D 90 16.88 -28.97 13.77
C ASP D 90 17.14 -30.03 12.70
N SER D 91 16.51 -31.21 12.83
CA SER D 91 16.60 -32.21 11.77
C SER D 91 16.02 -31.62 10.51
N ALA D 92 16.86 -31.42 9.51
CA ALA D 92 16.42 -30.82 8.27
C ALA D 92 17.41 -31.06 7.15
N VAL D 93 17.11 -30.50 5.98
CA VAL D 93 18.09 -30.41 4.91
C VAL D 93 18.60 -28.97 4.86
N TYR D 94 19.91 -28.82 4.77
CA TYR D 94 20.50 -27.48 4.73
C TYR D 94 21.20 -27.24 3.38
N PHE D 95 20.91 -26.09 2.77
CA PHE D 95 21.50 -25.72 1.50
C PHE D 95 22.36 -24.50 1.68
N CYS D 96 23.45 -24.42 0.90
CA CYS D 96 24.15 -23.16 0.70
C CYS D 96 23.78 -22.69 -0.71
N ALA D 97 23.84 -21.39 -0.92
CA ALA D 97 23.47 -20.80 -2.20
C ALA D 97 24.24 -19.51 -2.40
N ARG D 98 24.82 -19.38 -3.60
CA ARG D 98 25.60 -18.20 -3.94
C ARG D 98 24.70 -17.16 -4.56
N GLY D 99 24.98 -15.90 -4.24
CA GLY D 99 24.20 -14.78 -4.73
C GLY D 99 24.52 -14.43 -6.18
N ASN D 100 23.66 -13.61 -6.76
CA ASN D 100 23.86 -13.12 -8.11
C ASN D 100 23.06 -11.87 -8.33
N TYR D 101 23.59 -10.97 -9.16
CA TYR D 101 22.97 -9.69 -9.49
C TYR D 101 23.04 -8.67 -8.34
N ASP D 102 22.38 -7.52 -8.57
CA ASP D 102 22.17 -6.43 -7.61
C ASP D 102 21.99 -6.85 -6.16
N ARG D 103 21.10 -7.80 -5.94
CA ARG D 103 20.60 -8.08 -4.60
C ARG D 103 21.10 -9.41 -4.06
N ALA D 104 22.07 -10.02 -4.77
CA ALA D 104 22.57 -11.35 -4.44
C ALA D 104 21.46 -12.38 -4.24
N TRP D 105 20.70 -12.59 -5.31
CA TRP D 105 19.58 -13.55 -5.32
C TRP D 105 20.10 -14.98 -5.21
N PHE D 106 19.30 -15.88 -4.65
CA PHE D 106 19.69 -17.27 -4.46
C PHE D 106 19.77 -18.04 -5.80
N ALA D 107 20.87 -17.85 -6.52
CA ALA D 107 20.98 -18.35 -7.88
C ALA D 107 21.66 -19.71 -7.97
N TYR D 108 22.76 -19.87 -7.23
CA TYR D 108 23.54 -21.11 -7.30
C TYR D 108 23.42 -21.93 -6.00
N TRP D 109 22.69 -23.03 -6.09
CA TRP D 109 22.39 -23.87 -4.94
C TRP D 109 23.32 -25.06 -4.82
N GLY D 110 23.70 -25.38 -3.59
CA GLY D 110 24.39 -26.64 -3.29
C GLY D 110 23.36 -27.75 -3.30
N GLN D 111 23.81 -29.00 -3.29
CA GLN D 111 22.87 -30.11 -3.41
C GLN D 111 22.11 -30.40 -2.11
N GLY D 112 22.58 -29.85 -0.99
CA GLY D 112 21.91 -30.03 0.30
C GLY D 112 22.59 -31.08 1.16
N THR D 113 22.73 -30.79 2.45
CA THR D 113 23.21 -31.74 3.44
C THR D 113 22.08 -32.07 4.42
N LEU D 114 21.77 -33.37 4.54
CA LEU D 114 20.76 -33.85 5.46
C LEU D 114 21.36 -34.03 6.82
N VAL D 115 20.69 -33.46 7.84
CA VAL D 115 21.12 -33.58 9.23
C VAL D 115 19.97 -34.17 10.04
N THR D 116 20.21 -35.38 10.57
CA THR D 116 19.26 -36.06 11.43
C THR D 116 19.73 -35.89 12.87
N VAL D 117 18.84 -35.36 13.70
CA VAL D 117 19.06 -35.23 15.14
C VAL D 117 18.29 -36.34 15.85
N SER D 118 19.04 -37.28 16.43
CA SER D 118 18.45 -38.42 17.12
C SER D 118 19.42 -39.00 18.12
N ALA D 119 18.87 -39.69 19.11
CA ALA D 119 19.65 -40.46 20.07
C ALA D 119 19.91 -41.92 19.62
N ALA D 120 19.24 -42.37 18.54
CA ALA D 120 19.33 -43.78 18.12
C ALA D 120 20.68 -44.18 17.52
N LYS D 121 21.00 -45.47 17.61
CA LYS D 121 22.30 -45.97 17.16
C LYS D 121 22.31 -46.30 15.67
N THR D 122 23.46 -46.08 15.03
CA THR D 122 23.66 -46.41 13.63
C THR D 122 23.52 -47.91 13.46
N THR D 123 22.71 -48.30 12.47
CA THR D 123 22.48 -49.71 12.15
C THR D 123 22.57 -49.92 10.64
N PRO D 124 23.33 -50.93 10.21
CA PRO D 124 23.32 -51.25 8.79
C PRO D 124 22.00 -51.93 8.40
N PRO D 125 21.66 -51.93 7.09
CA PRO D 125 20.45 -52.61 6.69
C PRO D 125 20.68 -54.08 6.37
N SER D 126 19.63 -54.88 6.53
CA SER D 126 19.61 -56.21 5.92
C SER D 126 18.96 -56.05 4.55
N VAL D 127 19.54 -56.69 3.54
CA VAL D 127 19.07 -56.55 2.16
C VAL D 127 18.56 -57.87 1.62
N TYR D 128 17.28 -57.89 1.25
CA TYR D 128 16.60 -59.14 0.85
C TYR D 128 16.02 -59.05 -0.55
N PRO D 129 16.29 -60.08 -1.39
CA PRO D 129 15.78 -60.07 -2.76
C PRO D 129 14.30 -60.41 -2.79
N LEU D 130 13.55 -59.79 -3.69
CA LEU D 130 12.15 -60.12 -3.84
C LEU D 130 11.93 -60.70 -5.22
N ALA D 131 11.83 -62.03 -5.30
CA ALA D 131 11.50 -62.70 -6.56
C ALA D 131 10.05 -63.20 -6.49
N PRO D 132 9.42 -63.43 -7.65
CA PRO D 132 8.01 -63.89 -7.59
C PRO D 132 7.90 -65.33 -7.09
N GLY D 133 6.81 -65.63 -6.37
CA GLY D 133 6.48 -67.01 -6.01
C GLY D 133 6.53 -67.92 -7.23
N SER D 134 7.23 -69.05 -7.09
CA SER D 134 7.51 -69.97 -8.21
C SER D 134 6.26 -70.66 -8.75
N ALA D 135 5.26 -70.81 -7.88
CA ALA D 135 3.97 -71.33 -8.27
C ALA D 135 2.99 -70.20 -8.59
N ALA D 136 3.48 -69.23 -9.37
CA ALA D 136 2.65 -68.17 -9.94
C ALA D 136 3.04 -68.01 -11.40
N GLN D 137 2.04 -67.83 -12.26
CA GLN D 137 2.26 -67.69 -13.71
C GLN D 137 3.14 -66.48 -14.04
N THR D 138 3.86 -66.57 -15.15
CA THR D 138 4.73 -65.48 -15.57
C THR D 138 4.06 -64.57 -16.58
N ASN D 139 4.05 -63.29 -16.26
CA ASN D 139 3.51 -62.28 -17.15
C ASN D 139 4.62 -61.66 -18.00
N SER D 140 4.28 -61.27 -19.24
CA SER D 140 5.21 -60.67 -20.20
C SER D 140 6.15 -59.64 -19.61
N MET D 141 5.62 -58.85 -18.68
CA MET D 141 6.41 -57.91 -17.92
C MET D 141 6.57 -58.54 -16.56
N VAL D 142 7.80 -58.52 -16.07
CA VAL D 142 8.10 -59.12 -14.78
C VAL D 142 8.59 -58.06 -13.79
N THR D 143 8.05 -58.10 -12.58
CA THR D 143 8.43 -57.16 -11.54
C THR D 143 9.22 -57.88 -10.46
N LEU D 144 10.44 -57.40 -10.27
CA LEU D 144 11.36 -57.92 -9.26
C LEU D 144 11.48 -56.87 -8.15
N GLY D 145 12.13 -57.23 -7.05
CA GLY D 145 12.30 -56.27 -5.96
C GLY D 145 13.50 -56.50 -5.06
N CYS D 146 13.59 -55.65 -4.06
CA CYS D 146 14.76 -55.54 -3.23
C CYS D 146 14.24 -54.89 -1.95
N LEU D 147 14.36 -55.59 -0.83
CA LEU D 147 13.83 -55.09 0.43
C LEU D 147 14.97 -54.72 1.35
N VAL D 148 14.98 -53.47 1.81
CA VAL D 148 16.10 -52.94 2.58
C VAL D 148 15.61 -52.59 3.99
N LYS D 149 15.99 -53.43 4.95
CA LYS D 149 15.34 -53.46 6.25
C LYS D 149 16.23 -53.06 7.43
N GLY D 150 15.64 -52.35 8.37
CA GLY D 150 16.24 -52.08 9.68
C GLY D 150 17.55 -51.33 9.69
N TYR D 151 17.56 -50.15 9.06
CA TYR D 151 18.77 -49.35 9.06
C TYR D 151 18.54 -48.02 9.76
N PHE D 152 19.64 -47.35 10.07
CA PHE D 152 19.62 -46.02 10.68
C PHE D 152 21.01 -45.39 10.63
N PRO D 153 21.09 -44.11 10.20
CA PRO D 153 20.00 -43.24 9.78
C PRO D 153 19.84 -43.24 8.26
N GLU D 154 19.11 -42.25 7.74
CA GLU D 154 19.03 -42.00 6.32
C GLU D 154 20.36 -41.33 5.90
N PRO D 155 20.73 -41.45 4.61
CA PRO D 155 19.91 -42.07 3.60
C PRO D 155 20.45 -43.42 3.21
N VAL D 156 19.77 -44.04 2.26
CA VAL D 156 20.27 -45.20 1.55
C VAL D 156 20.14 -44.87 0.06
N THR D 157 21.06 -45.39 -0.73
CA THR D 157 20.98 -45.26 -2.19
C THR D 157 20.78 -46.65 -2.80
N VAL D 158 19.78 -46.78 -3.66
CA VAL D 158 19.53 -48.05 -4.34
C VAL D 158 19.61 -47.90 -5.86
N THR D 159 20.49 -48.66 -6.50
CA THR D 159 20.46 -48.78 -7.97
C THR D 159 20.29 -50.24 -8.41
N TRP D 160 20.08 -50.44 -9.70
CA TRP D 160 19.91 -51.76 -10.29
C TRP D 160 20.89 -51.92 -11.45
N ASN D 161 21.66 -53.01 -11.41
CA ASN D 161 22.78 -53.21 -12.33
C ASN D 161 23.66 -51.96 -12.39
N SER D 162 23.90 -51.36 -11.23
CA SER D 162 24.75 -50.17 -11.10
C SER D 162 24.23 -49.00 -11.91
N GLY D 163 22.90 -48.90 -12.02
CA GLY D 163 22.25 -47.83 -12.77
C GLY D 163 22.12 -48.04 -14.28
N SER D 164 22.57 -49.18 -14.79
CA SER D 164 22.29 -49.56 -16.18
C SER D 164 20.78 -49.66 -16.38
N LEU D 165 20.09 -50.18 -15.35
CA LEU D 165 18.64 -50.27 -15.32
C LEU D 165 18.04 -49.11 -14.55
N SER D 166 17.52 -48.12 -15.28
CA SER D 166 16.93 -46.92 -14.68
C SER D 166 15.46 -46.82 -15.01
N SER D 167 15.10 -47.33 -16.18
CA SER D 167 13.71 -47.40 -16.64
C SER D 167 12.93 -48.45 -15.83
N GLY D 168 11.72 -48.10 -15.41
CA GLY D 168 10.85 -49.04 -14.68
C GLY D 168 11.30 -49.38 -13.27
N VAL D 169 12.12 -48.51 -12.69
CA VAL D 169 12.57 -48.65 -11.32
C VAL D 169 11.79 -47.69 -10.44
N HIS D 170 11.27 -48.18 -9.33
CA HIS D 170 10.62 -47.34 -8.33
C HIS D 170 11.31 -47.65 -7.02
N THR D 171 11.81 -46.63 -6.34
CA THR D 171 12.31 -46.81 -4.99
C THR D 171 11.40 -46.07 -4.04
N PHE D 172 10.86 -46.78 -3.05
CA PHE D 172 9.86 -46.19 -2.16
C PHE D 172 10.50 -45.49 -0.96
N PRO D 173 9.91 -44.36 -0.52
CA PRO D 173 10.46 -43.66 0.65
C PRO D 173 10.44 -44.59 1.85
N ALA D 174 11.50 -44.53 2.66
CA ALA D 174 11.60 -45.37 3.85
C ALA D 174 10.51 -45.03 4.86
N VAL D 175 10.07 -46.03 5.61
CA VAL D 175 9.14 -45.80 6.71
C VAL D 175 9.88 -46.03 8.04
N LEU D 176 9.60 -45.17 9.03
CA LEU D 176 10.27 -45.22 10.33
C LEU D 176 9.46 -45.95 11.40
N GLN D 177 10.07 -46.95 12.00
CA GLN D 177 9.45 -47.79 13.02
C GLN D 177 10.45 -47.98 14.15
N SER D 178 10.12 -47.47 15.33
CA SER D 178 11.01 -47.49 16.50
C SER D 178 12.50 -47.48 16.15
N ASP D 179 12.93 -46.33 15.60
CA ASP D 179 14.36 -46.01 15.36
C ASP D 179 15.05 -46.82 14.26
N LEU D 180 14.26 -47.43 13.39
CA LEU D 180 14.80 -48.17 12.25
C LEU D 180 13.97 -47.88 11.03
N TYR D 181 14.65 -47.51 9.94
CA TYR D 181 14.00 -47.32 8.65
C TYR D 181 13.96 -48.61 7.87
N THR D 182 13.01 -48.70 6.96
CA THR D 182 13.00 -49.77 5.98
C THR D 182 12.38 -49.27 4.67
N LEU D 183 13.00 -49.64 3.56
CA LEU D 183 12.46 -49.31 2.25
C LEU D 183 12.58 -50.46 1.27
N SER D 184 11.86 -50.33 0.16
CA SER D 184 11.96 -51.31 -0.90
C SER D 184 12.16 -50.60 -2.24
N SER D 185 12.62 -51.37 -3.23
CA SER D 185 12.81 -50.85 -4.56
C SER D 185 12.30 -51.87 -5.56
N SER D 186 11.40 -51.45 -6.44
CA SER D 186 10.86 -52.34 -7.47
C SER D 186 11.50 -52.03 -8.80
N VAL D 187 11.54 -53.04 -9.67
CA VAL D 187 12.06 -52.91 -11.03
C VAL D 187 11.24 -53.81 -11.95
N THR D 188 10.93 -53.32 -13.15
CA THR D 188 10.06 -54.02 -14.07
C THR D 188 10.70 -54.15 -15.44
N VAL D 189 10.75 -55.36 -15.95
CA VAL D 189 11.45 -55.62 -17.20
C VAL D 189 10.66 -56.66 -17.99
N PRO D 190 10.91 -56.74 -19.31
CA PRO D 190 10.21 -57.81 -20.01
C PRO D 190 10.64 -59.17 -19.45
N SER D 191 9.74 -60.14 -19.47
CA SER D 191 10.10 -61.53 -19.18
C SER D 191 11.30 -62.01 -19.99
N SER D 192 11.62 -61.34 -21.10
CA SER D 192 12.73 -61.82 -21.93
C SER D 192 14.10 -61.32 -21.43
N THR D 193 14.08 -60.41 -20.45
CA THR D 193 15.34 -59.92 -19.88
C THR D 193 15.68 -60.60 -18.57
N TRP D 194 14.68 -60.93 -17.77
CA TRP D 194 14.92 -61.70 -16.55
C TRP D 194 14.16 -63.03 -16.57
N PRO D 195 14.81 -64.13 -16.14
CA PRO D 195 16.14 -64.20 -15.58
C PRO D 195 17.24 -64.47 -16.61
N SER D 196 16.96 -64.25 -17.90
CA SER D 196 18.00 -64.42 -18.94
C SER D 196 19.28 -63.64 -18.62
N GLU D 197 19.10 -62.37 -18.27
CA GLU D 197 20.19 -61.50 -17.89
C GLU D 197 20.14 -61.27 -16.38
N THR D 198 21.29 -60.95 -15.80
CA THR D 198 21.41 -60.85 -14.35
C THR D 198 20.80 -59.54 -13.85
N VAL D 199 20.02 -59.62 -12.78
CA VAL D 199 19.44 -58.42 -12.20
C VAL D 199 19.80 -58.31 -10.72
N THR D 200 20.54 -57.25 -10.40
CA THR D 200 21.17 -57.08 -9.11
C THR D 200 20.74 -55.73 -8.53
N CYS D 201 20.34 -55.70 -7.26
CA CYS D 201 20.07 -54.42 -6.64
C CYS D 201 21.25 -54.02 -5.78
N ASN D 202 21.68 -52.78 -5.94
CA ASN D 202 22.82 -52.20 -5.23
C ASN D 202 22.34 -51.28 -4.15
N VAL D 203 22.60 -51.69 -2.91
CA VAL D 203 22.22 -50.91 -1.74
C VAL D 203 23.49 -50.34 -1.10
N ALA D 204 23.44 -49.06 -0.77
CA ALA D 204 24.52 -48.45 0.01
C ALA D 204 23.97 -47.69 1.20
N HIS D 205 24.62 -47.86 2.33
CA HIS D 205 24.30 -47.14 3.55
C HIS D 205 25.60 -46.61 4.10
N PRO D 206 26.03 -45.43 3.62
CA PRO D 206 27.32 -44.85 3.99
C PRO D 206 27.58 -44.77 5.49
N ALA D 207 26.56 -44.39 6.27
CA ALA D 207 26.72 -44.22 7.73
C ALA D 207 27.34 -45.42 8.44
N SER D 208 27.15 -46.60 7.88
CA SER D 208 27.69 -47.83 8.48
C SER D 208 28.70 -48.50 7.55
N SER D 209 29.17 -47.73 6.56
CA SER D 209 30.07 -48.23 5.52
C SER D 209 29.57 -49.55 4.90
N THR D 210 28.26 -49.63 4.68
CA THR D 210 27.63 -50.80 4.05
C THR D 210 27.49 -50.58 2.53
N LYS D 211 28.00 -51.53 1.75
CA LYS D 211 27.81 -51.55 0.31
C LYS D 211 27.59 -53.02 -0.12
N VAL D 212 26.37 -53.33 -0.53
CA VAL D 212 26.01 -54.71 -0.90
C VAL D 212 25.29 -54.84 -2.25
N ASP D 213 25.67 -55.86 -3.00
CA ASP D 213 24.99 -56.27 -4.21
C ASP D 213 24.13 -57.49 -3.89
N LYS D 214 22.90 -57.51 -4.38
CA LYS D 214 22.03 -58.67 -4.21
C LYS D 214 21.44 -59.10 -5.55
N LYS D 215 21.85 -60.26 -6.03
CA LYS D 215 21.31 -60.80 -7.28
C LYS D 215 19.93 -61.38 -7.05
N ILE D 216 18.98 -61.00 -7.90
CA ILE D 216 17.65 -61.58 -7.83
C ILE D 216 17.61 -62.87 -8.68
N VAL D 217 17.54 -64.00 -7.97
CA VAL D 217 17.49 -65.34 -8.57
C VAL D 217 16.09 -65.93 -8.40
N PRO D 218 15.61 -66.65 -9.43
CA PRO D 218 14.29 -67.26 -9.37
C PRO D 218 14.19 -68.32 -8.26
N ARG D 219 13.03 -68.38 -7.62
CA ARG D 219 12.78 -69.26 -6.49
C ARG D 219 12.72 -70.74 -6.90
N GLU E 2 -38.17 1.03 5.34
CA GLU E 2 -36.92 1.71 5.78
C GLU E 2 -36.45 1.14 7.13
N GLU E 3 -35.51 0.22 7.09
CA GLU E 3 -34.98 -0.36 8.31
C GLU E 3 -33.77 0.40 8.83
N LEU E 4 -33.59 0.34 10.15
CA LEU E 4 -32.48 1.04 10.82
C LEU E 4 -31.12 0.69 10.23
N GLN E 5 -30.32 1.72 9.96
CA GLN E 5 -28.96 1.54 9.46
C GLN E 5 -27.92 2.16 10.39
N MET E 6 -26.72 1.60 10.38
CA MET E 6 -25.65 2.04 11.24
C MET E 6 -24.59 2.73 10.41
N ILE E 7 -24.56 4.07 10.50
CA ILE E 7 -23.69 4.88 9.67
C ILE E 7 -22.40 5.25 10.39
N GLN E 8 -21.27 4.84 9.81
CA GLN E 8 -19.95 5.23 10.29
C GLN E 8 -19.17 5.77 9.12
N PRO E 9 -19.17 7.11 8.96
CA PRO E 9 -18.65 7.78 7.77
C PRO E 9 -17.17 7.50 7.51
N GLU E 10 -16.37 7.38 8.57
CA GLU E 10 -14.93 7.30 8.37
C GLU E 10 -14.40 5.89 8.49
N LYS E 11 -13.84 5.37 7.40
CA LYS E 11 -13.28 4.01 7.41
C LYS E 11 -11.99 3.98 8.24
N LEU E 12 -11.18 5.02 8.09
CA LEU E 12 -9.97 5.17 8.90
C LEU E 12 -9.95 6.57 9.50
N LEU E 13 -9.64 6.64 10.79
CA LEU E 13 -9.52 7.90 11.49
C LEU E 13 -8.08 8.03 11.98
N LEU E 14 -7.46 9.16 11.68
CA LEU E 14 -6.10 9.49 12.14
C LEU E 14 -6.12 10.34 13.42
N VAL E 15 -5.25 10.01 14.36
CA VAL E 15 -5.11 10.79 15.59
C VAL E 15 -3.64 10.75 16.06
N THR E 16 -3.28 11.71 16.92
CA THR E 16 -1.90 11.86 17.39
C THR E 16 -1.86 11.76 18.90
N VAL E 17 -0.73 11.31 19.42
CA VAL E 17 -0.61 11.05 20.86
C VAL E 17 -1.07 12.25 21.70
N GLY E 18 -1.94 12.00 22.67
CA GLY E 18 -2.33 13.04 23.61
C GLY E 18 -3.60 13.73 23.20
N LYS E 19 -3.85 13.78 21.90
CA LYS E 19 -5.04 14.43 21.38
C LYS E 19 -6.27 13.57 21.61
N THR E 20 -7.45 14.17 21.40
CA THR E 20 -8.74 13.52 21.49
C THR E 20 -9.14 12.93 20.13
N ALA E 21 -9.81 11.78 20.16
CA ALA E 21 -10.30 11.13 18.96
C ALA E 21 -11.83 11.15 18.91
N THR E 22 -12.38 11.53 17.76
CA THR E 22 -13.84 11.55 17.62
C THR E 22 -14.30 10.47 16.67
N LEU E 23 -14.94 9.47 17.25
CA LEU E 23 -15.56 8.38 16.53
C LEU E 23 -17.01 8.69 16.19
N HIS E 24 -17.30 8.78 14.89
CA HIS E 24 -18.62 9.20 14.42
C HIS E 24 -19.53 8.04 14.09
N CYS E 25 -20.72 8.07 14.69
CA CYS E 25 -21.76 7.09 14.39
C CYS E 25 -23.15 7.67 14.48
N THR E 26 -23.97 7.40 13.46
CA THR E 26 -25.38 7.79 13.46
C THR E 26 -26.31 6.63 13.09
N VAL E 27 -27.53 6.67 13.62
CA VAL E 27 -28.58 5.72 13.24
C VAL E 27 -29.59 6.39 12.32
N THR E 28 -30.24 5.61 11.47
CA THR E 28 -31.20 6.17 10.50
C THR E 28 -32.62 6.10 11.01
N SER E 29 -32.89 5.14 11.90
CA SER E 29 -34.21 4.99 12.50
C SER E 29 -34.13 4.92 14.02
N LEU E 30 -35.26 5.15 14.67
CA LEU E 30 -35.35 5.15 16.12
C LEU E 30 -35.89 3.82 16.65
N LEU E 31 -36.62 3.11 15.80
CA LEU E 31 -37.03 1.75 16.12
C LEU E 31 -36.26 0.73 15.28
N PRO E 32 -36.04 -0.49 15.82
CA PRO E 32 -36.51 -0.97 17.13
C PRO E 32 -35.94 -0.17 18.30
N VAL E 33 -36.65 -0.19 19.43
CA VAL E 33 -36.15 0.39 20.69
C VAL E 33 -34.95 -0.43 21.17
N GLY E 34 -34.03 0.21 21.89
CA GLY E 34 -32.87 -0.49 22.42
C GLY E 34 -31.59 0.32 22.37
N PRO E 35 -30.61 -0.01 23.24
CA PRO E 35 -29.40 0.80 23.39
C PRO E 35 -28.42 0.68 22.23
N VAL E 36 -27.51 1.65 22.14
CA VAL E 36 -26.35 1.58 21.24
C VAL E 36 -25.07 1.52 22.08
N LEU E 37 -24.15 0.65 21.68
CA LEU E 37 -22.90 0.46 22.41
C LEU E 37 -21.70 0.58 21.47
N TRP E 38 -20.54 0.86 22.07
CA TRP E 38 -19.32 0.89 21.29
C TRP E 38 -18.40 -0.23 21.71
N PHE E 39 -17.72 -0.83 20.72
CA PHE E 39 -16.78 -1.92 20.97
C PHE E 39 -15.50 -1.74 20.15
N ARG E 40 -14.39 -2.21 20.69
CA ARG E 40 -13.21 -2.40 19.88
C ARG E 40 -13.12 -3.90 19.56
N GLY E 41 -12.92 -4.22 18.29
CA GLY E 41 -12.82 -5.61 17.82
C GLY E 41 -14.19 -6.21 17.51
N VAL E 42 -14.18 -7.30 16.74
CA VAL E 42 -15.40 -8.09 16.48
C VAL E 42 -15.38 -9.39 17.26
N GLY E 43 -16.44 -10.18 17.15
CA GLY E 43 -16.52 -11.49 17.80
C GLY E 43 -16.65 -11.45 19.31
N PRO E 44 -16.69 -12.64 19.95
CA PRO E 44 -16.95 -12.75 21.40
C PRO E 44 -15.87 -12.16 22.30
N GLY E 45 -14.66 -11.97 21.78
CA GLY E 45 -13.56 -11.37 22.53
C GLY E 45 -13.45 -9.85 22.50
N ARG E 46 -14.42 -9.18 21.85
CA ARG E 46 -14.43 -7.72 21.70
C ARG E 46 -14.55 -6.94 23.03
N GLU E 47 -13.93 -5.75 23.06
CA GLU E 47 -13.81 -4.93 24.26
C GLU E 47 -14.90 -3.85 24.31
N LEU E 48 -15.57 -3.74 25.45
CA LEU E 48 -16.63 -2.74 25.63
C LEU E 48 -16.01 -1.38 25.85
N ILE E 49 -16.33 -0.44 24.97
CA ILE E 49 -15.71 0.88 24.95
C ILE E 49 -16.62 1.93 25.58
N TYR E 50 -17.89 1.89 25.22
CA TYR E 50 -18.88 2.77 25.83
C TYR E 50 -20.28 2.16 25.90
N ASN E 51 -20.93 2.37 27.04
CA ASN E 51 -22.30 1.94 27.27
C ASN E 51 -23.13 3.07 27.87
N GLN E 52 -24.23 3.36 27.19
CA GLN E 52 -25.17 4.43 27.53
C GLN E 52 -25.53 4.50 29.02
N LYS E 53 -25.99 3.39 29.58
CA LYS E 53 -26.58 3.37 30.93
C LYS E 53 -25.62 2.89 32.02
N GLU E 54 -25.14 1.66 31.90
CA GLU E 54 -24.31 1.05 32.92
C GLU E 54 -22.84 0.97 32.50
N GLY E 55 -21.95 1.13 33.48
CA GLY E 55 -20.52 1.08 33.23
C GLY E 55 -19.85 2.41 33.51
N HIS E 56 -18.54 2.36 33.77
CA HIS E 56 -17.75 3.55 34.03
C HIS E 56 -16.72 3.74 32.91
N PHE E 57 -16.81 4.88 32.22
CA PHE E 57 -15.93 5.15 31.07
C PHE E 57 -15.32 6.55 31.14
N PRO E 58 -14.30 6.71 32.01
CA PRO E 58 -13.74 8.04 32.32
C PRO E 58 -13.15 8.74 31.11
N ARG E 59 -12.73 7.99 30.09
CA ARG E 59 -12.04 8.57 28.94
C ARG E 59 -12.96 8.91 27.76
N VAL E 60 -14.17 8.36 27.82
CA VAL E 60 -15.18 8.56 26.79
C VAL E 60 -16.13 9.69 27.15
N THR E 61 -16.53 10.45 26.13
CA THR E 61 -17.48 11.52 26.28
C THR E 61 -18.35 11.63 25.01
N THR E 62 -19.67 11.70 25.18
CA THR E 62 -20.60 11.65 24.05
C THR E 62 -20.66 13.00 23.34
N VAL E 63 -20.75 12.98 22.00
CA VAL E 63 -20.84 14.20 21.20
C VAL E 63 -22.16 14.95 21.47
N SER E 64 -23.28 14.22 21.39
CA SER E 64 -24.60 14.81 21.63
C SER E 64 -25.21 14.23 22.91
N ASP E 65 -26.38 14.74 23.29
CA ASP E 65 -27.04 14.29 24.51
C ASP E 65 -27.85 13.03 24.29
N LEU E 66 -27.26 11.89 24.63
CA LEU E 66 -27.88 10.58 24.42
C LEU E 66 -29.20 10.41 25.20
N THR E 67 -29.27 11.03 26.38
CA THR E 67 -30.46 10.94 27.24
C THR E 67 -31.74 11.44 26.58
N LYS E 68 -31.60 12.26 25.54
CA LYS E 68 -32.73 12.74 24.77
C LYS E 68 -33.31 11.63 23.89
N ARG E 69 -34.60 11.40 24.07
CA ARG E 69 -35.37 10.37 23.37
C ARG E 69 -35.07 10.32 21.86
N ASN E 70 -34.92 11.50 21.28
CA ASN E 70 -34.89 11.68 19.83
C ASN E 70 -33.50 11.63 19.17
N ASN E 71 -32.45 11.68 19.99
CA ASN E 71 -31.08 11.67 19.47
C ASN E 71 -30.83 10.50 18.53
N MET E 72 -30.03 10.75 17.49
CA MET E 72 -29.67 9.71 16.53
C MET E 72 -28.16 9.71 16.28
N ASP E 73 -27.43 10.52 17.05
CA ASP E 73 -25.99 10.61 16.89
C ASP E 73 -25.28 9.98 18.08
N PHE E 74 -24.53 8.93 17.81
CA PHE E 74 -23.88 8.18 18.88
C PHE E 74 -22.36 8.25 18.76
N SER E 75 -21.90 9.34 18.17
CA SER E 75 -20.48 9.66 18.10
C SER E 75 -19.91 9.90 19.49
N ILE E 76 -18.67 9.45 19.70
CA ILE E 76 -18.00 9.58 21.01
C ILE E 76 -16.61 10.19 20.86
N ARG E 77 -16.19 10.92 21.88
CA ARG E 77 -14.83 11.39 21.93
C ARG E 77 -14.04 10.62 22.98
N ILE E 78 -12.89 10.07 22.57
CA ILE E 78 -11.99 9.41 23.51
C ILE E 78 -10.75 10.28 23.67
N SER E 79 -10.52 10.74 24.90
CA SER E 79 -9.47 11.72 25.17
C SER E 79 -8.14 11.09 25.48
N SER E 80 -7.06 11.85 25.24
CA SER E 80 -5.69 11.48 25.64
C SER E 80 -5.19 10.22 24.98
N ILE E 81 -5.33 10.18 23.66
CA ILE E 81 -5.05 8.99 22.91
C ILE E 81 -3.59 8.57 23.11
N THR E 82 -3.41 7.30 23.48
CA THR E 82 -2.07 6.69 23.53
C THR E 82 -2.03 5.55 22.53
N PRO E 83 -0.82 5.05 22.19
CA PRO E 83 -0.69 4.02 21.14
C PRO E 83 -1.49 2.74 21.40
N ALA E 84 -1.85 2.47 22.65
CA ALA E 84 -2.64 1.30 23.00
C ALA E 84 -4.08 1.37 22.49
N ASP E 85 -4.54 2.57 22.14
CA ASP E 85 -5.92 2.79 21.72
C ASP E 85 -6.22 2.44 20.27
N VAL E 86 -5.16 2.25 19.46
CA VAL E 86 -5.33 1.89 18.04
C VAL E 86 -6.14 0.61 17.87
N GLY E 87 -7.04 0.60 16.90
CA GLY E 87 -7.92 -0.56 16.69
C GLY E 87 -9.08 -0.20 15.80
N THR E 88 -9.99 -1.15 15.62
CA THR E 88 -11.19 -0.93 14.85
C THR E 88 -12.38 -0.86 15.80
N TYR E 89 -13.03 0.29 15.85
CA TYR E 89 -14.13 0.53 16.77
C TYR E 89 -15.48 0.41 16.08
N TYR E 90 -16.37 -0.39 16.66
CA TYR E 90 -17.70 -0.62 16.09
C TYR E 90 -18.83 -0.07 16.93
N CYS E 91 -19.78 0.46 16.20
CA CYS E 91 -20.98 1.06 16.71
C CYS E 91 -22.07 0.00 16.55
N VAL E 92 -22.67 -0.43 17.65
CA VAL E 92 -23.58 -1.59 17.61
C VAL E 92 -24.91 -1.34 18.32
N LYS E 93 -26.00 -1.58 17.59
CA LYS E 93 -27.36 -1.42 18.11
C LYS E 93 -27.94 -2.73 18.62
N PHE E 94 -28.50 -2.71 19.83
CA PHE E 94 -29.15 -3.87 20.42
C PHE E 94 -30.66 -3.67 20.46
N ARG E 95 -31.41 -4.77 20.36
CA ARG E 95 -32.86 -4.75 20.63
C ARG E 95 -33.17 -5.52 21.91
N LYS E 96 -34.39 -5.33 22.44
CA LYS E 96 -34.86 -6.11 23.58
C LYS E 96 -34.98 -7.60 23.24
N GLY E 97 -34.77 -8.45 24.24
CA GLY E 97 -34.94 -9.90 24.07
C GLY E 97 -35.94 -10.43 25.08
N SER E 98 -35.65 -11.60 25.64
CA SER E 98 -36.47 -12.13 26.74
C SER E 98 -35.81 -11.86 28.11
N PRO E 99 -34.56 -12.34 28.33
CA PRO E 99 -33.82 -11.78 29.46
C PRO E 99 -32.75 -10.79 28.99
N GLU E 100 -31.87 -11.27 28.12
CA GLU E 100 -30.77 -10.48 27.57
C GLU E 100 -31.27 -9.55 26.46
N ASN E 101 -30.43 -8.58 26.08
CA ASN E 101 -30.61 -7.86 24.83
C ASN E 101 -29.81 -8.56 23.75
N VAL E 102 -30.39 -8.63 22.55
CA VAL E 102 -29.68 -9.24 21.42
C VAL E 102 -29.19 -8.20 20.40
N GLU E 103 -27.98 -8.42 19.87
CA GLU E 103 -27.40 -7.56 18.84
C GLU E 103 -28.31 -7.51 17.61
N PHE E 104 -28.60 -6.30 17.14
CA PHE E 104 -29.49 -6.10 16.02
C PHE E 104 -28.70 -5.71 14.77
N LYS E 105 -27.93 -4.63 14.85
CA LYS E 105 -27.09 -4.21 13.72
C LYS E 105 -25.79 -3.51 14.15
N SER E 106 -24.74 -3.75 13.37
CA SER E 106 -23.45 -3.11 13.57
C SER E 106 -23.10 -2.13 12.44
N GLY E 107 -22.40 -1.06 12.81
CA GLY E 107 -21.77 -0.19 11.81
C GLY E 107 -20.60 -0.93 11.20
N PRO E 108 -20.02 -0.38 10.12
CA PRO E 108 -18.94 -1.10 9.46
C PRO E 108 -17.58 -0.89 10.13
N GLY E 109 -17.56 -0.08 11.19
CA GLY E 109 -16.34 0.16 11.97
C GLY E 109 -15.46 1.28 11.43
N THR E 110 -14.70 1.87 12.35
CA THR E 110 -13.75 2.93 12.03
C THR E 110 -12.42 2.49 12.63
N GLU E 111 -11.39 2.45 11.80
CA GLU E 111 -10.03 2.16 12.25
C GLU E 111 -9.44 3.41 12.89
N MET E 112 -9.01 3.30 14.14
CA MET E 112 -8.27 4.38 14.77
C MET E 112 -6.79 4.15 14.56
N ALA E 113 -6.14 5.02 13.80
CA ALA E 113 -4.74 4.87 13.46
C ALA E 113 -3.95 6.06 13.95
N LEU E 114 -2.68 5.81 14.23
CA LEU E 114 -1.82 6.82 14.81
C LEU E 114 -0.97 7.50 13.74
N GLY E 115 -0.97 8.83 13.76
CA GLY E 115 -0.09 9.62 12.91
C GLY E 115 0.86 10.44 13.77
N ALA E 116 1.74 11.19 13.11
CA ALA E 116 2.68 12.04 13.84
C ALA E 116 2.89 13.34 13.07
N LYS E 117 3.01 14.44 13.82
CA LYS E 117 3.29 15.75 13.27
C LYS E 117 4.74 15.83 12.74
N PRO E 118 4.95 16.55 11.62
CA PRO E 118 6.29 16.81 11.14
C PRO E 118 7.05 17.80 12.06
N SER E 119 8.36 17.86 11.90
CA SER E 119 9.20 18.78 12.67
C SER E 119 9.18 20.16 12.04
N ALA E 120 9.59 21.15 12.81
CA ALA E 120 9.69 22.50 12.28
C ALA E 120 10.71 22.47 11.15
N PRO E 121 10.31 22.88 9.95
CA PRO E 121 11.22 22.85 8.80
C PRO E 121 12.49 23.67 9.02
N VAL E 122 13.61 23.13 8.60
CA VAL E 122 14.90 23.77 8.73
C VAL E 122 15.35 24.17 7.32
N VAL E 123 15.55 25.46 7.13
CA VAL E 123 15.98 25.98 5.83
C VAL E 123 17.42 26.44 5.93
N LEU E 124 18.27 25.91 5.08
CA LEU E 124 19.67 26.30 5.04
C LEU E 124 19.99 27.05 3.77
N GLY E 125 20.81 28.09 3.90
CA GLY E 125 21.25 28.88 2.76
C GLY E 125 22.62 28.48 2.25
N PRO E 126 23.12 29.20 1.24
CA PRO E 126 24.48 28.93 0.79
C PRO E 126 25.51 29.41 1.82
N ALA E 127 26.66 28.73 1.88
CA ALA E 127 27.72 29.08 2.82
C ALA E 127 28.38 30.43 2.51
N ALA E 128 28.49 30.77 1.24
CA ALA E 128 29.13 32.03 0.83
C ALA E 128 28.13 33.01 0.19
N ARG E 129 28.52 34.28 0.12
CA ARG E 129 27.67 35.32 -0.44
C ARG E 129 27.80 35.37 -1.96
N THR E 130 26.79 35.89 -2.63
CA THR E 130 26.80 35.99 -4.08
C THR E 130 26.23 37.31 -4.52
N THR E 131 26.68 37.79 -5.67
CA THR E 131 26.24 39.06 -6.23
C THR E 131 24.91 38.86 -6.96
N PRO E 132 24.15 39.96 -7.18
CA PRO E 132 22.84 39.82 -7.83
C PRO E 132 22.96 39.28 -9.24
N GLU E 133 21.85 38.80 -9.78
CA GLU E 133 21.80 38.17 -11.11
C GLU E 133 22.49 36.81 -11.14
N HIS E 134 22.60 36.19 -9.97
CA HIS E 134 23.03 34.80 -9.85
C HIS E 134 21.94 34.02 -9.12
N THR E 135 21.72 32.78 -9.51
CA THR E 135 20.79 31.88 -8.83
C THR E 135 21.54 31.08 -7.78
N VAL E 136 20.95 30.97 -6.59
CA VAL E 136 21.52 30.15 -5.53
C VAL E 136 20.55 29.07 -5.08
N SER E 137 21.01 28.18 -4.21
CA SER E 137 20.22 27.05 -3.73
C SER E 137 19.92 27.18 -2.27
N PHE E 138 18.66 26.96 -1.92
CA PHE E 138 18.28 26.75 -0.54
C PHE E 138 17.73 25.34 -0.37
N THR E 139 17.93 24.75 0.81
CA THR E 139 17.31 23.45 1.13
C THR E 139 16.32 23.52 2.28
N CYS E 140 15.28 22.71 2.20
CA CYS E 140 14.32 22.57 3.28
C CYS E 140 14.19 21.12 3.68
N GLU E 141 14.21 20.86 4.98
CA GLU E 141 13.92 19.52 5.48
C GLU E 141 12.88 19.54 6.60
N SER E 142 12.04 18.50 6.62
CA SER E 142 11.21 18.19 7.77
C SER E 142 11.09 16.70 7.87
N HIS E 143 10.99 16.21 9.10
CA HIS E 143 11.03 14.78 9.36
C HIS E 143 10.13 14.41 10.54
N GLY E 144 9.81 13.13 10.64
CA GLY E 144 9.17 12.58 11.84
C GLY E 144 7.67 12.43 11.68
N PHE E 145 7.18 12.62 10.46
CA PHE E 145 5.74 12.66 10.21
C PHE E 145 5.25 11.35 9.62
N SER E 146 3.98 11.07 9.88
CA SER E 146 3.25 9.98 9.27
C SER E 146 1.77 10.35 9.30
N PRO E 147 1.03 10.08 8.20
CA PRO E 147 1.48 9.34 7.01
C PRO E 147 2.38 10.10 6.01
N ARG E 148 2.78 9.40 4.95
CA ARG E 148 3.76 9.89 3.96
C ARG E 148 3.30 11.11 3.15
N ASP E 149 2.00 11.21 2.92
CA ASP E 149 1.42 12.37 2.24
C ASP E 149 1.71 13.67 3.00
N ILE E 150 2.37 14.60 2.31
CA ILE E 150 2.73 15.89 2.88
C ILE E 150 2.82 16.88 1.72
N THR E 151 2.74 18.18 2.04
CA THR E 151 2.79 19.24 1.06
C THR E 151 3.89 20.21 1.46
N LEU E 152 4.69 20.62 0.49
CA LEU E 152 5.77 21.58 0.73
C LEU E 152 5.74 22.71 -0.30
N LYS E 153 5.60 23.94 0.18
CA LYS E 153 5.59 25.11 -0.69
C LYS E 153 6.77 26.03 -0.38
N TRP E 154 7.36 26.58 -1.44
CA TRP E 154 8.45 27.56 -1.36
C TRP E 154 7.92 28.95 -1.71
N PHE E 155 8.33 29.93 -0.94
CA PHE E 155 7.99 31.32 -1.21
C PHE E 155 9.23 32.17 -1.06
N LYS E 156 9.34 33.16 -1.92
CA LYS E 156 10.27 34.27 -1.71
C LYS E 156 9.37 35.45 -1.40
N ASN E 157 9.46 35.94 -0.16
CA ASN E 157 8.50 36.90 0.39
C ASN E 157 7.10 36.37 0.17
N GLY E 158 6.27 37.12 -0.54
CA GLY E 158 4.88 36.71 -0.75
C GLY E 158 4.63 35.92 -2.01
N ASN E 159 5.67 35.66 -2.79
CA ASN E 159 5.51 34.98 -4.08
C ASN E 159 5.92 33.52 -4.03
N GLU E 160 5.06 32.65 -4.51
CA GLU E 160 5.36 31.22 -4.53
C GLU E 160 6.36 30.90 -5.65
N LEU E 161 7.39 30.14 -5.31
CA LEU E 161 8.41 29.72 -6.30
C LEU E 161 8.07 28.37 -6.88
N SER E 162 8.58 28.09 -8.07
CA SER E 162 8.28 26.83 -8.72
C SER E 162 9.55 26.09 -9.17
N ASP E 163 10.70 26.77 -9.07
CA ASP E 163 11.98 26.21 -9.50
C ASP E 163 12.63 25.39 -8.37
N PHE E 164 12.03 24.25 -8.04
CA PHE E 164 12.48 23.39 -6.94
C PHE E 164 12.31 21.91 -7.24
N GLN E 165 13.05 21.06 -6.52
CA GLN E 165 12.81 19.62 -6.51
C GLN E 165 12.61 19.12 -5.07
N THR E 166 11.68 18.19 -4.91
CA THR E 166 11.29 17.66 -3.61
C THR E 166 11.27 16.13 -3.61
N ASN E 167 11.81 15.54 -2.55
CA ASN E 167 11.74 14.10 -2.34
C ASN E 167 11.17 13.75 -0.98
N VAL E 168 10.26 12.77 -0.93
CA VAL E 168 9.77 12.23 0.34
C VAL E 168 10.32 10.82 0.52
N ASP E 169 10.81 10.53 1.72
CA ASP E 169 11.50 9.28 2.02
C ASP E 169 11.08 8.69 3.36
N PRO E 170 11.04 7.36 3.45
CA PRO E 170 11.25 6.42 2.34
C PRO E 170 9.98 6.18 1.51
N THR E 171 10.06 5.26 0.56
CA THR E 171 8.89 4.80 -0.20
C THR E 171 8.07 3.77 0.60
N GLY E 172 8.76 2.83 1.26
CA GLY E 172 8.13 1.76 2.03
C GLY E 172 7.38 2.23 3.27
N GLN E 173 6.98 1.28 4.11
CA GLN E 173 6.32 1.58 5.38
C GLN E 173 7.37 2.07 6.36
N SER E 174 7.02 3.10 7.13
CA SER E 174 7.94 3.64 8.12
C SER E 174 7.15 4.28 9.24
N VAL E 175 7.74 4.29 10.41
CA VAL E 175 7.15 4.95 11.56
C VAL E 175 7.18 6.45 11.28
N ALA E 176 8.20 6.88 10.56
CA ALA E 176 8.38 8.30 10.25
C ALA E 176 8.92 8.45 8.85
N TYR E 177 8.45 9.50 8.18
CA TYR E 177 8.91 9.87 6.85
C TYR E 177 9.63 11.20 6.93
N SER E 178 10.41 11.49 5.90
CA SER E 178 11.17 12.73 5.80
C SER E 178 10.88 13.41 4.44
N ILE E 179 10.87 14.74 4.44
CA ILE E 179 10.77 15.50 3.20
C ILE E 179 11.97 16.43 3.00
N ARG E 180 12.56 16.35 1.82
CA ARG E 180 13.75 17.15 1.48
C ARG E 180 13.55 17.88 0.16
N SER E 181 13.82 19.18 0.15
CA SER E 181 13.60 19.99 -1.03
C SER E 181 14.72 20.97 -1.27
N THR E 182 15.06 21.14 -2.55
CA THR E 182 16.02 22.16 -2.95
C THR E 182 15.40 23.16 -3.91
N ALA E 183 15.39 24.43 -3.51
CA ALA E 183 14.88 25.50 -4.36
C ALA E 183 15.99 26.37 -4.96
N ARG E 184 15.88 26.61 -6.27
CA ARG E 184 16.71 27.56 -6.97
C ARG E 184 16.09 28.97 -6.81
N VAL E 185 16.85 29.88 -6.20
CA VAL E 185 16.38 31.25 -5.97
C VAL E 185 17.30 32.27 -6.62
N VAL E 186 16.71 33.20 -7.37
CA VAL E 186 17.48 34.21 -8.09
C VAL E 186 17.60 35.44 -7.21
N LEU E 187 18.82 35.97 -7.08
CA LEU E 187 19.06 37.17 -6.28
C LEU E 187 18.95 38.46 -7.09
N ASP E 188 17.99 39.30 -6.72
CA ASP E 188 17.80 40.62 -7.32
C ASP E 188 18.51 41.65 -6.46
N PRO E 189 18.89 42.80 -7.06
CA PRO E 189 19.49 43.88 -6.26
C PRO E 189 18.59 44.40 -5.13
N TRP E 190 17.28 44.19 -5.23
CA TRP E 190 16.34 44.61 -4.18
C TRP E 190 16.13 43.52 -3.12
N ASP E 191 17.02 42.54 -3.03
CA ASP E 191 16.78 41.37 -2.19
C ASP E 191 17.36 41.34 -0.77
N VAL E 192 18.08 42.38 -0.36
CA VAL E 192 18.65 42.43 0.99
C VAL E 192 17.61 42.17 2.10
N ARG E 193 16.45 42.81 1.99
CA ARG E 193 15.41 42.65 2.99
C ARG E 193 14.47 41.46 2.73
N SER E 194 14.80 40.64 1.72
CA SER E 194 13.94 39.51 1.33
C SER E 194 14.17 38.22 2.13
N GLN E 195 13.11 37.43 2.25
CA GLN E 195 13.09 36.18 3.00
C GLN E 195 12.64 35.02 2.11
N VAL E 196 13.32 33.88 2.26
CA VAL E 196 12.92 32.65 1.56
C VAL E 196 12.15 31.81 2.59
N ILE E 197 11.02 31.26 2.18
CA ILE E 197 10.17 30.55 3.12
C ILE E 197 9.82 29.17 2.61
N CYS E 198 9.87 28.20 3.53
CA CYS E 198 9.46 26.84 3.26
C CYS E 198 8.24 26.53 4.12
N GLU E 199 7.16 26.13 3.46
CA GLU E 199 5.88 25.88 4.12
C GLU E 199 5.47 24.41 4.04
N VAL E 200 5.35 23.77 5.21
CA VAL E 200 5.01 22.35 5.28
C VAL E 200 3.57 22.14 5.78
N ALA E 201 2.75 21.48 4.95
CA ALA E 201 1.37 21.20 5.31
C ALA E 201 1.14 19.70 5.48
N HIS E 202 0.54 19.34 6.60
CA HIS E 202 0.29 17.93 6.91
C HIS E 202 -1.03 17.76 7.65
N VAL E 203 -1.74 16.68 7.35
CA VAL E 203 -3.08 16.44 7.91
C VAL E 203 -3.13 16.46 9.44
N THR E 204 -2.00 16.16 10.09
CA THR E 204 -1.96 16.12 11.55
C THR E 204 -1.86 17.50 12.18
N LEU E 205 -1.60 18.51 11.34
CA LEU E 205 -1.44 19.87 11.82
C LEU E 205 -2.77 20.58 11.92
N GLN E 206 -3.71 20.20 11.05
CA GLN E 206 -5.08 20.74 11.05
C GLN E 206 -5.13 22.23 10.72
N GLY E 207 -4.99 22.55 9.44
CA GLY E 207 -5.11 23.92 8.95
C GLY E 207 -3.85 24.76 9.00
N ASP E 208 -3.08 24.64 10.09
CA ASP E 208 -1.93 25.50 10.35
C ASP E 208 -0.64 24.88 9.85
N PRO E 209 -0.06 25.43 8.77
CA PRO E 209 1.20 24.88 8.25
C PRO E 209 2.39 25.35 9.10
N LEU E 210 3.55 24.76 8.86
CA LEU E 210 4.74 25.17 9.57
C LEU E 210 5.70 25.78 8.58
N ARG E 211 6.51 26.72 9.06
CA ARG E 211 7.34 27.53 8.20
C ARG E 211 8.79 27.54 8.61
N GLY E 212 9.67 27.33 7.64
CA GLY E 212 11.09 27.56 7.84
C GLY E 212 11.46 28.79 7.03
N THR E 213 12.37 29.60 7.55
CA THR E 213 12.79 30.84 6.89
C THR E 213 14.30 30.95 6.80
N ALA E 214 14.74 31.64 5.77
CA ALA E 214 16.12 32.05 5.64
C ALA E 214 16.08 33.47 5.11
N ASN E 215 16.91 34.32 5.71
CA ASN E 215 17.08 35.70 5.25
C ASN E 215 18.10 35.75 4.12
N LEU E 216 17.75 36.43 3.04
CA LEU E 216 18.66 36.59 1.90
C LEU E 216 19.76 37.59 2.19
N SER E 217 19.54 38.43 3.19
CA SER E 217 20.56 39.32 3.69
C SER E 217 21.87 38.55 3.95
N GLU E 218 21.75 37.25 4.21
CA GLU E 218 22.94 36.45 4.54
C GLU E 218 23.57 35.79 3.32
N ALA E 219 22.88 35.88 2.18
CA ALA E 219 23.30 35.18 0.96
C ALA E 219 23.81 36.12 -0.11
N ILE E 220 23.52 37.42 0.04
CA ILE E 220 23.76 38.42 -1.01
C ILE E 220 24.91 39.37 -0.70
N ARG E 221 25.67 39.71 -1.74
CA ARG E 221 26.61 40.82 -1.69
C ARG E 221 26.22 41.80 -2.78
N VAL E 222 25.92 43.04 -2.39
CA VAL E 222 25.64 44.11 -3.35
C VAL E 222 26.88 44.96 -3.48
N PRO E 223 27.56 44.87 -4.64
CA PRO E 223 28.78 45.64 -4.88
C PRO E 223 28.41 47.10 -5.00
N PRO E 224 29.24 47.98 -4.41
CA PRO E 224 28.94 49.40 -4.43
C PRO E 224 29.33 50.07 -5.74
N THR E 225 28.69 51.19 -6.01
CA THR E 225 29.02 52.07 -7.13
C THR E 225 29.82 53.27 -6.59
N LEU E 226 30.76 53.76 -7.40
CA LEU E 226 31.67 54.83 -6.97
C LEU E 226 31.68 56.08 -7.86
N GLU E 227 31.69 57.26 -7.25
CA GLU E 227 32.02 58.50 -7.96
C GLU E 227 32.64 59.59 -7.07
N VAL E 228 33.59 60.33 -7.64
CA VAL E 228 34.24 61.48 -6.98
C VAL E 228 33.98 62.79 -7.70
N THR E 229 33.79 63.86 -6.92
CA THR E 229 33.41 65.15 -7.46
C THR E 229 34.19 66.32 -6.85
N GLN E 230 34.20 67.43 -7.58
CA GLN E 230 34.72 68.71 -7.09
C GLN E 230 33.59 69.70 -6.97
N GLN E 231 33.61 70.48 -5.90
CA GLN E 231 32.66 71.56 -5.74
C GLN E 231 33.44 72.82 -5.35
N PRO E 232 33.43 73.84 -6.22
CA PRO E 232 34.01 75.12 -5.83
C PRO E 232 33.18 75.70 -4.70
N MET E 233 33.80 75.91 -3.53
CA MET E 233 33.12 76.56 -2.41
C MET E 233 32.69 77.95 -2.84
N ARG E 234 31.36 78.12 -2.98
CA ARG E 234 30.74 79.31 -3.57
C ARG E 234 31.33 80.64 -3.09
N VAL E 235 31.93 80.61 -1.91
CA VAL E 235 32.60 81.77 -1.34
C VAL E 235 34.00 81.38 -0.81
N GLY E 236 35.01 81.57 -1.66
CA GLY E 236 36.40 81.29 -1.28
C GLY E 236 37.21 80.50 -2.30
N ASN E 237 38.50 80.35 -2.01
CA ASN E 237 39.44 79.64 -2.87
C ASN E 237 39.65 78.20 -2.41
N GLN E 238 38.56 77.54 -2.03
CA GLN E 238 38.57 76.15 -1.55
C GLN E 238 37.82 75.22 -2.49
N VAL E 239 38.26 73.96 -2.53
CA VAL E 239 37.56 72.92 -3.29
C VAL E 239 37.02 71.85 -2.34
N ASN E 240 35.78 71.42 -2.58
CA ASN E 240 35.16 70.36 -1.79
C ASN E 240 35.21 69.04 -2.56
N VAL E 241 36.15 68.18 -2.15
CA VAL E 241 36.32 66.87 -2.76
C VAL E 241 35.57 65.85 -1.92
N THR E 242 34.73 65.06 -2.60
CA THR E 242 33.90 64.07 -1.94
C THR E 242 33.94 62.76 -2.70
N CYS E 243 33.82 61.66 -1.98
CA CYS E 243 33.71 60.33 -2.59
C CYS E 243 32.39 59.66 -2.26
N GLN E 244 31.72 59.16 -3.29
CA GLN E 244 30.41 58.60 -3.15
C GLN E 244 30.39 57.09 -3.35
N VAL E 245 30.24 56.36 -2.24
CA VAL E 245 30.12 54.91 -2.27
C VAL E 245 28.65 54.50 -2.15
N ARG E 246 28.07 54.11 -3.27
CA ARG E 246 26.63 53.96 -3.36
C ARG E 246 26.12 52.51 -3.43
N LYS E 247 25.09 52.23 -2.64
CA LYS E 247 24.34 50.97 -2.63
C LYS E 247 25.22 49.73 -2.49
N PHE E 248 25.75 49.52 -1.29
CA PHE E 248 26.53 48.32 -0.99
C PHE E 248 25.95 47.51 0.16
N TYR E 249 26.18 46.20 0.11
CA TYR E 249 25.82 45.29 1.20
C TYR E 249 26.72 44.03 1.19
N PRO E 250 27.22 43.59 2.37
CA PRO E 250 26.99 44.07 3.75
C PRO E 250 27.75 45.32 4.11
N GLN E 251 27.47 45.83 5.31
CA GLN E 251 28.07 47.05 5.82
C GLN E 251 29.50 46.80 6.32
N SER E 252 30.41 46.48 5.38
CA SER E 252 31.80 46.21 5.72
C SER E 252 32.69 46.80 4.63
N LEU E 253 33.32 47.92 4.95
CA LEU E 253 33.97 48.71 3.92
C LEU E 253 35.21 49.39 4.43
N GLN E 254 36.27 49.33 3.63
CA GLN E 254 37.43 50.18 3.86
C GLN E 254 37.56 51.18 2.70
N LEU E 255 37.64 52.47 3.06
CA LEU E 255 37.85 53.52 2.05
C LEU E 255 39.14 54.29 2.30
N THR E 256 40.05 54.20 1.33
CA THR E 256 41.33 54.90 1.35
C THR E 256 41.36 56.01 0.28
N TRP E 257 42.06 57.10 0.60
CA TRP E 257 42.34 58.17 -0.36
C TRP E 257 43.78 58.06 -0.87
N SER E 258 43.96 58.26 -2.17
CA SER E 258 45.32 58.30 -2.74
C SER E 258 45.59 59.62 -3.45
N GLU E 259 46.69 60.26 -3.07
CA GLU E 259 47.15 61.48 -3.72
C GLU E 259 48.35 61.17 -4.61
N ASN E 260 48.10 61.12 -5.91
CA ASN E 260 49.08 60.68 -6.92
C ASN E 260 49.59 59.27 -6.63
N GLY E 261 48.68 58.41 -6.19
CA GLY E 261 49.02 57.05 -5.77
C GLY E 261 49.59 56.91 -4.37
N ASN E 262 49.68 58.02 -3.62
CA ASN E 262 50.15 57.99 -2.23
C ASN E 262 49.02 58.12 -1.20
N VAL E 263 49.07 57.32 -0.14
CA VAL E 263 48.07 57.38 0.93
C VAL E 263 48.19 58.69 1.71
N CYS E 264 47.05 59.27 2.07
CA CYS E 264 47.01 60.60 2.65
C CYS E 264 47.12 60.64 4.18
N GLN E 265 46.22 59.91 4.85
CA GLN E 265 46.11 59.93 6.33
C GLN E 265 45.37 61.18 6.86
N ARG E 266 45.08 62.13 5.96
CA ARG E 266 44.42 63.39 6.32
C ARG E 266 43.03 63.20 6.92
N GLU E 267 42.56 64.21 7.67
CA GLU E 267 41.25 64.17 8.33
C GLU E 267 40.10 64.30 7.31
N THR E 268 39.13 63.40 7.39
CA THR E 268 37.95 63.43 6.52
C THR E 268 36.65 63.26 7.30
N ALA E 269 35.68 64.11 6.99
CA ALA E 269 34.35 64.03 7.58
C ALA E 269 33.48 63.12 6.73
N SER E 270 33.25 61.91 7.24
CA SER E 270 32.54 60.89 6.48
C SER E 270 31.36 60.30 7.26
N THR E 271 30.25 60.09 6.56
CA THR E 271 29.03 59.58 7.19
C THR E 271 28.45 58.34 6.48
N LEU E 272 27.70 57.56 7.25
CA LEU E 272 27.04 56.35 6.76
C LEU E 272 25.53 56.58 6.69
N THR E 273 24.93 56.21 5.56
CA THR E 273 23.47 56.23 5.43
C THR E 273 22.94 54.88 4.94
N GLU E 274 21.69 54.57 5.28
CA GLU E 274 21.03 53.37 4.78
C GLU E 274 19.98 53.70 3.72
N ASN E 275 19.84 52.83 2.74
CA ASN E 275 18.81 52.97 1.72
C ASN E 275 17.56 52.16 2.03
N LYS E 276 16.43 52.59 1.47
CA LYS E 276 15.18 51.88 1.63
C LYS E 276 15.35 50.42 1.21
N ASP E 277 16.11 50.20 0.14
CA ASP E 277 16.38 48.85 -0.35
C ASP E 277 17.26 48.02 0.59
N GLY E 278 17.66 48.58 1.73
CA GLY E 278 18.47 47.84 2.69
C GLY E 278 19.97 48.01 2.51
N THR E 279 20.40 48.42 1.33
CA THR E 279 21.82 48.67 1.10
C THR E 279 22.28 49.95 1.79
N TYR E 280 23.59 50.12 1.86
CA TYR E 280 24.18 51.27 2.51
C TYR E 280 24.88 52.19 1.53
N ASN E 281 25.08 53.43 1.98
CA ASN E 281 25.89 54.43 1.31
C ASN E 281 26.98 54.94 2.26
N TRP E 282 28.13 55.33 1.72
CA TRP E 282 29.19 55.96 2.52
C TRP E 282 29.70 57.17 1.79
N THR E 283 29.56 58.33 2.43
CA THR E 283 30.04 59.61 1.89
C THR E 283 31.33 60.02 2.59
N SER E 284 32.30 60.54 1.84
CA SER E 284 33.56 61.00 2.41
C SER E 284 34.05 62.28 1.73
N TRP E 285 33.88 63.41 2.41
CA TRP E 285 34.27 64.72 1.85
C TRP E 285 35.34 65.42 2.67
N PHE E 286 36.19 66.17 1.99
CA PHE E 286 37.17 67.03 2.65
C PHE E 286 37.43 68.31 1.85
N LEU E 287 38.04 69.29 2.52
CA LEU E 287 38.35 70.56 1.88
C LEU E 287 39.85 70.66 1.67
N VAL E 288 40.27 71.16 0.50
CA VAL E 288 41.68 71.45 0.29
C VAL E 288 41.93 72.96 0.32
N ASN E 289 42.91 73.37 1.13
CA ASN E 289 43.50 74.69 0.94
C ASN E 289 44.22 74.55 -0.39
N ILE E 290 43.76 75.28 -1.40
CA ILE E 290 44.40 75.20 -2.72
C ILE E 290 45.71 76.01 -2.66
N SER E 291 46.82 75.30 -2.69
CA SER E 291 48.14 75.92 -2.65
C SER E 291 48.40 76.60 -3.98
N ASP E 292 49.24 75.98 -4.80
CA ASP E 292 49.53 76.45 -6.17
C ASP E 292 49.98 75.29 -7.05
N GLN E 293 50.99 74.55 -6.56
CA GLN E 293 51.51 73.39 -7.26
C GLN E 293 50.81 72.13 -6.74
N ASP E 296 48.26 70.30 -10.42
CA ASP E 296 47.79 69.06 -11.05
C ASP E 296 48.02 67.85 -10.14
N VAL E 297 46.98 67.49 -9.38
CA VAL E 297 47.02 66.34 -8.47
C VAL E 297 45.91 65.34 -8.80
N VAL E 298 46.30 64.09 -9.05
CA VAL E 298 45.33 63.02 -9.30
C VAL E 298 44.87 62.41 -7.99
N LEU E 299 43.60 62.62 -7.66
CA LEU E 299 43.03 62.05 -6.44
C LEU E 299 42.27 60.76 -6.73
N THR E 300 42.57 59.73 -5.96
CA THR E 300 41.92 58.43 -6.13
C THR E 300 41.15 58.09 -4.87
N CYS E 301 39.90 57.69 -5.09
CA CYS E 301 39.07 57.16 -4.02
C CYS E 301 39.04 55.63 -4.15
N GLN E 302 39.70 54.96 -3.22
CA GLN E 302 39.85 53.50 -3.29
C GLN E 302 38.98 52.84 -2.25
N VAL E 303 38.19 51.86 -2.68
CA VAL E 303 37.25 51.19 -1.79
C VAL E 303 37.42 49.67 -1.82
N LYS E 304 37.50 49.09 -0.63
CA LYS E 304 37.50 47.63 -0.45
C LYS E 304 36.21 47.21 0.24
N HIS E 305 35.36 46.49 -0.49
CA HIS E 305 34.07 46.07 0.06
C HIS E 305 34.05 44.61 0.47
N ASP E 306 33.71 44.35 1.73
CA ASP E 306 33.50 42.98 2.21
C ASP E 306 34.59 42.02 1.71
N GLY E 307 35.84 42.39 1.92
CA GLY E 307 36.97 41.53 1.57
C GLY E 307 37.21 41.31 0.09
N GLN E 308 36.55 42.09 -0.76
CA GLN E 308 36.72 41.95 -2.21
C GLN E 308 37.88 42.77 -2.76
N LEU E 309 38.24 42.52 -4.01
CA LEU E 309 39.27 43.29 -4.71
C LEU E 309 38.94 44.77 -4.67
N ALA E 310 39.97 45.59 -4.52
CA ALA E 310 39.81 47.04 -4.51
C ALA E 310 39.26 47.54 -5.83
N VAL E 311 38.30 48.46 -5.76
CA VAL E 311 37.82 49.20 -6.93
C VAL E 311 38.08 50.67 -6.67
N SER E 312 38.33 51.44 -7.73
CA SER E 312 38.69 52.84 -7.57
C SER E 312 38.17 53.82 -8.61
N LYS E 313 38.26 55.10 -8.30
CA LYS E 313 37.90 56.18 -9.22
C LYS E 313 38.90 57.34 -9.12
N ARG E 314 39.40 57.78 -10.27
CA ARG E 314 40.36 58.89 -10.34
C ARG E 314 39.65 60.22 -10.57
N LEU E 315 40.29 61.31 -10.16
CA LEU E 315 39.77 62.67 -10.34
C LEU E 315 40.92 63.67 -10.44
N ALA E 316 40.82 64.57 -11.41
CA ALA E 316 41.87 65.57 -11.67
C ALA E 316 41.47 66.94 -11.12
N LEU E 317 42.41 67.62 -10.48
CA LEU E 317 42.16 68.97 -9.92
C LEU E 317 42.51 70.09 -10.91
N GLU F 2 34.37 -9.34 -18.51
CA GLU F 2 33.62 -9.15 -17.23
C GLU F 2 33.75 -7.74 -16.67
N GLU F 3 32.94 -7.43 -15.66
CA GLU F 3 32.93 -6.09 -15.05
C GLU F 3 32.57 -6.08 -13.57
N LEU F 4 32.92 -4.98 -12.91
CA LEU F 4 32.68 -4.77 -11.49
C LEU F 4 31.20 -4.44 -11.22
N GLN F 5 30.58 -5.25 -10.37
CA GLN F 5 29.19 -5.01 -9.98
C GLN F 5 29.15 -4.45 -8.56
N MET F 6 28.11 -3.66 -8.25
CA MET F 6 27.85 -3.19 -6.89
C MET F 6 26.71 -3.98 -6.30
N ILE F 7 26.96 -4.65 -5.19
CA ILE F 7 25.94 -5.48 -4.57
C ILE F 7 25.45 -4.88 -3.24
N GLN F 8 24.18 -4.49 -3.21
CA GLN F 8 23.47 -4.14 -1.99
C GLN F 8 22.28 -5.10 -1.83
N PRO F 9 22.39 -6.05 -0.89
CA PRO F 9 21.41 -7.13 -0.86
C PRO F 9 20.07 -6.73 -0.28
N GLU F 10 20.06 -5.86 0.74
CA GLU F 10 18.82 -5.48 1.40
C GLU F 10 18.24 -4.30 0.65
N LYS F 11 17.01 -4.45 0.18
CA LYS F 11 16.36 -3.33 -0.47
C LYS F 11 15.80 -2.39 0.59
N LEU F 12 15.12 -2.95 1.60
CA LEU F 12 14.67 -2.16 2.74
C LEU F 12 15.35 -2.63 4.01
N LEU F 13 15.72 -1.67 4.84
CA LEU F 13 16.40 -1.92 6.09
C LEU F 13 15.64 -1.24 7.19
N LEU F 14 15.17 -2.05 8.13
CA LEU F 14 14.36 -1.55 9.19
C LEU F 14 15.24 -1.36 10.42
N VAL F 15 15.21 -0.16 10.99
CA VAL F 15 15.93 0.10 12.23
C VAL F 15 15.04 0.89 13.17
N THR F 16 15.37 0.87 14.46
CA THR F 16 14.64 1.66 15.44
C THR F 16 15.54 2.77 15.96
N VAL F 17 14.89 3.80 16.49
CA VAL F 17 15.55 4.98 17.06
C VAL F 17 16.57 4.60 18.13
N GLY F 18 17.77 5.17 18.03
CA GLY F 18 18.81 4.97 19.02
C GLY F 18 19.78 3.86 18.63
N LYS F 19 19.34 2.99 17.73
CA LYS F 19 20.13 1.83 17.36
C LYS F 19 21.07 2.12 16.18
N THR F 20 21.92 1.16 15.86
CA THR F 20 22.89 1.29 14.78
C THR F 20 22.37 0.62 13.52
N ALA F 21 22.32 1.36 12.43
CA ALA F 21 21.94 0.80 11.14
C ALA F 21 23.18 0.32 10.38
N THR F 22 23.08 -0.86 9.78
CA THR F 22 24.21 -1.38 8.99
C THR F 22 23.82 -1.51 7.52
N LEU F 23 24.45 -0.69 6.68
CA LEU F 23 24.16 -0.67 5.27
C LEU F 23 25.14 -1.57 4.52
N HIS F 24 24.63 -2.62 3.93
CA HIS F 24 25.51 -3.62 3.31
C HIS F 24 25.79 -3.34 1.87
N CYS F 25 27.08 -3.39 1.53
CA CYS F 25 27.54 -3.28 0.16
C CYS F 25 28.87 -3.99 -0.04
N THR F 26 28.98 -4.68 -1.17
CA THR F 26 30.24 -5.31 -1.57
C THR F 26 30.50 -5.05 -3.04
N VAL F 27 31.71 -5.36 -3.49
CA VAL F 27 32.08 -5.24 -4.90
C VAL F 27 32.67 -6.56 -5.42
N THR F 28 32.41 -6.87 -6.67
CA THR F 28 32.84 -8.12 -7.29
C THR F 28 34.28 -8.11 -7.83
N SER F 29 34.88 -6.93 -7.91
CA SER F 29 36.20 -6.78 -8.50
C SER F 29 36.96 -5.64 -7.85
N LEU F 30 38.28 -5.67 -7.99
CA LEU F 30 39.13 -4.60 -7.49
C LEU F 30 39.35 -3.53 -8.57
N LEU F 31 39.25 -3.95 -9.84
CA LEU F 31 39.49 -3.07 -10.98
C LEU F 31 38.17 -2.59 -11.61
N PRO F 32 38.12 -1.31 -12.05
CA PRO F 32 39.20 -0.31 -12.06
C PRO F 32 39.53 0.24 -10.67
N VAL F 33 40.71 0.82 -10.55
CA VAL F 33 41.17 1.43 -9.29
C VAL F 33 40.26 2.62 -8.99
N GLY F 34 39.90 2.79 -7.72
CA GLY F 34 39.15 3.97 -7.33
C GLY F 34 38.37 3.86 -6.04
N PRO F 35 38.05 5.02 -5.44
CA PRO F 35 37.33 5.09 -4.16
C PRO F 35 35.86 4.71 -4.27
N VAL F 36 35.31 4.17 -3.19
CA VAL F 36 33.87 3.96 -3.06
C VAL F 36 33.27 5.01 -2.14
N LEU F 37 32.16 5.59 -2.56
CA LEU F 37 31.43 6.62 -1.81
C LEU F 37 30.01 6.18 -1.45
N TRP F 38 29.49 6.69 -0.34
CA TRP F 38 28.10 6.45 0.04
C TRP F 38 27.30 7.75 -0.04
N PHE F 39 26.16 7.69 -0.69
CA PHE F 39 25.26 8.83 -0.75
C PHE F 39 23.88 8.48 -0.22
N ARG F 40 23.17 9.49 0.25
CA ARG F 40 21.73 9.40 0.42
C ARG F 40 21.07 10.19 -0.71
N GLY F 41 20.24 9.51 -1.49
CA GLY F 41 19.55 10.14 -2.61
C GLY F 41 20.29 10.00 -3.93
N VAL F 42 19.66 10.49 -4.99
CA VAL F 42 20.28 10.49 -6.32
C VAL F 42 20.32 11.92 -6.89
N GLY F 43 20.96 12.05 -8.06
CA GLY F 43 20.96 13.30 -8.80
C GLY F 43 21.86 14.35 -8.19
N PRO F 44 21.70 15.61 -8.63
CA PRO F 44 22.52 16.72 -8.15
C PRO F 44 22.49 16.93 -6.63
N GLY F 45 21.30 16.83 -6.02
CA GLY F 45 21.14 17.12 -4.61
C GLY F 45 21.48 16.02 -3.59
N ARG F 46 22.09 14.93 -4.05
CA ARG F 46 22.39 13.80 -3.15
C ARG F 46 23.37 14.16 -2.04
N GLU F 47 23.10 13.67 -0.83
CA GLU F 47 23.93 13.97 0.33
C GLU F 47 25.07 12.96 0.48
N LEU F 48 26.26 13.45 0.81
CA LEU F 48 27.41 12.59 1.07
C LEU F 48 27.36 12.02 2.47
N ILE F 49 27.44 10.69 2.56
CA ILE F 49 27.34 9.97 3.82
C ILE F 49 28.69 9.38 4.23
N TYR F 50 29.45 8.91 3.24
CA TYR F 50 30.83 8.44 3.46
C TYR F 50 31.71 8.53 2.21
N ASN F 51 33.01 8.69 2.43
CA ASN F 51 34.00 8.85 1.35
C ASN F 51 35.35 8.25 1.73
N GLN F 52 35.71 7.17 1.05
CA GLN F 52 36.91 6.39 1.32
C GLN F 52 38.23 7.16 1.12
N LYS F 53 38.18 8.24 0.34
CA LYS F 53 39.38 9.00 -0.04
C LYS F 53 39.66 10.20 0.86
N GLU F 54 38.60 10.87 1.32
CA GLU F 54 38.73 12.13 2.03
C GLU F 54 37.58 12.42 3.00
N GLY F 55 37.88 13.12 4.10
CA GLY F 55 36.87 13.64 5.00
C GLY F 55 36.60 12.77 6.21
N HIS F 56 36.24 13.42 7.33
CA HIS F 56 35.86 12.71 8.55
C HIS F 56 34.35 12.59 8.64
N PHE F 57 33.87 11.38 8.90
CA PHE F 57 32.44 11.13 9.09
C PHE F 57 32.26 10.45 10.45
N PRO F 58 31.85 11.23 11.47
CA PRO F 58 31.84 10.77 12.88
C PRO F 58 30.78 9.69 13.22
N ARG F 59 29.70 9.66 12.46
CA ARG F 59 28.61 8.70 12.69
C ARG F 59 28.88 7.37 12.03
N VAL F 60 29.94 7.30 11.23
CA VAL F 60 30.12 6.20 10.29
C VAL F 60 31.34 5.33 10.61
N THR F 61 31.09 4.04 10.72
CA THR F 61 32.12 3.04 11.00
C THR F 61 32.05 2.03 9.88
N THR F 62 33.18 1.77 9.23
CA THR F 62 33.21 0.76 8.17
C THR F 62 33.28 -0.60 8.81
N VAL F 63 32.54 -1.54 8.24
CA VAL F 63 32.50 -2.92 8.70
C VAL F 63 33.86 -3.60 8.57
N SER F 64 34.56 -3.33 7.47
CA SER F 64 35.88 -3.93 7.26
C SER F 64 36.97 -2.89 7.08
N ASP F 65 38.22 -3.32 7.17
CA ASP F 65 39.38 -2.45 7.00
C ASP F 65 39.55 -2.07 5.54
N LEU F 66 39.14 -0.85 5.21
CA LEU F 66 39.13 -0.38 3.84
C LEU F 66 40.52 -0.12 3.25
N THR F 67 41.51 0.03 4.12
CA THR F 67 42.89 0.25 3.69
C THR F 67 43.55 -1.03 3.18
N LYS F 68 43.04 -2.18 3.61
CA LYS F 68 43.49 -3.46 3.08
C LYS F 68 43.28 -3.47 1.58
N ARG F 69 44.31 -3.88 0.85
CA ARG F 69 44.34 -3.76 -0.61
C ARG F 69 43.28 -4.62 -1.30
N ASN F 70 43.09 -5.84 -0.81
CA ASN F 70 42.17 -6.80 -1.43
C ASN F 70 40.72 -6.76 -0.90
N ASN F 71 40.40 -5.75 -0.11
CA ASN F 71 39.06 -5.61 0.48
C ASN F 71 38.00 -5.30 -0.56
N MET F 72 36.89 -6.04 -0.49
CA MET F 72 35.78 -5.85 -1.40
C MET F 72 34.47 -5.54 -0.67
N ASP F 73 34.54 -5.30 0.64
CA ASP F 73 33.34 -5.07 1.44
C ASP F 73 33.26 -3.63 1.90
N PHE F 74 32.27 -2.91 1.39
CA PHE F 74 32.16 -1.48 1.67
C PHE F 74 30.94 -1.12 2.50
N SER F 75 30.61 -2.04 3.40
CA SER F 75 29.46 -1.85 4.27
C SER F 75 29.80 -0.87 5.37
N ILE F 76 28.83 -0.06 5.75
CA ILE F 76 29.04 0.94 6.81
C ILE F 76 28.00 0.75 7.92
N ARG F 77 28.31 1.29 9.10
CA ARG F 77 27.35 1.37 10.20
C ARG F 77 27.16 2.83 10.61
N ILE F 78 25.91 3.27 10.65
CA ILE F 78 25.58 4.61 11.09
C ILE F 78 24.98 4.52 12.48
N SER F 79 25.65 5.08 13.47
CA SER F 79 25.18 4.95 14.85
C SER F 79 24.08 5.95 15.19
N SER F 80 23.36 5.67 16.26
CA SER F 80 22.32 6.57 16.83
C SER F 80 21.31 7.10 15.82
N ILE F 81 20.69 6.20 15.06
CA ILE F 81 19.68 6.58 14.09
C ILE F 81 18.56 7.45 14.68
N THR F 82 18.16 8.48 13.94
CA THR F 82 17.00 9.31 14.26
C THR F 82 16.06 9.35 13.05
N PRO F 83 14.79 9.79 13.26
CA PRO F 83 13.84 9.89 12.14
C PRO F 83 14.36 10.67 10.94
N ALA F 84 15.28 11.61 11.17
CA ALA F 84 15.88 12.42 10.10
C ALA F 84 16.82 11.62 9.18
N ASP F 85 17.18 10.41 9.59
CA ASP F 85 18.11 9.58 8.83
C ASP F 85 17.43 8.72 7.77
N VAL F 86 16.09 8.68 7.78
CA VAL F 86 15.37 7.90 6.78
C VAL F 86 15.73 8.33 5.36
N GLY F 87 15.81 7.36 4.46
CA GLY F 87 16.06 7.63 3.05
C GLY F 87 16.70 6.46 2.34
N THR F 88 17.13 6.70 1.10
CA THR F 88 17.71 5.66 0.28
C THR F 88 19.21 5.86 0.09
N TYR F 89 19.99 4.87 0.53
CA TYR F 89 21.43 4.96 0.59
C TYR F 89 22.09 4.18 -0.55
N TYR F 90 22.97 4.84 -1.30
CA TYR F 90 23.63 4.22 -2.45
C TYR F 90 25.12 4.06 -2.24
N CYS F 91 25.58 2.87 -2.57
CA CYS F 91 26.97 2.52 -2.51
C CYS F 91 27.49 2.74 -3.93
N VAL F 92 28.44 3.66 -4.10
CA VAL F 92 28.83 4.18 -5.44
C VAL F 92 30.35 4.14 -5.73
N LYS F 93 30.71 3.59 -6.89
CA LYS F 93 32.10 3.43 -7.29
C LYS F 93 32.58 4.47 -8.31
N PHE F 94 33.71 5.10 -7.98
CA PHE F 94 34.32 6.10 -8.84
C PHE F 94 35.67 5.62 -9.35
N ARG F 95 35.93 5.84 -10.64
CA ARG F 95 37.26 5.67 -11.21
C ARG F 95 37.88 7.04 -11.45
N LYS F 96 39.20 7.12 -11.34
CA LYS F 96 39.93 8.32 -11.74
C LYS F 96 39.73 8.53 -13.24
N GLY F 97 38.86 9.47 -13.61
CA GLY F 97 38.48 9.70 -15.00
C GLY F 97 39.59 10.28 -15.86
N SER F 98 39.63 11.60 -15.95
CA SER F 98 40.69 12.28 -16.68
C SER F 98 41.06 13.60 -16.00
N PRO F 99 40.09 14.54 -15.84
CA PRO F 99 40.45 15.73 -15.06
C PRO F 99 40.17 15.55 -13.57
N GLU F 100 39.24 14.66 -13.25
CA GLU F 100 38.83 14.37 -11.87
C GLU F 100 38.24 12.96 -11.85
N ASN F 101 37.92 12.46 -10.67
CA ASN F 101 37.27 11.15 -10.54
C ASN F 101 35.79 11.21 -10.91
N VAL F 102 35.37 10.29 -11.76
CA VAL F 102 33.99 10.25 -12.27
C VAL F 102 33.29 8.92 -11.96
N GLU F 103 31.96 8.98 -11.77
CA GLU F 103 31.14 7.82 -11.41
C GLU F 103 31.29 6.64 -12.37
N PHE F 104 31.65 5.47 -11.84
CA PHE F 104 31.81 4.27 -12.64
C PHE F 104 30.54 3.42 -12.60
N LYS F 105 30.11 3.06 -11.38
CA LYS F 105 28.87 2.31 -11.20
C LYS F 105 28.22 2.58 -9.84
N SER F 106 26.96 2.21 -9.70
CA SER F 106 26.22 2.43 -8.47
C SER F 106 25.44 1.21 -8.00
N GLY F 107 25.50 0.96 -6.70
CA GLY F 107 24.59 0.01 -6.07
C GLY F 107 23.16 0.43 -6.30
N PRO F 108 22.21 -0.50 -6.15
CA PRO F 108 20.82 -0.22 -6.47
C PRO F 108 20.00 0.35 -5.30
N GLY F 109 20.66 0.63 -4.18
CA GLY F 109 20.04 1.37 -3.09
C GLY F 109 19.38 0.56 -2.00
N THR F 110 19.53 1.02 -0.77
CA THR F 110 18.89 0.42 0.37
C THR F 110 18.05 1.51 1.04
N GLU F 111 16.73 1.31 1.05
CA GLU F 111 15.83 2.21 1.77
C GLU F 111 16.05 1.97 3.26
N MET F 112 16.28 3.04 3.99
CA MET F 112 16.36 2.93 5.44
C MET F 112 15.04 3.40 6.06
N ALA F 113 14.33 2.48 6.73
CA ALA F 113 12.98 2.71 7.25
C ALA F 113 12.88 2.49 8.74
N LEU F 114 11.96 3.20 9.38
CA LEU F 114 11.89 3.16 10.83
C LEU F 114 10.85 2.19 11.35
N GLY F 115 11.26 1.33 12.29
CA GLY F 115 10.34 0.44 12.99
C GLY F 115 10.26 0.80 14.46
N ALA F 116 9.51 0.01 15.22
CA ALA F 116 9.38 0.18 16.67
C ALA F 116 9.04 -1.17 17.33
N LYS F 117 9.57 -1.37 18.54
CA LYS F 117 9.34 -2.59 19.32
C LYS F 117 7.93 -2.66 19.93
N PRO F 118 7.40 -3.89 20.12
CA PRO F 118 6.15 -4.09 20.82
C PRO F 118 6.34 -3.99 22.32
N SER F 119 5.31 -3.55 23.02
CA SER F 119 5.32 -3.46 24.45
C SER F 119 5.24 -4.84 25.06
N ALA F 120 5.69 -4.96 26.29
CA ALA F 120 5.62 -6.20 27.04
C ALA F 120 4.19 -6.75 27.08
N PRO F 121 4.00 -8.00 26.64
CA PRO F 121 2.66 -8.55 26.59
C PRO F 121 2.01 -8.53 27.97
N VAL F 122 0.76 -8.09 28.02
CA VAL F 122 -0.05 -8.10 29.23
C VAL F 122 -1.03 -9.24 29.11
N VAL F 123 -0.95 -10.20 30.03
CA VAL F 123 -1.83 -11.36 30.02
C VAL F 123 -2.82 -11.30 31.20
N LEU F 124 -4.10 -11.54 30.91
CA LEU F 124 -5.15 -11.51 31.93
C LEU F 124 -5.99 -12.76 31.90
N GLY F 125 -6.31 -13.26 33.10
CA GLY F 125 -7.15 -14.42 33.27
C GLY F 125 -8.56 -14.03 33.64
N PRO F 126 -9.42 -15.02 33.89
CA PRO F 126 -10.80 -14.72 34.28
C PRO F 126 -10.89 -14.11 35.68
N ALA F 127 -11.96 -13.34 35.91
CA ALA F 127 -12.22 -12.74 37.21
C ALA F 127 -12.45 -13.78 38.28
N ALA F 128 -13.12 -14.88 37.89
CA ALA F 128 -13.50 -15.95 38.82
C ALA F 128 -12.64 -17.21 38.72
N ARG F 129 -12.59 -17.96 39.82
CA ARG F 129 -12.01 -19.32 39.82
C ARG F 129 -13.01 -20.32 39.22
N THR F 130 -12.47 -21.38 38.61
CA THR F 130 -13.28 -22.41 37.96
C THR F 130 -12.75 -23.78 38.40
N THR F 131 -13.61 -24.80 38.36
CA THR F 131 -13.22 -26.16 38.74
C THR F 131 -12.67 -26.90 37.52
N PRO F 132 -11.77 -27.89 37.75
CA PRO F 132 -11.13 -28.60 36.63
C PRO F 132 -12.11 -29.20 35.62
N GLU F 133 -11.60 -29.43 34.41
CA GLU F 133 -12.37 -29.92 33.25
C GLU F 133 -13.41 -28.94 32.71
N HIS F 134 -13.19 -27.66 32.97
CA HIS F 134 -13.90 -26.60 32.31
C HIS F 134 -12.90 -25.79 31.48
N THR F 135 -13.38 -25.14 30.42
CA THR F 135 -12.53 -24.27 29.61
C THR F 135 -12.75 -22.83 30.03
N VAL F 136 -11.65 -22.08 30.19
CA VAL F 136 -11.66 -20.63 30.46
C VAL F 136 -10.86 -19.87 29.41
N SER F 137 -11.00 -18.55 29.39
CA SER F 137 -10.31 -17.69 28.42
C SER F 137 -9.19 -16.85 29.03
N PHE F 138 -8.05 -16.79 28.33
CA PHE F 138 -7.02 -15.80 28.64
C PHE F 138 -6.83 -14.82 27.50
N THR F 139 -6.67 -13.55 27.83
CA THR F 139 -6.36 -12.55 26.81
C THR F 139 -4.93 -12.02 26.92
N CYS F 140 -4.35 -11.71 25.77
CA CYS F 140 -3.03 -11.14 25.70
C CYS F 140 -3.06 -9.94 24.75
N GLU F 141 -2.45 -8.84 25.18
CA GLU F 141 -2.28 -7.70 24.26
C GLU F 141 -0.88 -7.13 24.26
N SER F 142 -0.52 -6.50 23.15
CA SER F 142 0.73 -5.80 23.01
C SER F 142 0.49 -4.68 22.01
N HIS F 143 1.27 -3.60 22.10
CA HIS F 143 1.09 -2.47 21.20
C HIS F 143 2.36 -1.68 20.98
N GLY F 144 2.26 -0.71 20.09
CA GLY F 144 3.32 0.25 19.88
C GLY F 144 4.27 -0.14 18.77
N PHE F 145 4.05 -1.32 18.18
CA PHE F 145 5.00 -1.88 17.23
C PHE F 145 4.73 -1.43 15.81
N SER F 146 5.77 -1.54 14.99
CA SER F 146 5.74 -1.31 13.55
C SER F 146 7.00 -1.97 12.97
N PRO F 147 6.89 -2.66 11.82
CA PRO F 147 5.69 -2.84 11.01
C PRO F 147 4.64 -3.75 11.65
N ARG F 148 3.47 -3.78 11.03
CA ARG F 148 2.30 -4.55 11.45
C ARG F 148 2.57 -6.06 11.67
N ASP F 149 3.45 -6.64 10.83
CA ASP F 149 3.74 -8.05 10.92
C ASP F 149 4.36 -8.37 12.27
N ILE F 150 3.82 -9.39 12.91
CA ILE F 150 4.20 -9.75 14.26
C ILE F 150 3.73 -11.18 14.45
N THR F 151 4.26 -11.84 15.48
CA THR F 151 3.92 -13.23 15.77
C THR F 151 3.52 -13.36 17.22
N LEU F 152 2.38 -14.01 17.47
CA LEU F 152 1.94 -14.29 18.82
C LEU F 152 1.63 -15.76 19.01
N LYS F 153 2.32 -16.39 19.97
CA LYS F 153 2.10 -17.80 20.31
C LYS F 153 1.69 -17.98 21.76
N TRP F 154 0.81 -18.96 21.99
CA TRP F 154 0.29 -19.28 23.31
C TRP F 154 0.84 -20.61 23.80
N PHE F 155 1.25 -20.64 25.06
CA PHE F 155 1.72 -21.86 25.70
C PHE F 155 0.99 -22.18 27.01
N LYS F 156 0.90 -23.48 27.29
CA LYS F 156 0.59 -24.03 28.60
C LYS F 156 1.76 -24.94 28.91
N ASN F 157 2.65 -24.47 29.77
CA ASN F 157 3.86 -25.20 30.18
C ASN F 157 4.63 -25.88 29.05
N GLY F 158 5.02 -25.16 28.03
CA GLY F 158 5.80 -25.81 26.99
C GLY F 158 5.03 -26.60 25.94
N ASN F 159 3.71 -26.64 26.04
CA ASN F 159 2.90 -27.14 24.92
C ASN F 159 2.20 -25.97 24.27
N GLU F 160 2.38 -25.86 22.96
CA GLU F 160 1.76 -24.79 22.22
C GLU F 160 0.28 -25.09 22.02
N LEU F 161 -0.56 -24.12 22.42
CA LEU F 161 -2.01 -24.23 22.25
C LEU F 161 -2.37 -23.80 20.83
N SER F 162 -3.49 -24.31 20.32
CA SER F 162 -3.94 -23.88 18.99
C SER F 162 -5.38 -23.40 18.99
N ASP F 163 -6.02 -23.43 20.16
CA ASP F 163 -7.38 -22.93 20.28
C ASP F 163 -7.39 -21.46 20.72
N PHE F 164 -7.25 -20.55 19.75
CA PHE F 164 -7.19 -19.12 20.03
C PHE F 164 -7.62 -18.26 18.85
N GLN F 165 -8.06 -17.03 19.14
CA GLN F 165 -8.36 -16.03 18.10
C GLN F 165 -7.40 -14.86 18.29
N THR F 166 -6.79 -14.41 17.21
CA THR F 166 -5.89 -13.25 17.24
C THR F 166 -6.27 -12.20 16.17
N ASN F 167 -6.18 -10.93 16.54
CA ASN F 167 -6.34 -9.83 15.59
C ASN F 167 -5.22 -8.79 15.71
N VAL F 168 -4.78 -8.28 14.55
CA VAL F 168 -3.84 -7.17 14.51
C VAL F 168 -4.51 -5.94 13.91
N ASP F 169 -4.64 -4.90 14.74
CA ASP F 169 -5.32 -3.66 14.38
C ASP F 169 -4.35 -2.49 14.46
N PRO F 170 -4.48 -1.51 13.53
CA PRO F 170 -5.41 -1.53 12.40
C PRO F 170 -4.85 -2.24 11.17
N THR F 171 -5.65 -2.28 10.11
CA THR F 171 -5.25 -2.80 8.80
C THR F 171 -4.50 -1.77 7.97
N GLY F 172 -5.03 -0.55 7.90
CA GLY F 172 -4.40 0.54 7.19
C GLY F 172 -3.12 1.03 7.83
N GLN F 173 -2.59 2.12 7.32
CA GLN F 173 -1.31 2.60 7.79
C GLN F 173 -1.48 3.27 9.14
N SER F 174 -0.50 3.06 10.02
CA SER F 174 -0.49 3.67 11.36
C SER F 174 0.93 3.70 11.87
N VAL F 175 1.22 4.67 12.73
CA VAL F 175 2.52 4.78 13.36
C VAL F 175 2.72 3.52 14.23
N ALA F 176 1.64 3.11 14.89
CA ALA F 176 1.66 1.97 15.79
C ALA F 176 0.55 0.98 15.50
N TYR F 177 0.86 -0.31 15.60
CA TYR F 177 -0.16 -1.35 15.52
C TYR F 177 -0.36 -2.04 16.86
N SER F 178 -1.38 -2.87 16.94
CA SER F 178 -1.71 -3.53 18.18
C SER F 178 -2.13 -4.96 17.89
N ILE F 179 -1.71 -5.87 18.76
CA ILE F 179 -2.15 -7.26 18.66
C ILE F 179 -2.94 -7.68 19.89
N ARG F 180 -4.11 -8.25 19.69
CA ARG F 180 -4.94 -8.77 20.77
C ARG F 180 -5.32 -10.22 20.50
N SER F 181 -5.36 -11.04 21.55
CA SER F 181 -5.57 -12.48 21.36
C SER F 181 -6.29 -13.11 22.54
N THR F 182 -7.10 -14.12 22.25
CA THR F 182 -7.78 -14.87 23.30
C THR F 182 -7.53 -16.35 23.09
N ALA F 183 -7.03 -17.00 24.14
CA ALA F 183 -6.84 -18.44 24.13
C ALA F 183 -7.90 -19.12 25.00
N ARG F 184 -8.41 -20.25 24.49
CA ARG F 184 -9.30 -21.10 25.24
C ARG F 184 -8.46 -22.17 25.95
N VAL F 185 -8.40 -22.06 27.27
CA VAL F 185 -7.53 -22.91 28.07
C VAL F 185 -8.34 -23.84 28.97
N VAL F 186 -8.00 -25.12 28.88
CA VAL F 186 -8.65 -26.18 29.65
C VAL F 186 -7.94 -26.31 30.99
N LEU F 187 -8.72 -26.42 32.06
CA LEU F 187 -8.11 -26.58 33.38
C LEU F 187 -8.08 -28.03 33.85
N ASP F 188 -6.92 -28.66 33.71
CA ASP F 188 -6.75 -30.03 34.16
C ASP F 188 -6.57 -30.07 35.67
N PRO F 189 -6.97 -31.17 36.32
CA PRO F 189 -6.76 -31.25 37.78
C PRO F 189 -5.28 -31.07 38.22
N TRP F 190 -4.35 -31.25 37.28
CA TRP F 190 -2.91 -31.12 37.56
C TRP F 190 -2.36 -29.72 37.30
N ASP F 191 -3.25 -28.75 37.08
CA ASP F 191 -2.85 -27.45 36.56
C ASP F 191 -2.60 -26.35 37.59
N VAL F 192 -2.64 -26.70 38.89
CA VAL F 192 -2.38 -25.69 39.93
C VAL F 192 -1.00 -25.05 39.75
N ARG F 193 -0.01 -25.86 39.40
CA ARG F 193 1.35 -25.38 39.23
C ARG F 193 1.63 -24.92 37.81
N SER F 194 0.59 -24.87 36.98
CA SER F 194 0.75 -24.57 35.55
C SER F 194 0.71 -23.09 35.21
N GLN F 195 1.30 -22.77 34.05
CA GLN F 195 1.41 -21.41 33.58
C GLN F 195 0.95 -21.31 32.13
N VAL F 196 0.18 -20.26 31.86
CA VAL F 196 -0.16 -19.87 30.51
C VAL F 196 0.81 -18.77 30.12
N ILE F 197 1.33 -18.85 28.89
CA ILE F 197 2.37 -17.93 28.41
C ILE F 197 2.01 -17.38 27.04
N CYS F 198 2.23 -16.06 26.87
CA CYS F 198 1.98 -15.39 25.60
C CYS F 198 3.31 -14.92 25.04
N GLU F 199 3.68 -15.43 23.88
CA GLU F 199 4.98 -15.13 23.32
C GLU F 199 4.89 -14.30 22.05
N VAL F 200 5.52 -13.13 22.08
CA VAL F 200 5.45 -12.16 21.00
C VAL F 200 6.80 -12.03 20.32
N ALA F 201 6.83 -12.32 19.02
CA ALA F 201 8.05 -12.21 18.22
C ALA F 201 7.86 -11.17 17.11
N HIS F 202 8.82 -10.26 17.02
CA HIS F 202 8.71 -9.15 16.11
C HIS F 202 10.11 -8.79 15.68
N VAL F 203 10.25 -8.36 14.42
CA VAL F 203 11.54 -8.17 13.77
C VAL F 203 12.46 -7.18 14.48
N THR F 204 11.87 -6.14 15.08
CA THR F 204 12.63 -5.13 15.84
C THR F 204 13.29 -5.69 17.11
N LEU F 205 12.82 -6.83 17.61
CA LEU F 205 13.40 -7.45 18.81
C LEU F 205 14.74 -8.15 18.61
N GLN F 206 15.09 -8.40 17.35
CA GLN F 206 16.27 -9.16 16.95
C GLN F 206 16.58 -10.41 17.79
N GLY F 207 15.66 -11.37 17.78
CA GLY F 207 15.93 -12.69 18.32
C GLY F 207 15.12 -13.18 19.49
N ASP F 208 15.03 -12.36 20.53
CA ASP F 208 14.47 -12.79 21.82
C ASP F 208 13.08 -12.21 22.07
N PRO F 209 12.05 -13.06 21.94
CA PRO F 209 10.65 -12.65 22.00
C PRO F 209 10.26 -12.21 23.39
N LEU F 210 9.24 -11.36 23.45
CA LEU F 210 8.70 -10.91 24.72
C LEU F 210 7.67 -11.91 25.20
N ARG F 211 7.68 -12.19 26.50
CA ARG F 211 6.73 -13.12 27.09
C ARG F 211 5.89 -12.44 28.17
N GLY F 212 4.61 -12.79 28.22
CA GLY F 212 3.74 -12.42 29.33
C GLY F 212 3.14 -13.69 29.87
N THR F 213 3.01 -13.78 31.19
CA THR F 213 2.56 -15.02 31.83
C THR F 213 1.32 -14.85 32.68
N ALA F 214 0.75 -15.97 33.08
CA ALA F 214 -0.37 -16.03 34.01
C ALA F 214 -0.33 -17.37 34.73
N ASN F 215 -0.22 -17.33 36.05
CA ASN F 215 -0.22 -18.53 36.85
C ASN F 215 -1.62 -19.11 36.89
N LEU F 216 -1.77 -20.36 36.46
CA LEU F 216 -3.09 -20.99 36.45
C LEU F 216 -3.62 -21.16 37.87
N SER F 217 -2.71 -21.16 38.84
CA SER F 217 -3.07 -21.23 40.26
C SER F 217 -4.09 -20.15 40.67
N GLU F 218 -4.25 -19.14 39.83
CA GLU F 218 -5.13 -18.01 40.11
C GLU F 218 -6.54 -18.18 39.54
N ALA F 219 -6.70 -19.13 38.61
CA ALA F 219 -7.97 -19.32 37.92
C ALA F 219 -8.67 -20.64 38.29
N ILE F 220 -7.97 -21.48 39.04
CA ILE F 220 -8.47 -22.82 39.37
C ILE F 220 -8.98 -22.92 40.82
N ARG F 221 -10.04 -23.71 40.99
CA ARG F 221 -10.46 -24.17 42.31
C ARG F 221 -10.65 -25.69 42.26
N VAL F 222 -9.95 -26.40 43.14
CA VAL F 222 -10.17 -27.83 43.29
C VAL F 222 -10.93 -28.03 44.60
N PRO F 223 -12.20 -28.47 44.52
CA PRO F 223 -13.03 -28.72 45.70
C PRO F 223 -12.56 -29.96 46.45
N PRO F 224 -12.62 -29.92 47.80
CA PRO F 224 -12.05 -30.97 48.66
C PRO F 224 -12.81 -32.29 48.68
N THR F 225 -12.15 -33.32 49.20
CA THR F 225 -12.77 -34.60 49.51
C THR F 225 -12.89 -34.72 51.03
N LEU F 226 -14.03 -35.24 51.49
CA LEU F 226 -14.26 -35.47 52.91
C LEU F 226 -14.44 -36.94 53.23
N GLU F 227 -13.85 -37.35 54.35
CA GLU F 227 -14.15 -38.65 54.98
C GLU F 227 -13.77 -38.63 56.45
N VAL F 228 -14.48 -39.43 57.25
CA VAL F 228 -14.22 -39.57 58.69
C VAL F 228 -14.07 -41.04 59.10
N THR F 229 -13.06 -41.31 59.92
CA THR F 229 -12.75 -42.68 60.35
C THR F 229 -12.82 -42.85 61.86
N GLN F 230 -12.80 -44.10 62.30
CA GLN F 230 -12.70 -44.46 63.71
C GLN F 230 -11.49 -45.37 63.90
N GLN F 231 -10.81 -45.22 65.03
CA GLN F 231 -9.67 -46.09 65.37
C GLN F 231 -9.69 -46.55 66.82
N ASN F 240 -10.38 -42.81 68.53
CA ASN F 240 -9.70 -41.85 67.67
C ASN F 240 -10.53 -41.47 66.44
N VAL F 241 -11.11 -40.28 66.49
CA VAL F 241 -11.92 -39.74 65.39
C VAL F 241 -11.11 -38.67 64.65
N THR F 242 -11.07 -38.80 63.33
CA THR F 242 -10.22 -37.96 62.47
C THR F 242 -11.01 -37.51 61.22
N CYS F 243 -10.84 -36.26 60.83
CA CYS F 243 -11.43 -35.76 59.58
C CYS F 243 -10.37 -35.52 58.51
N GLN F 244 -10.66 -36.01 57.32
CA GLN F 244 -9.71 -35.91 56.22
C GLN F 244 -10.24 -34.98 55.13
N VAL F 245 -9.52 -33.88 54.90
CA VAL F 245 -9.85 -32.94 53.84
C VAL F 245 -8.83 -33.13 52.71
N ARG F 246 -9.24 -33.80 51.64
CA ARG F 246 -8.30 -34.24 50.61
C ARG F 246 -8.32 -33.42 49.32
N LYS F 247 -7.13 -33.10 48.82
CA LYS F 247 -6.90 -32.41 47.54
C LYS F 247 -7.76 -31.16 47.34
N PHE F 248 -7.33 -30.05 47.92
CA PHE F 248 -8.04 -28.79 47.72
C PHE F 248 -7.11 -27.63 47.35
N TYR F 249 -7.64 -26.69 46.57
CA TYR F 249 -6.96 -25.44 46.24
C TYR F 249 -7.98 -24.34 45.93
N PRO F 250 -7.72 -23.10 46.39
CA PRO F 250 -6.57 -22.66 47.19
C PRO F 250 -6.65 -23.12 48.65
N GLN F 251 -5.68 -22.67 49.45
CA GLN F 251 -5.62 -22.99 50.87
C GLN F 251 -6.43 -21.97 51.68
N SER F 252 -7.76 -22.06 51.57
CA SER F 252 -8.67 -21.21 52.33
C SER F 252 -9.81 -22.09 52.84
N LEU F 253 -9.91 -22.21 54.16
CA LEU F 253 -10.69 -23.26 54.76
C LEU F 253 -11.23 -22.88 56.12
N GLN F 254 -12.45 -23.32 56.41
CA GLN F 254 -13.01 -23.27 57.75
C GLN F 254 -13.47 -24.67 58.13
N LEU F 255 -13.11 -25.10 59.33
CA LEU F 255 -13.47 -26.43 59.82
C LEU F 255 -14.28 -26.34 61.11
N THR F 256 -15.51 -26.85 61.05
CA THR F 256 -16.38 -26.92 62.23
C THR F 256 -16.86 -28.36 62.43
N TRP F 257 -16.87 -28.80 63.70
CA TRP F 257 -17.34 -30.14 64.05
C TRP F 257 -18.81 -30.12 64.47
N SER F 258 -19.50 -31.22 64.21
CA SER F 258 -20.92 -31.35 64.52
C SER F 258 -21.23 -32.59 65.34
N GLU F 259 -22.02 -32.42 66.38
CA GLU F 259 -22.42 -33.52 67.25
C GLU F 259 -23.95 -33.61 67.26
N ASN F 260 -24.49 -34.46 66.38
CA ASN F 260 -25.93 -34.57 66.14
C ASN F 260 -26.58 -33.26 65.66
N GLY F 261 -25.78 -32.43 64.99
CA GLY F 261 -26.24 -31.13 64.49
C GLY F 261 -25.77 -29.93 65.28
N ASN F 262 -25.17 -30.18 66.45
CA ASN F 262 -24.69 -29.11 67.33
C ASN F 262 -23.19 -28.88 67.25
N VAL F 263 -22.79 -27.61 67.21
CA VAL F 263 -21.38 -27.22 67.16
C VAL F 263 -20.64 -27.73 68.39
N CYS F 264 -19.48 -28.34 68.17
CA CYS F 264 -18.71 -28.96 69.25
C CYS F 264 -17.96 -27.96 70.12
N GLN F 265 -17.20 -27.06 69.48
CA GLN F 265 -16.36 -26.07 70.17
C GLN F 265 -15.15 -26.70 70.88
N ARG F 266 -15.10 -28.02 70.90
CA ARG F 266 -14.05 -28.78 71.60
C ARG F 266 -12.66 -28.61 70.96
N GLU F 267 -11.62 -29.02 71.70
CA GLU F 267 -10.24 -28.92 71.23
C GLU F 267 -9.87 -30.06 70.27
N THR F 268 -9.12 -29.74 69.23
CA THR F 268 -8.73 -30.71 68.20
C THR F 268 -7.41 -30.33 67.54
N ALA F 269 -6.42 -31.23 67.66
CA ALA F 269 -5.10 -31.03 67.06
C ALA F 269 -5.13 -31.28 65.56
N SER F 270 -4.83 -30.25 64.79
CA SER F 270 -4.98 -30.28 63.32
C SER F 270 -3.71 -29.89 62.55
N THR F 271 -3.53 -30.48 61.36
CA THR F 271 -2.31 -30.31 60.55
C THR F 271 -2.56 -30.18 59.03
N LEU F 272 -1.77 -29.33 58.38
CA LEU F 272 -1.84 -29.12 56.93
C LEU F 272 -0.68 -29.79 56.20
N THR F 273 -0.97 -30.40 55.05
CA THR F 273 0.05 -31.07 54.22
C THR F 273 -0.11 -30.77 52.74
N GLU F 274 1.00 -30.72 52.01
CA GLU F 274 0.97 -30.35 50.58
C GLU F 274 1.20 -31.54 49.65
N ASN F 275 0.35 -31.68 48.63
CA ASN F 275 0.49 -32.72 47.62
C ASN F 275 1.48 -32.31 46.52
N LYS F 276 1.88 -33.28 45.70
CA LYS F 276 2.81 -33.01 44.61
C LYS F 276 2.16 -32.25 43.46
N ASP F 277 0.86 -32.47 43.27
CA ASP F 277 0.11 -31.81 42.20
C ASP F 277 -0.30 -30.39 42.55
N GLY F 278 0.08 -29.93 43.74
CA GLY F 278 -0.13 -28.54 44.14
C GLY F 278 -1.27 -28.33 45.11
N THR F 279 -2.17 -29.31 45.21
CA THR F 279 -3.30 -29.25 46.14
C THR F 279 -2.84 -29.52 47.56
N TYR F 280 -3.72 -29.26 48.53
CA TYR F 280 -3.39 -29.43 49.94
C TYR F 280 -4.29 -30.46 50.64
N ASN F 281 -3.86 -30.89 51.83
CA ASN F 281 -4.67 -31.69 52.75
C ASN F 281 -4.70 -31.10 54.16
N TRP F 282 -5.84 -31.22 54.84
CA TRP F 282 -5.95 -30.81 56.23
C TRP F 282 -6.51 -31.98 57.04
N THR F 283 -5.79 -32.34 58.11
CA THR F 283 -6.19 -33.45 58.99
C THR F 283 -6.45 -32.92 60.40
N SER F 284 -7.64 -33.23 60.93
CA SER F 284 -8.01 -32.84 62.28
C SER F 284 -8.46 -34.06 63.07
N TRP F 285 -7.76 -34.35 64.18
CA TRP F 285 -8.04 -35.54 64.99
C TRP F 285 -8.20 -35.26 66.48
N PHE F 286 -9.15 -35.96 67.10
CA PHE F 286 -9.36 -35.88 68.56
C PHE F 286 -9.67 -37.27 69.13
N LEU F 287 -9.88 -37.34 70.45
CA LEU F 287 -10.18 -38.61 71.12
C LEU F 287 -11.46 -38.54 71.95
N VAL F 288 -11.85 -39.66 72.56
CA VAL F 288 -13.05 -39.74 73.39
C VAL F 288 -12.73 -40.00 74.87
N LEU F 299 -21.67 -37.99 64.50
CA LEU F 299 -20.66 -36.98 64.20
C LEU F 299 -20.66 -36.56 62.73
N THR F 300 -20.50 -35.26 62.50
CA THR F 300 -20.44 -34.72 61.14
C THR F 300 -19.33 -33.65 61.00
N CYS F 301 -18.37 -33.94 60.13
CA CYS F 301 -17.32 -32.99 59.79
C CYS F 301 -17.83 -32.09 58.67
N GLN F 302 -17.97 -30.80 58.97
CA GLN F 302 -18.44 -29.83 58.00
C GLN F 302 -17.30 -28.89 57.61
N VAL F 303 -17.23 -28.55 56.32
CA VAL F 303 -16.13 -27.75 55.77
C VAL F 303 -16.64 -26.69 54.79
N LYS F 304 -16.15 -25.47 54.94
CA LYS F 304 -16.34 -24.41 53.94
C LYS F 304 -14.99 -24.08 53.29
N HIS F 305 -14.93 -24.24 51.97
CA HIS F 305 -13.69 -24.03 51.21
C HIS F 305 -13.84 -22.86 50.26
N ASP F 306 -12.94 -21.89 50.41
CA ASP F 306 -12.85 -20.70 49.54
C ASP F 306 -14.17 -19.96 49.31
N GLY F 307 -14.93 -19.77 50.39
CA GLY F 307 -16.22 -19.07 50.34
C GLY F 307 -17.28 -19.72 49.46
N GLN F 308 -17.34 -21.05 49.47
CA GLN F 308 -18.37 -21.79 48.72
C GLN F 308 -19.33 -22.48 49.68
N LEU F 309 -20.37 -23.09 49.13
CA LEU F 309 -21.38 -23.79 49.93
C LEU F 309 -20.79 -25.01 50.65
N ALA F 310 -21.20 -25.18 51.90
CA ALA F 310 -20.64 -26.21 52.78
C ALA F 310 -20.81 -27.64 52.26
N VAL F 311 -19.82 -28.48 52.56
CA VAL F 311 -19.90 -29.93 52.34
C VAL F 311 -19.62 -30.66 53.66
N SER F 312 -20.35 -31.74 53.91
CA SER F 312 -20.20 -32.46 55.19
C SER F 312 -20.38 -33.97 55.05
N LYS F 313 -19.75 -34.72 55.97
CA LYS F 313 -19.85 -36.19 55.98
C LYS F 313 -20.28 -36.75 57.34
N ARG F 314 -21.16 -37.73 57.31
CA ARG F 314 -21.73 -38.32 58.52
C ARG F 314 -20.96 -39.57 58.98
N LEU F 315 -20.95 -39.81 60.29
CA LEU F 315 -20.30 -40.99 60.87
C LEU F 315 -21.13 -41.62 61.98
#